data_4GZ3
#
_entry.id   4GZ3
#
_cell.length_a   98.770
_cell.length_b   137.620
_cell.length_c   153.016
_cell.angle_alpha   90.00
_cell.angle_beta   102.82
_cell.angle_gamma   90.00
#
_symmetry.space_group_name_H-M   'I 1 2 1'
#
loop_
_entity.id
_entity.type
_entity.pdbx_description
1 polymer 'UDP-N-acetylglucosamine--peptide N-acetylglucosaminyltransferase 110 kDa subunit'
2 polymer 'Casein kinase II subunit alpha'
3 non-polymer "URIDINE-5'-DIPHOSPHATE"
4 non-polymer 'SULFATE ION'
5 non-polymer 2-acetamido-2-deoxy-5-thio-beta-D-glucopyranose
6 water water
#
loop_
_entity_poly.entity_id
_entity_poly.type
_entity_poly.pdbx_seq_one_letter_code
_entity_poly.pdbx_strand_id
1 'polypeptide(L)'
;GPGSCPTHADSLNNLANIKREQGNIEEAVRLYRKALEVFPEFAAAHSNLASVLQQQGKLQEALMHYKEAIRISPTFADAY
SNMGNTLKEMQDVQGALQCYTRAIQINPAFADAHSNLASIHKDSGNIPEAIASYRTALKLKPDFPDAYCNLAHCLQIVCD
WTDYDERMKKLVSIVADQLEKNRLPSVHPHHSMLYPLSHGFRKAIAERHGNLCLDKINVLHKPPYEHPKDLKLSDGRLRV
GYVSSDFGNHPTSHLMQSIPGMHNPDKFEVFCYALSPDDGTNFRVKVMAEANHFIDLSQIPCNGKAADRIHQDGIHILVN
MNGYTKGARNELFALRPAPIQAMWLGYPGTSGALFMDYIITDQETSPAEVAEQYSEKLAYMPHTFFIGDHANMFPHLKKK
AVIDFKSNGHIYDNRIVLNGIDLKAFLDSLPDVKIVKMKCPDGGDNADSSNTALNMPVIPMNTIAEAVIEMINRGQIQIT
INGFSISNGLATTQINNKAATGEEVPRTIIVTTRSQYGLPEDAIVYCNFNQLYKIDPSTLQMWANILKRVPNSVLWLLRF
PAVGEPNIQQYAQNMGLPQNRIIFSPVAPKEEHVRRGQLADVCLDTPLCNGHTTGMDVLWAGTPMVTMPGETLASRVAAS
QLTCLGCLELIAKNRQEYEDIAVKLGTDLEYLKKVRGKVWKQRISSPLFNTKQYTMELERLYLQMWEHYAAGNKPDHMIK
PVE
;
A,C
2 'polypeptide(L)' YPGGSTPVSSANMM B,D
#
# COMPACT_ATOMS: atom_id res chain seq x y z
N PRO A 6 -23.34 -52.65 -33.82
CA PRO A 6 -23.05 -51.91 -35.05
C PRO A 6 -24.28 -51.17 -35.57
N THR A 7 -25.27 -51.91 -36.04
CA THR A 7 -26.51 -51.31 -36.53
C THR A 7 -27.30 -50.75 -35.36
N HIS A 8 -27.28 -51.47 -34.24
CA HIS A 8 -27.95 -51.03 -33.01
C HIS A 8 -27.27 -49.79 -32.45
N ALA A 9 -25.95 -49.73 -32.57
CA ALA A 9 -25.19 -48.58 -32.10
C ALA A 9 -25.52 -47.35 -32.94
N ASP A 10 -25.76 -47.56 -34.23
CA ASP A 10 -26.15 -46.49 -35.13
C ASP A 10 -27.43 -45.80 -34.67
N SER A 11 -28.45 -46.60 -34.35
N SER A 11 -28.44 -46.61 -34.35
CA SER A 11 -29.74 -46.08 -33.91
CA SER A 11 -29.74 -46.08 -33.91
C SER A 11 -29.64 -45.37 -32.56
C SER A 11 -29.63 -45.37 -32.57
N LEU A 12 -28.77 -45.89 -31.70
CA LEU A 12 -28.56 -45.28 -30.39
C LEU A 12 -27.92 -43.90 -30.55
N ASN A 13 -26.92 -43.82 -31.42
CA ASN A 13 -26.28 -42.55 -31.72
C ASN A 13 -27.26 -41.60 -32.41
N ASN A 14 -28.12 -42.15 -33.25
CA ASN A 14 -29.17 -41.36 -33.90
C ASN A 14 -30.14 -40.76 -32.89
N LEU A 15 -30.61 -41.60 -31.95
CA LEU A 15 -31.53 -41.14 -30.91
C LEU A 15 -30.90 -40.06 -30.05
N ALA A 16 -29.61 -40.23 -29.76
CA ALA A 16 -28.89 -39.27 -28.95
C ALA A 16 -28.85 -37.91 -29.63
N ASN A 17 -28.56 -37.90 -30.93
CA ASN A 17 -28.57 -36.68 -31.71
C ASN A 17 -29.93 -35.98 -31.63
N ILE A 18 -30.99 -36.78 -31.69
CA ILE A 18 -32.36 -36.26 -31.62
C ILE A 18 -32.62 -35.58 -30.27
N LYS A 19 -32.38 -36.32 -29.19
CA LYS A 19 -32.57 -35.80 -27.84
C LYS A 19 -31.67 -34.58 -27.60
N ARG A 20 -30.51 -34.57 -28.26
CA ARG A 20 -29.59 -33.45 -28.20
C ARG A 20 -30.24 -32.19 -28.76
N GLU A 21 -30.86 -32.33 -29.93
CA GLU A 21 -31.52 -31.20 -30.59
C GLU A 21 -32.71 -30.69 -29.79
N GLN A 22 -33.38 -31.60 -29.08
CA GLN A 22 -34.51 -31.23 -28.24
C GLN A 22 -34.05 -30.44 -27.01
N GLY A 23 -32.76 -30.52 -26.72
CA GLY A 23 -32.19 -29.79 -25.59
C GLY A 23 -31.95 -30.69 -24.40
N ASN A 24 -32.37 -31.95 -24.51
CA ASN A 24 -32.14 -32.92 -23.45
C ASN A 24 -30.70 -33.41 -23.48
N ILE A 25 -29.80 -32.59 -22.95
CA ILE A 25 -28.36 -32.85 -23.01
C ILE A 25 -27.96 -34.11 -22.26
N GLU A 26 -28.54 -34.31 -21.09
CA GLU A 26 -28.19 -35.47 -20.27
C GLU A 26 -28.69 -36.79 -20.86
N GLU A 27 -29.88 -36.77 -21.46
CA GLU A 27 -30.39 -37.94 -22.16
C GLU A 27 -29.52 -38.28 -23.36
N ALA A 28 -29.04 -37.24 -24.04
CA ALA A 28 -28.14 -37.41 -25.18
C ALA A 28 -26.85 -38.09 -24.73
N VAL A 29 -26.30 -37.62 -23.61
CA VAL A 29 -25.09 -38.21 -23.05
C VAL A 29 -25.30 -39.69 -22.72
N ARG A 30 -26.38 -39.99 -22.00
CA ARG A 30 -26.69 -41.37 -21.62
C ARG A 30 -26.79 -42.28 -22.86
N LEU A 31 -27.40 -41.75 -23.92
CA LEU A 31 -27.58 -42.51 -25.16
C LEU A 31 -26.27 -42.70 -25.93
N TYR A 32 -25.43 -41.67 -25.97
CA TYR A 32 -24.12 -41.78 -26.60
C TYR A 32 -23.31 -42.87 -25.89
N ARG A 33 -23.37 -42.86 -24.57
CA ARG A 33 -22.65 -43.85 -23.77
C ARG A 33 -23.17 -45.25 -24.02
N LYS A 34 -24.46 -45.38 -24.27
CA LYS A 34 -25.07 -46.67 -24.56
C LYS A 34 -24.58 -47.18 -25.93
N ALA A 35 -24.45 -46.27 -26.89
CA ALA A 35 -23.95 -46.61 -28.22
C ALA A 35 -22.52 -47.12 -28.15
N LEU A 36 -21.73 -46.52 -27.26
CA LEU A 36 -20.34 -46.92 -27.08
C LEU A 36 -20.28 -48.27 -26.37
N GLU A 37 -21.25 -48.53 -25.51
CA GLU A 37 -21.32 -49.79 -24.79
C GLU A 37 -21.64 -50.94 -25.75
N VAL A 38 -22.38 -50.63 -26.81
CA VAL A 38 -22.78 -51.62 -27.80
C VAL A 38 -21.68 -51.82 -28.85
N PHE A 39 -21.07 -50.72 -29.28
CA PHE A 39 -20.03 -50.75 -30.29
C PHE A 39 -18.94 -49.74 -29.94
N PRO A 40 -17.93 -50.18 -29.18
CA PRO A 40 -16.86 -49.34 -28.64
C PRO A 40 -16.06 -48.57 -29.70
N GLU A 41 -15.92 -49.14 -30.89
CA GLU A 41 -15.13 -48.51 -31.95
C GLU A 41 -15.98 -47.61 -32.85
N PHE A 42 -16.72 -46.70 -32.23
CA PHE A 42 -17.63 -45.82 -32.95
C PHE A 42 -17.10 -44.39 -32.91
N ALA A 43 -16.33 -44.01 -33.95
CA ALA A 43 -15.67 -42.71 -34.01
C ALA A 43 -16.66 -41.54 -33.91
N ALA A 44 -17.76 -41.63 -34.65
CA ALA A 44 -18.78 -40.59 -34.66
C ALA A 44 -19.43 -40.42 -33.28
N ALA A 45 -19.66 -41.53 -32.58
CA ALA A 45 -20.27 -41.48 -31.26
C ALA A 45 -19.35 -40.79 -30.25
N HIS A 46 -18.06 -41.11 -30.31
CA HIS A 46 -17.08 -40.48 -29.44
C HIS A 46 -16.99 -38.99 -29.71
N SER A 47 -16.98 -38.62 -30.98
CA SER A 47 -16.87 -37.22 -31.37
C SER A 47 -18.12 -36.43 -30.96
N ASN A 48 -19.29 -37.06 -31.05
CA ASN A 48 -20.54 -36.43 -30.68
C ASN A 48 -20.64 -36.22 -29.17
N LEU A 49 -20.30 -37.25 -28.41
CA LEU A 49 -20.30 -37.14 -26.96
C LEU A 49 -19.30 -36.08 -26.50
N ALA A 50 -18.13 -36.07 -27.14
CA ALA A 50 -17.09 -35.10 -26.80
C ALA A 50 -17.57 -33.68 -27.00
N SER A 51 -18.22 -33.43 -28.12
CA SER A 51 -18.76 -32.12 -28.42
C SER A 51 -19.79 -31.68 -27.38
N VAL A 52 -20.62 -32.63 -26.95
CA VAL A 52 -21.64 -32.34 -25.94
C VAL A 52 -21.00 -32.07 -24.57
N LEU A 53 -20.02 -32.88 -24.20
CA LEU A 53 -19.31 -32.69 -22.94
C LEU A 53 -18.62 -31.33 -22.94
N GLN A 54 -18.02 -30.99 -24.07
CA GLN A 54 -17.33 -29.71 -24.23
C GLN A 54 -18.31 -28.54 -24.04
N GLN A 55 -19.55 -28.72 -24.52
CA GLN A 55 -20.58 -27.69 -24.37
C GLN A 55 -20.98 -27.52 -22.90
N GLN A 56 -20.97 -28.62 -22.15
CA GLN A 56 -21.31 -28.59 -20.74
C GLN A 56 -20.16 -28.05 -19.88
N GLY A 57 -19.01 -27.86 -20.51
CA GLY A 57 -17.85 -27.33 -19.81
C GLY A 57 -17.02 -28.44 -19.18
N LYS A 58 -17.36 -29.68 -19.49
CA LYS A 58 -16.60 -30.83 -18.99
C LYS A 58 -15.47 -31.14 -19.97
N LEU A 59 -14.44 -30.29 -19.94
CA LEU A 59 -13.40 -30.32 -20.97
C LEU A 59 -12.45 -31.51 -20.88
N GLN A 60 -12.04 -31.87 -19.67
CA GLN A 60 -11.18 -33.04 -19.48
C GLN A 60 -11.87 -34.30 -19.99
N GLU A 61 -13.16 -34.42 -19.70
CA GLU A 61 -13.91 -35.59 -20.14
C GLU A 61 -14.10 -35.59 -21.65
N ALA A 62 -14.32 -34.40 -22.22
CA ALA A 62 -14.44 -34.26 -23.66
C ALA A 62 -13.14 -34.68 -24.35
N LEU A 63 -12.01 -34.32 -23.75
CA LEU A 63 -10.69 -34.65 -24.29
C LEU A 63 -10.49 -36.15 -24.46
N MET A 64 -10.99 -36.92 -23.48
CA MET A 64 -10.91 -38.39 -23.53
C MET A 64 -11.53 -38.92 -24.82
N HIS A 65 -12.73 -38.45 -25.12
CA HIS A 65 -13.47 -38.96 -26.26
C HIS A 65 -12.94 -38.47 -27.60
N TYR A 66 -12.40 -37.25 -27.62
CA TYR A 66 -11.72 -36.77 -28.83
C TYR A 66 -10.52 -37.65 -29.13
N LYS A 67 -9.80 -38.06 -28.09
CA LYS A 67 -8.62 -38.90 -28.29
C LYS A 67 -9.00 -40.28 -28.83
N GLU A 68 -10.17 -40.78 -28.39
CA GLU A 68 -10.69 -42.04 -28.91
C GLU A 68 -11.05 -41.91 -30.37
N ALA A 69 -11.74 -40.83 -30.72
CA ALA A 69 -12.20 -40.63 -32.09
C ALA A 69 -11.02 -40.63 -33.07
N ILE A 70 -9.94 -39.95 -32.69
CA ILE A 70 -8.79 -39.81 -33.59
C ILE A 70 -7.94 -41.07 -33.71
N ARG A 71 -8.01 -41.95 -32.71
CA ARG A 71 -7.32 -43.23 -32.80
C ARG A 71 -8.06 -44.16 -33.74
N ILE A 72 -9.38 -44.25 -33.53
CA ILE A 72 -10.23 -45.09 -34.35
C ILE A 72 -10.18 -44.64 -35.81
N SER A 73 -10.19 -43.33 -36.02
CA SER A 73 -10.15 -42.77 -37.37
CA SER A 73 -10.15 -42.76 -37.37
C SER A 73 -9.02 -41.75 -37.51
N PRO A 74 -7.89 -42.19 -38.08
CA PRO A 74 -6.71 -41.31 -38.23
C PRO A 74 -6.90 -40.20 -39.27
N THR A 75 -7.93 -40.30 -40.12
CA THR A 75 -8.18 -39.25 -41.09
C THR A 75 -9.28 -38.30 -40.61
N PHE A 76 -9.70 -38.46 -39.35
CA PHE A 76 -10.79 -37.68 -38.78
C PHE A 76 -10.33 -36.25 -38.49
N ALA A 77 -10.17 -35.44 -39.54
CA ALA A 77 -9.66 -34.08 -39.38
C ALA A 77 -10.57 -33.22 -38.50
N ASP A 78 -11.87 -33.37 -38.67
CA ASP A 78 -12.85 -32.61 -37.90
C ASP A 78 -12.64 -32.81 -36.39
N ALA A 79 -12.26 -34.03 -36.01
CA ALA A 79 -12.04 -34.36 -34.61
C ALA A 79 -10.77 -33.69 -34.08
N TYR A 80 -9.69 -33.71 -34.86
CA TYR A 80 -8.49 -32.97 -34.47
C TYR A 80 -8.82 -31.48 -34.26
N SER A 81 -9.63 -30.95 -35.17
CA SER A 81 -10.00 -29.54 -35.11
C SER A 81 -10.76 -29.24 -33.84
N ASN A 82 -11.79 -30.03 -33.58
CA ASN A 82 -12.62 -29.82 -32.40
C ASN A 82 -11.86 -30.09 -31.10
N MET A 83 -10.93 -31.03 -31.16
CA MET A 83 -10.08 -31.31 -30.00
C MET A 83 -9.21 -30.10 -29.73
N GLY A 84 -8.77 -29.45 -30.81
CA GLY A 84 -8.00 -28.22 -30.68
C GLY A 84 -8.81 -27.14 -29.99
N ASN A 85 -10.09 -27.05 -30.37
CA ASN A 85 -10.99 -26.09 -29.75
C ASN A 85 -11.08 -26.33 -28.24
N THR A 86 -11.19 -27.59 -27.85
CA THR A 86 -11.23 -27.96 -26.44
C THR A 86 -9.94 -27.57 -25.70
N LEU A 87 -8.79 -27.87 -26.30
CA LEU A 87 -7.50 -27.51 -25.69
C LEU A 87 -7.36 -25.99 -25.55
N LYS A 88 -7.78 -25.26 -26.58
CA LYS A 88 -7.80 -23.80 -26.54
C LYS A 88 -8.57 -23.32 -25.31
N GLU A 89 -9.73 -23.90 -25.08
CA GLU A 89 -10.55 -23.49 -23.94
C GLU A 89 -9.92 -23.90 -22.60
N MET A 90 -9.14 -24.98 -22.60
CA MET A 90 -8.40 -25.40 -21.41
C MET A 90 -7.13 -24.58 -21.22
N GLN A 91 -6.94 -23.61 -22.10
CA GLN A 91 -5.77 -22.71 -22.11
C GLN A 91 -4.46 -23.41 -22.49
N ASP A 92 -4.56 -24.58 -23.11
CA ASP A 92 -3.38 -25.23 -23.66
C ASP A 92 -3.26 -24.79 -25.11
N VAL A 93 -2.57 -23.66 -25.32
CA VAL A 93 -2.46 -23.06 -26.63
C VAL A 93 -1.56 -23.83 -27.58
N GLN A 94 -0.40 -24.29 -27.08
CA GLN A 94 0.49 -25.07 -27.93
C GLN A 94 -0.21 -26.32 -28.40
N GLY A 95 -0.96 -26.95 -27.50
CA GLY A 95 -1.67 -28.17 -27.80
C GLY A 95 -2.71 -27.94 -28.89
N ALA A 96 -3.49 -26.87 -28.75
CA ALA A 96 -4.52 -26.54 -29.72
C ALA A 96 -3.92 -26.33 -31.09
N LEU A 97 -2.82 -25.58 -31.14
CA LEU A 97 -2.14 -25.32 -32.40
C LEU A 97 -1.69 -26.63 -33.05
N GLN A 98 -1.18 -27.57 -32.24
CA GLN A 98 -0.74 -28.87 -32.76
C GLN A 98 -1.89 -29.59 -33.43
N CYS A 99 -3.05 -29.62 -32.78
CA CYS A 99 -4.26 -30.20 -33.33
C CYS A 99 -4.74 -29.56 -34.62
N TYR A 100 -4.77 -28.22 -34.64
CA TYR A 100 -5.17 -27.51 -35.85
C TYR A 100 -4.19 -27.80 -36.99
N THR A 101 -2.92 -27.90 -36.64
CA THR A 101 -1.87 -28.22 -37.61
C THR A 101 -2.06 -29.61 -38.21
N ARG A 102 -2.31 -30.60 -37.36
CA ARG A 102 -2.60 -31.95 -37.85
C ARG A 102 -3.85 -31.96 -38.73
N ALA A 103 -4.88 -31.22 -38.32
CA ALA A 103 -6.12 -31.18 -39.11
C ALA A 103 -5.86 -30.69 -40.54
N ILE A 104 -5.07 -29.64 -40.66
CA ILE A 104 -4.71 -29.05 -41.95
C ILE A 104 -3.82 -29.98 -42.77
N GLN A 105 -2.96 -30.76 -42.10
CA GLN A 105 -2.11 -31.72 -42.79
C GLN A 105 -2.94 -32.88 -43.36
N ILE A 106 -3.89 -33.35 -42.57
CA ILE A 106 -4.79 -34.42 -43.01
C ILE A 106 -5.67 -33.96 -44.18
N ASN A 107 -6.19 -32.74 -44.07
CA ASN A 107 -7.01 -32.15 -45.13
C ASN A 107 -6.70 -30.66 -45.32
N PRO A 108 -5.84 -30.34 -46.30
CA PRO A 108 -5.40 -28.97 -46.56
C PRO A 108 -6.54 -28.04 -46.94
N ALA A 109 -7.66 -28.61 -47.38
CA ALA A 109 -8.82 -27.83 -47.82
C ALA A 109 -9.82 -27.61 -46.70
N PHE A 110 -9.43 -27.93 -45.47
CA PHE A 110 -10.32 -27.81 -44.33
C PHE A 110 -10.36 -26.34 -43.87
N ALA A 111 -11.36 -25.61 -44.36
CA ALA A 111 -11.49 -24.17 -44.09
C ALA A 111 -11.55 -23.83 -42.60
N ASP A 112 -12.36 -24.58 -41.86
CA ASP A 112 -12.53 -24.32 -40.43
C ASP A 112 -11.21 -24.43 -39.67
N ALA A 113 -10.37 -25.38 -40.07
CA ALA A 113 -9.10 -25.60 -39.38
C ALA A 113 -8.14 -24.43 -39.60
N HIS A 114 -8.15 -23.87 -40.80
CA HIS A 114 -7.32 -22.69 -41.09
C HIS A 114 -7.79 -21.47 -40.28
N SER A 115 -9.10 -21.30 -40.18
CA SER A 115 -9.65 -20.19 -39.39
C SER A 115 -9.31 -20.39 -37.91
N ASN A 116 -9.44 -21.61 -37.44
CA ASN A 116 -9.12 -21.91 -36.04
C ASN A 116 -7.64 -21.65 -35.76
N LEU A 117 -6.78 -22.02 -36.70
CA LEU A 117 -5.36 -21.70 -36.58
C LEU A 117 -5.12 -20.18 -36.58
N ALA A 118 -5.85 -19.47 -37.44
CA ALA A 118 -5.73 -18.02 -37.49
C ALA A 118 -6.05 -17.38 -36.13
N SER A 119 -7.08 -17.89 -35.48
CA SER A 119 -7.49 -17.37 -34.17
C SER A 119 -6.43 -17.58 -33.09
N ILE A 120 -5.67 -18.67 -33.18
CA ILE A 120 -4.54 -18.90 -32.28
C ILE A 120 -3.47 -17.85 -32.53
N HIS A 121 -3.19 -17.60 -33.80
CA HIS A 121 -2.20 -16.58 -34.16
C HIS A 121 -2.67 -15.20 -33.69
N LYS A 122 -3.94 -14.93 -33.88
CA LYS A 122 -4.53 -13.65 -33.47
C LYS A 122 -4.43 -13.44 -31.96
N ASP A 123 -4.79 -14.46 -31.19
CA ASP A 123 -4.74 -14.38 -29.74
C ASP A 123 -3.29 -14.32 -29.25
N SER A 124 -2.37 -14.82 -30.06
CA SER A 124 -0.96 -14.83 -29.72
C SER A 124 -0.25 -13.54 -30.09
N GLY A 125 -0.97 -12.63 -30.75
CA GLY A 125 -0.40 -11.35 -31.15
C GLY A 125 0.21 -11.34 -32.53
N ASN A 126 0.22 -12.49 -33.20
CA ASN A 126 0.78 -12.61 -34.54
C ASN A 126 -0.27 -12.29 -35.61
N ILE A 127 -0.64 -11.02 -35.72
CA ILE A 127 -1.66 -10.59 -36.65
C ILE A 127 -1.36 -10.90 -38.14
N PRO A 128 -0.10 -10.67 -38.60
CA PRO A 128 0.17 -10.98 -40.00
C PRO A 128 -0.07 -12.45 -40.36
N GLU A 129 0.29 -13.35 -39.45
CA GLU A 129 0.06 -14.78 -39.66
C GLU A 129 -1.42 -15.14 -39.52
N ALA A 130 -2.10 -14.46 -38.58
CA ALA A 130 -3.54 -14.60 -38.46
C ALA A 130 -4.26 -14.19 -39.76
N ILE A 131 -3.89 -13.02 -40.30
CA ILE A 131 -4.44 -12.57 -41.58
C ILE A 131 -4.20 -13.58 -42.72
N ALA A 132 -2.97 -14.11 -42.80
CA ALA A 132 -2.63 -15.08 -43.83
C ALA A 132 -3.52 -16.33 -43.76
N SER A 133 -3.70 -16.84 -42.54
CA SER A 133 -4.53 -18.03 -42.33
C SER A 133 -6.03 -17.76 -42.55
N TYR A 134 -6.53 -16.59 -42.14
CA TYR A 134 -7.93 -16.25 -42.43
C TYR A 134 -8.21 -16.13 -43.92
N ARG A 135 -7.26 -15.57 -44.67
CA ARG A 135 -7.41 -15.45 -46.12
C ARG A 135 -7.41 -16.82 -46.81
N THR A 136 -6.59 -17.73 -46.30
CA THR A 136 -6.62 -19.10 -46.80
C THR A 136 -8.00 -19.72 -46.55
N ALA A 137 -8.56 -19.54 -45.35
CA ALA A 137 -9.88 -20.09 -45.02
C ALA A 137 -10.98 -19.57 -45.93
N LEU A 138 -10.89 -18.28 -46.27
CA LEU A 138 -11.87 -17.65 -47.14
C LEU A 138 -11.65 -17.99 -48.61
N LYS A 139 -10.41 -18.30 -48.96
CA LYS A 139 -10.07 -18.74 -50.32
C LYS A 139 -10.68 -20.13 -50.53
N LEU A 140 -10.64 -20.95 -49.47
CA LEU A 140 -11.23 -22.29 -49.51
C LEU A 140 -12.74 -22.27 -49.39
N LYS A 141 -13.26 -21.34 -48.60
CA LYS A 141 -14.69 -21.21 -48.37
C LYS A 141 -15.08 -19.73 -48.36
N PRO A 142 -15.43 -19.19 -49.54
CA PRO A 142 -15.79 -17.78 -49.72
C PRO A 142 -16.90 -17.30 -48.78
N ASP A 143 -17.88 -18.15 -48.50
CA ASP A 143 -18.95 -17.82 -47.58
C ASP A 143 -18.64 -18.41 -46.21
N PHE A 144 -18.00 -17.61 -45.37
CA PHE A 144 -17.48 -18.06 -44.09
C PHE A 144 -17.49 -16.84 -43.14
N PRO A 145 -18.67 -16.52 -42.59
CA PRO A 145 -18.87 -15.32 -41.78
C PRO A 145 -17.89 -15.19 -40.63
N ASP A 146 -17.70 -16.25 -39.86
CA ASP A 146 -16.77 -16.18 -38.72
C ASP A 146 -15.39 -15.72 -39.18
N ALA A 147 -14.91 -16.29 -40.27
CA ALA A 147 -13.57 -15.98 -40.76
C ALA A 147 -13.48 -14.58 -41.34
N TYR A 148 -14.53 -14.16 -42.03
CA TYR A 148 -14.52 -12.82 -42.62
C TYR A 148 -14.52 -11.76 -41.53
N CYS A 149 -15.36 -11.94 -40.52
CA CYS A 149 -15.46 -10.96 -39.43
C CYS A 149 -14.21 -10.95 -38.57
N ASN A 150 -13.65 -12.13 -38.31
CA ASN A 150 -12.39 -12.20 -37.57
C ASN A 150 -11.28 -11.53 -38.35
N LEU A 151 -11.29 -11.70 -39.67
CA LEU A 151 -10.29 -11.07 -40.53
C LEU A 151 -10.44 -9.55 -40.49
N ALA A 152 -11.69 -9.09 -40.52
CA ALA A 152 -11.98 -7.66 -40.50
C ALA A 152 -11.40 -7.00 -39.25
N HIS A 153 -11.49 -7.69 -38.11
CA HIS A 153 -10.97 -7.14 -36.86
C HIS A 153 -9.43 -7.14 -36.84
N CYS A 154 -8.81 -8.19 -37.37
CA CYS A 154 -7.36 -8.17 -37.55
C CYS A 154 -6.92 -6.96 -38.37
N LEU A 155 -7.61 -6.73 -39.48
CA LEU A 155 -7.28 -5.61 -40.36
C LEU A 155 -7.46 -4.28 -39.65
N GLN A 156 -8.48 -4.19 -38.82
CA GLN A 156 -8.72 -3.00 -38.01
C GLN A 156 -7.54 -2.74 -37.06
N ILE A 157 -7.11 -3.80 -36.39
CA ILE A 157 -6.01 -3.73 -35.41
C ILE A 157 -4.75 -3.12 -35.99
N VAL A 158 -4.44 -3.45 -37.24
CA VAL A 158 -3.20 -2.98 -37.87
C VAL A 158 -3.38 -1.82 -38.85
N CYS A 159 -4.59 -1.27 -38.90
CA CYS A 159 -4.95 -0.16 -39.78
C CYS A 159 -4.73 -0.49 -41.27
N ASP A 160 -5.14 -1.69 -41.67
CA ASP A 160 -5.19 -2.05 -43.08
C ASP A 160 -6.60 -1.71 -43.54
N TRP A 161 -6.71 -0.66 -44.34
CA TRP A 161 -8.02 -0.19 -44.79
C TRP A 161 -8.25 -0.49 -46.28
N THR A 162 -7.68 -1.57 -46.78
CA THR A 162 -7.91 -1.96 -48.17
C THR A 162 -9.38 -2.32 -48.35
N ASP A 163 -10.02 -1.75 -49.38
CA ASP A 163 -11.43 -1.98 -49.67
C ASP A 163 -12.32 -1.73 -48.46
N TYR A 164 -11.97 -0.71 -47.67
CA TYR A 164 -12.63 -0.47 -46.39
C TYR A 164 -14.15 -0.30 -46.46
N ASP A 165 -14.61 0.61 -47.31
CA ASP A 165 -16.04 0.86 -47.44
C ASP A 165 -16.82 -0.40 -47.83
N GLU A 166 -16.25 -1.20 -48.72
CA GLU A 166 -16.89 -2.43 -49.17
C GLU A 166 -16.89 -3.44 -48.03
N ARG A 167 -15.78 -3.49 -47.30
CA ARG A 167 -15.63 -4.37 -46.15
C ARG A 167 -16.72 -4.07 -45.12
N MET A 168 -16.89 -2.79 -44.78
CA MET A 168 -17.91 -2.39 -43.82
C MET A 168 -19.31 -2.78 -44.29
N LYS A 169 -19.57 -2.63 -45.58
CA LYS A 169 -20.86 -3.00 -46.15
C LYS A 169 -21.12 -4.50 -46.02
N LYS A 170 -20.08 -5.29 -46.24
CA LYS A 170 -20.21 -6.74 -46.13
C LYS A 170 -20.46 -7.19 -44.70
N LEU A 171 -19.78 -6.55 -43.74
CA LEU A 171 -19.97 -6.87 -42.33
C LEU A 171 -21.40 -6.65 -41.91
N VAL A 172 -21.96 -5.51 -42.29
CA VAL A 172 -23.35 -5.21 -41.98
C VAL A 172 -24.25 -6.24 -42.62
N SER A 173 -23.94 -6.58 -43.88
CA SER A 173 -24.72 -7.56 -44.62
CA SER A 173 -24.74 -7.56 -44.60
C SER A 173 -24.70 -8.94 -43.95
N ILE A 174 -23.52 -9.32 -43.43
CA ILE A 174 -23.37 -10.59 -42.73
C ILE A 174 -24.21 -10.61 -41.46
N VAL A 175 -24.11 -9.55 -40.68
CA VAL A 175 -24.86 -9.45 -39.44
C VAL A 175 -26.38 -9.48 -39.68
N ALA A 176 -26.85 -8.73 -40.67
CA ALA A 176 -28.27 -8.71 -41.01
C ALA A 176 -28.80 -10.10 -41.34
N ASP A 177 -27.98 -10.89 -42.03
CA ASP A 177 -28.37 -12.23 -42.47
C ASP A 177 -28.40 -13.20 -41.29
N GLN A 178 -27.42 -13.08 -40.41
CA GLN A 178 -27.34 -13.96 -39.25
C GLN A 178 -28.45 -13.65 -38.25
N LEU A 179 -28.79 -12.38 -38.09
CA LEU A 179 -29.89 -11.99 -37.21
C LEU A 179 -31.22 -12.53 -37.74
N GLU A 180 -31.37 -12.54 -39.07
CA GLU A 180 -32.57 -13.06 -39.71
C GLU A 180 -32.70 -14.58 -39.55
N LYS A 181 -31.58 -15.27 -39.72
CA LYS A 181 -31.58 -16.72 -39.69
C LYS A 181 -31.40 -17.27 -38.28
N ASN A 182 -31.53 -16.39 -37.29
CA ASN A 182 -31.47 -16.76 -35.89
C ASN A 182 -30.18 -17.47 -35.48
N ARG A 183 -29.05 -16.87 -35.84
CA ARG A 183 -27.75 -17.40 -35.43
C ARG A 183 -26.91 -16.33 -34.74
N LEU A 184 -26.02 -16.76 -33.86
CA LEU A 184 -25.13 -15.85 -33.15
C LEU A 184 -24.23 -15.11 -34.13
N PRO A 185 -24.35 -13.78 -34.19
CA PRO A 185 -23.60 -12.96 -35.14
C PRO A 185 -22.10 -13.17 -35.04
N SER A 186 -21.42 -13.16 -36.19
CA SER A 186 -19.98 -13.38 -36.24
C SER A 186 -19.19 -12.17 -35.74
N VAL A 187 -19.87 -11.04 -35.60
CA VAL A 187 -19.25 -9.84 -35.04
C VAL A 187 -19.47 -9.83 -33.53
N HIS A 188 -18.38 -9.71 -32.78
CA HIS A 188 -18.44 -9.66 -31.32
C HIS A 188 -19.09 -8.34 -30.88
N PRO A 189 -19.94 -8.38 -29.86
CA PRO A 189 -20.61 -7.16 -29.38
C PRO A 189 -19.63 -6.05 -29.00
N HIS A 190 -18.48 -6.42 -28.43
CA HIS A 190 -17.47 -5.42 -28.10
C HIS A 190 -16.93 -4.74 -29.36
N HIS A 191 -16.78 -5.48 -30.46
CA HIS A 191 -16.24 -4.92 -31.69
C HIS A 191 -17.30 -4.16 -32.48
N SER A 192 -18.58 -4.36 -32.15
CA SER A 192 -19.67 -3.80 -32.96
C SER A 192 -19.67 -2.27 -32.99
N MET A 193 -18.99 -1.65 -32.02
CA MET A 193 -18.81 -0.21 -31.99
C MET A 193 -17.96 0.32 -33.15
N LEU A 194 -17.18 -0.55 -33.77
CA LEU A 194 -16.23 -0.12 -34.80
C LEU A 194 -16.80 -0.07 -36.21
N TYR A 195 -17.99 -0.64 -36.39
CA TYR A 195 -18.56 -0.83 -37.72
C TYR A 195 -19.88 -0.07 -37.82
N PRO A 196 -20.24 0.39 -39.03
CA PRO A 196 -21.41 1.25 -39.20
C PRO A 196 -22.74 0.49 -39.11
N LEU A 197 -22.86 -0.35 -38.09
CA LEU A 197 -24.08 -1.09 -37.81
C LEU A 197 -25.10 -0.16 -37.16
N SER A 198 -26.38 -0.42 -37.37
CA SER A 198 -27.42 0.38 -36.75
C SER A 198 -27.44 0.09 -35.25
N HIS A 199 -27.98 1.03 -34.48
CA HIS A 199 -28.09 0.84 -33.04
C HIS A 199 -28.95 -0.39 -32.73
N GLY A 200 -29.92 -0.63 -33.60
CA GLY A 200 -30.77 -1.80 -33.48
C GLY A 200 -29.98 -3.09 -33.62
N PHE A 201 -29.09 -3.13 -34.61
CA PHE A 201 -28.25 -4.31 -34.83
C PHE A 201 -27.26 -4.53 -33.69
N ARG A 202 -26.68 -3.44 -33.20
CA ARG A 202 -25.71 -3.53 -32.12
C ARG A 202 -26.34 -4.07 -30.85
N LYS A 203 -27.55 -3.60 -30.55
CA LYS A 203 -28.28 -4.11 -29.39
C LYS A 203 -28.65 -5.57 -29.59
N ALA A 204 -29.08 -5.91 -30.81
CA ALA A 204 -29.47 -7.28 -31.14
C ALA A 204 -28.30 -8.26 -31.03
N ILE A 205 -27.12 -7.84 -31.45
CA ILE A 205 -25.92 -8.66 -31.29
C ILE A 205 -25.66 -8.95 -29.80
N ALA A 206 -25.71 -7.91 -28.99
CA ALA A 206 -25.51 -8.05 -27.56
C ALA A 206 -26.57 -8.95 -26.92
N GLU A 207 -27.81 -8.81 -27.37
CA GLU A 207 -28.92 -9.60 -26.84
C GLU A 207 -28.70 -11.09 -27.08
N ARG A 208 -28.11 -11.41 -28.23
CA ARG A 208 -27.80 -12.80 -28.57
C ARG A 208 -26.79 -13.37 -27.59
N HIS A 209 -25.81 -12.55 -27.21
CA HIS A 209 -24.80 -13.00 -26.24
C HIS A 209 -25.42 -13.17 -24.86
N GLY A 210 -26.34 -12.27 -24.50
CA GLY A 210 -27.08 -12.39 -23.26
C GLY A 210 -27.84 -13.71 -23.20
N ASN A 211 -28.48 -14.06 -24.31
CA ASN A 211 -29.26 -15.30 -24.36
C ASN A 211 -28.41 -16.57 -24.31
N LEU A 212 -27.19 -16.49 -24.80
CA LEU A 212 -26.21 -17.57 -24.65
C LEU A 212 -26.01 -17.87 -23.17
N CYS A 213 -25.78 -16.84 -22.37
CA CYS A 213 -25.60 -16.99 -20.93
C CYS A 213 -26.81 -17.66 -20.28
N LEU A 214 -28.01 -17.21 -20.67
CA LEU A 214 -29.24 -17.82 -20.17
C LEU A 214 -29.33 -19.29 -20.53
N ASP A 215 -28.96 -19.63 -21.77
CA ASP A 215 -28.99 -21.02 -22.22
C ASP A 215 -28.06 -21.89 -21.38
N LYS A 216 -26.93 -21.32 -20.96
CA LYS A 216 -25.95 -22.07 -20.20
C LYS A 216 -26.37 -22.30 -18.75
N ILE A 217 -27.12 -21.37 -18.17
CA ILE A 217 -27.57 -21.53 -16.79
C ILE A 217 -28.93 -22.23 -16.65
N ASN A 218 -29.71 -22.26 -17.74
CA ASN A 218 -31.00 -22.94 -17.71
C ASN A 218 -30.83 -24.44 -17.49
N VAL A 219 -29.72 -24.99 -17.95
CA VAL A 219 -29.45 -26.42 -17.81
C VAL A 219 -29.14 -26.81 -16.37
N LEU A 220 -28.90 -25.81 -15.52
CA LEU A 220 -28.69 -26.04 -14.10
C LEU A 220 -30.02 -26.23 -13.39
N HIS A 221 -31.08 -25.77 -14.05
CA HIS A 221 -32.46 -25.89 -13.55
C HIS A 221 -32.62 -25.35 -12.13
N LYS A 222 -31.84 -24.32 -11.80
CA LYS A 222 -31.95 -23.66 -10.52
C LYS A 222 -33.16 -22.76 -10.50
N PRO A 223 -33.87 -22.73 -9.37
CA PRO A 223 -35.04 -21.86 -9.21
C PRO A 223 -34.61 -20.41 -9.08
N PRO A 224 -35.55 -19.46 -9.23
CA PRO A 224 -35.21 -18.06 -8.94
C PRO A 224 -34.89 -17.88 -7.46
N TYR A 225 -33.87 -17.08 -7.18
CA TYR A 225 -33.43 -16.82 -5.80
C TYR A 225 -34.42 -15.95 -5.04
N GLU A 226 -34.56 -16.20 -3.76
CA GLU A 226 -35.29 -15.29 -2.88
C GLU A 226 -34.38 -14.12 -2.56
N HIS A 227 -34.85 -12.90 -2.81
CA HIS A 227 -34.05 -11.71 -2.58
C HIS A 227 -34.48 -11.01 -1.30
N PRO A 228 -33.56 -10.26 -0.67
CA PRO A 228 -33.92 -9.45 0.50
C PRO A 228 -34.89 -8.33 0.10
N LYS A 229 -35.84 -8.02 0.98
CA LYS A 229 -36.82 -6.96 0.72
C LYS A 229 -36.53 -5.70 1.54
N ASP A 230 -35.50 -5.77 2.37
CA ASP A 230 -35.13 -4.65 3.22
C ASP A 230 -33.67 -4.73 3.63
N LEU A 231 -33.24 -3.81 4.49
CA LEU A 231 -31.85 -3.78 4.93
C LEU A 231 -31.72 -4.17 6.39
N LYS A 232 -32.73 -4.87 6.92
CA LYS A 232 -32.74 -5.24 8.33
C LYS A 232 -31.65 -6.24 8.71
N LEU A 233 -31.47 -7.26 7.88
CA LEU A 233 -30.48 -8.30 8.16
C LEU A 233 -29.05 -7.81 7.99
N SER A 234 -28.89 -6.70 7.27
CA SER A 234 -27.56 -6.12 7.07
C SER A 234 -27.37 -4.88 7.94
N ASP A 235 -28.22 -4.75 8.95
CA ASP A 235 -28.15 -3.64 9.91
C ASP A 235 -28.24 -2.27 9.26
N GLY A 236 -29.13 -2.13 8.28
CA GLY A 236 -29.39 -0.85 7.64
C GLY A 236 -28.44 -0.54 6.49
N ARG A 237 -27.49 -1.44 6.25
CA ARG A 237 -26.49 -1.24 5.22
C ARG A 237 -26.89 -1.89 3.90
N LEU A 238 -26.59 -1.20 2.79
CA LEU A 238 -26.81 -1.76 1.47
C LEU A 238 -25.60 -2.61 1.09
N ARG A 239 -25.86 -3.86 0.73
CA ARG A 239 -24.79 -4.77 0.39
C ARG A 239 -24.55 -4.69 -1.11
N VAL A 240 -23.38 -4.19 -1.47
CA VAL A 240 -23.04 -3.99 -2.88
C VAL A 240 -21.94 -4.95 -3.29
N GLY A 241 -22.17 -5.69 -4.36
CA GLY A 241 -21.19 -6.64 -4.85
C GLY A 241 -20.59 -6.19 -6.18
N TYR A 242 -19.28 -5.99 -6.18
CA TYR A 242 -18.55 -5.65 -7.40
C TYR A 242 -17.92 -6.91 -7.99
N VAL A 243 -18.34 -7.28 -9.19
CA VAL A 243 -17.87 -8.49 -9.84
C VAL A 243 -16.94 -8.14 -11.01
N SER A 244 -15.68 -8.53 -10.92
CA SER A 244 -14.71 -8.19 -11.96
C SER A 244 -13.62 -9.24 -12.14
N SER A 245 -13.25 -9.50 -13.38
CA SER A 245 -12.10 -10.33 -13.68
C SER A 245 -10.81 -9.51 -13.66
N ASP A 246 -10.95 -8.21 -13.40
CA ASP A 246 -9.81 -7.30 -13.53
C ASP A 246 -9.41 -6.58 -12.26
N PHE A 247 -9.54 -7.26 -11.11
CA PHE A 247 -8.98 -6.75 -9.87
C PHE A 247 -7.51 -7.14 -9.84
N GLY A 248 -6.65 -6.23 -10.31
CA GLY A 248 -5.23 -6.49 -10.47
C GLY A 248 -4.70 -5.51 -11.50
N ASN A 249 -3.61 -5.87 -12.17
CA ASN A 249 -3.01 -4.95 -13.16
C ASN A 249 -3.83 -4.90 -14.44
N HIS A 250 -4.73 -3.91 -14.51
CA HIS A 250 -5.62 -3.74 -15.66
C HIS A 250 -6.26 -2.36 -15.53
N PRO A 251 -6.56 -1.70 -16.67
CA PRO A 251 -7.17 -0.36 -16.64
C PRO A 251 -8.33 -0.22 -15.65
N THR A 252 -9.13 -1.27 -15.51
CA THR A 252 -10.28 -1.21 -14.60
C THR A 252 -9.87 -0.85 -13.17
N SER A 253 -8.84 -1.53 -12.66
CA SER A 253 -8.34 -1.21 -11.33
C SER A 253 -7.60 0.13 -11.31
N HIS A 254 -6.94 0.48 -12.42
CA HIS A 254 -6.28 1.78 -12.53
C HIS A 254 -7.29 2.92 -12.42
N LEU A 255 -8.56 2.64 -12.71
CA LEU A 255 -9.59 3.66 -12.62
C LEU A 255 -10.31 3.60 -11.27
N MET A 256 -10.63 2.40 -10.79
CA MET A 256 -11.52 2.33 -9.61
C MET A 256 -10.97 1.69 -8.34
N GLN A 257 -9.66 1.47 -8.24
CA GLN A 257 -9.14 0.72 -7.09
C GLN A 257 -9.41 1.40 -5.75
N SER A 258 -9.64 2.71 -5.73
CA SER A 258 -9.86 3.41 -4.47
C SER A 258 -11.33 3.40 -4.02
N ILE A 259 -12.22 3.07 -4.94
CA ILE A 259 -13.65 3.18 -4.66
C ILE A 259 -14.19 2.28 -3.52
N PRO A 260 -13.85 0.98 -3.53
CA PRO A 260 -14.35 0.14 -2.42
C PRO A 260 -13.97 0.67 -1.03
N GLY A 261 -12.75 1.15 -0.87
CA GLY A 261 -12.31 1.67 0.42
C GLY A 261 -12.93 3.01 0.79
N MET A 262 -13.53 3.68 -0.20
CA MET A 262 -14.15 4.98 0.04
C MET A 262 -15.64 4.92 0.34
N HIS A 263 -16.24 3.73 0.22
CA HIS A 263 -17.63 3.56 0.59
C HIS A 263 -17.85 3.85 2.08
N ASN A 264 -19.02 4.41 2.38
CA ASN A 264 -19.40 4.74 3.75
C ASN A 264 -19.85 3.49 4.49
N PRO A 265 -19.05 3.03 5.47
CA PRO A 265 -19.35 1.78 6.19
C PRO A 265 -20.64 1.83 7.01
N ASP A 266 -21.13 3.02 7.34
CA ASP A 266 -22.38 3.15 8.09
C ASP A 266 -23.60 2.78 7.25
N LYS A 267 -23.46 2.87 5.93
CA LYS A 267 -24.60 2.67 5.03
C LYS A 267 -24.35 1.61 3.96
N PHE A 268 -23.09 1.22 3.80
CA PHE A 268 -22.72 0.28 2.74
C PHE A 268 -21.82 -0.82 3.25
N GLU A 269 -22.05 -2.03 2.74
CA GLU A 269 -21.15 -3.14 3.00
C GLU A 269 -20.67 -3.66 1.64
N VAL A 270 -19.36 -3.59 1.43
CA VAL A 270 -18.79 -3.82 0.10
C VAL A 270 -18.21 -5.21 -0.05
N PHE A 271 -18.70 -5.94 -1.05
CA PHE A 271 -18.21 -7.27 -1.36
C PHE A 271 -17.57 -7.18 -2.74
N CYS A 272 -16.31 -7.59 -2.85
CA CYS A 272 -15.70 -7.67 -4.18
C CYS A 272 -15.56 -9.14 -4.58
N TYR A 273 -16.10 -9.48 -5.74
CA TYR A 273 -16.05 -10.84 -6.26
C TYR A 273 -15.08 -10.92 -7.42
N ALA A 274 -13.91 -11.49 -7.17
CA ALA A 274 -12.85 -11.56 -8.17
C ALA A 274 -13.07 -12.77 -9.08
N LEU A 275 -13.04 -12.53 -10.39
CA LEU A 275 -13.17 -13.63 -11.34
C LEU A 275 -11.81 -14.14 -11.80
N SER A 276 -10.76 -13.51 -11.31
CA SER A 276 -9.39 -13.89 -11.68
C SER A 276 -8.58 -14.19 -10.43
N PRO A 277 -7.58 -15.06 -10.55
CA PRO A 277 -6.68 -15.30 -9.42
C PRO A 277 -5.81 -14.07 -9.13
N ASP A 278 -5.24 -14.03 -7.92
CA ASP A 278 -4.36 -12.96 -7.48
C ASP A 278 -3.14 -12.87 -8.40
N ASP A 279 -2.92 -11.70 -9.01
CA ASP A 279 -1.79 -11.56 -9.92
C ASP A 279 -0.52 -11.04 -9.24
N GLY A 280 -0.59 -10.86 -7.92
CA GLY A 280 0.55 -10.43 -7.13
C GLY A 280 0.80 -8.92 -7.10
N THR A 281 -0.06 -8.14 -7.75
CA THR A 281 0.17 -6.70 -7.84
C THR A 281 -0.46 -5.91 -6.70
N ASN A 282 -0.02 -4.66 -6.52
CA ASN A 282 -0.55 -3.82 -5.46
C ASN A 282 -2.01 -3.43 -5.68
N PHE A 283 -2.44 -3.44 -6.93
CA PHE A 283 -3.83 -3.14 -7.25
C PHE A 283 -4.76 -4.16 -6.60
N ARG A 284 -4.40 -5.43 -6.72
CA ARG A 284 -5.16 -6.49 -6.10
C ARG A 284 -5.05 -6.39 -4.58
N VAL A 285 -3.84 -6.10 -4.08
CA VAL A 285 -3.62 -5.95 -2.65
C VAL A 285 -4.57 -4.91 -2.05
N LYS A 286 -4.68 -3.76 -2.72
CA LYS A 286 -5.48 -2.67 -2.19
C LYS A 286 -6.96 -3.01 -2.09
N VAL A 287 -7.52 -3.57 -3.17
CA VAL A 287 -8.94 -3.92 -3.15
C VAL A 287 -9.24 -5.00 -2.10
N MET A 288 -8.38 -6.01 -2.01
CA MET A 288 -8.53 -7.03 -0.98
C MET A 288 -8.44 -6.45 0.43
N ALA A 289 -7.64 -5.41 0.61
CA ALA A 289 -7.44 -4.83 1.94
C ALA A 289 -8.55 -3.85 2.34
N GLU A 290 -9.19 -3.22 1.37
CA GLU A 290 -10.12 -2.13 1.66
C GLU A 290 -11.59 -2.48 1.50
N ALA A 291 -11.89 -3.51 0.71
CA ALA A 291 -13.26 -4.01 0.66
C ALA A 291 -13.62 -4.64 2.00
N ASN A 292 -14.90 -4.60 2.36
CA ASN A 292 -15.33 -5.26 3.58
C ASN A 292 -15.17 -6.77 3.46
N HIS A 293 -15.41 -7.28 2.26
CA HIS A 293 -15.23 -8.70 1.97
C HIS A 293 -14.66 -8.89 0.58
N PHE A 294 -13.75 -9.84 0.44
CA PHE A 294 -13.17 -10.16 -0.86
C PHE A 294 -13.26 -11.66 -1.11
N ILE A 295 -13.94 -12.02 -2.20
CA ILE A 295 -14.23 -13.42 -2.50
C ILE A 295 -13.60 -13.79 -3.82
N ASP A 296 -12.74 -14.81 -3.81
CA ASP A 296 -12.07 -15.26 -5.02
C ASP A 296 -12.92 -16.31 -5.72
N LEU A 297 -13.72 -15.89 -6.70
CA LEU A 297 -14.61 -16.80 -7.42
C LEU A 297 -13.88 -17.58 -8.50
N SER A 298 -12.63 -17.22 -8.76
CA SER A 298 -11.82 -17.98 -9.72
C SER A 298 -11.59 -19.39 -9.18
N GLN A 299 -11.72 -19.56 -7.87
CA GLN A 299 -11.59 -20.86 -7.23
C GLN A 299 -12.90 -21.65 -7.27
N ILE A 300 -13.94 -21.04 -7.83
CA ILE A 300 -15.25 -21.67 -7.92
C ILE A 300 -15.73 -21.66 -9.37
N PRO A 301 -15.26 -22.63 -10.17
CA PRO A 301 -15.54 -22.72 -11.60
C PRO A 301 -17.03 -22.79 -11.93
N CYS A 302 -17.79 -23.51 -11.11
CA CYS A 302 -19.22 -23.67 -11.36
C CYS A 302 -20.00 -22.38 -11.13
N ASN A 303 -20.68 -21.90 -12.17
CA ASN A 303 -21.47 -20.67 -12.07
C ASN A 303 -22.66 -20.79 -11.13
N GLY A 304 -23.18 -22.00 -10.97
CA GLY A 304 -24.24 -22.25 -10.02
C GLY A 304 -23.77 -22.12 -8.58
N LYS A 305 -22.64 -22.74 -8.27
CA LYS A 305 -22.05 -22.63 -6.94
C LYS A 305 -21.59 -21.21 -6.64
N ALA A 306 -20.99 -20.55 -7.64
CA ALA A 306 -20.55 -19.17 -7.46
C ALA A 306 -21.74 -18.23 -7.23
N ALA A 307 -22.81 -18.40 -8.00
CA ALA A 307 -24.01 -17.61 -7.80
C ALA A 307 -24.64 -17.88 -6.43
N ASP A 308 -24.59 -19.13 -5.98
CA ASP A 308 -25.07 -19.46 -4.64
C ASP A 308 -24.31 -18.67 -3.60
N ARG A 309 -22.99 -18.54 -3.81
CA ARG A 309 -22.12 -17.82 -2.88
C ARG A 309 -22.49 -16.34 -2.80
N ILE A 310 -22.76 -15.74 -3.95
CA ILE A 310 -23.19 -14.35 -3.99
C ILE A 310 -24.51 -14.14 -3.26
N HIS A 311 -25.46 -15.03 -3.51
CA HIS A 311 -26.77 -14.92 -2.88
C HIS A 311 -26.71 -15.14 -1.37
N GLN A 312 -25.83 -16.06 -0.95
CA GLN A 312 -25.61 -16.31 0.46
C GLN A 312 -25.17 -15.03 1.19
N ASP A 313 -24.37 -14.22 0.50
CA ASP A 313 -23.88 -12.98 1.09
C ASP A 313 -24.97 -11.92 1.23
N GLY A 314 -26.11 -12.14 0.58
CA GLY A 314 -27.24 -11.26 0.72
C GLY A 314 -27.10 -9.96 -0.06
N ILE A 315 -26.42 -10.03 -1.19
CA ILE A 315 -26.17 -8.85 -2.03
C ILE A 315 -27.46 -8.20 -2.51
N HIS A 316 -27.56 -6.88 -2.32
CA HIS A 316 -28.71 -6.13 -2.78
C HIS A 316 -28.50 -5.63 -4.22
N ILE A 317 -27.32 -5.10 -4.47
CA ILE A 317 -26.96 -4.60 -5.80
C ILE A 317 -25.70 -5.28 -6.29
N LEU A 318 -25.82 -6.04 -7.37
CA LEU A 318 -24.66 -6.73 -7.94
C LEU A 318 -24.18 -5.99 -9.17
N VAL A 319 -22.90 -5.66 -9.21
CA VAL A 319 -22.38 -4.79 -10.24
C VAL A 319 -21.49 -5.52 -11.25
N ASN A 320 -21.95 -5.53 -12.50
CA ASN A 320 -21.22 -6.15 -13.61
C ASN A 320 -20.17 -5.20 -14.19
N MET A 321 -18.90 -5.47 -13.89
CA MET A 321 -17.81 -4.64 -14.37
C MET A 321 -17.12 -5.19 -15.62
N ASN A 322 -17.65 -6.26 -16.20
CA ASN A 322 -17.03 -6.85 -17.38
C ASN A 322 -17.82 -6.71 -18.68
N GLY A 323 -19.12 -6.98 -18.62
CA GLY A 323 -19.90 -7.07 -19.85
C GLY A 323 -19.25 -8.11 -20.76
N TYR A 324 -19.14 -7.83 -22.04
CA TYR A 324 -18.56 -8.82 -22.95
C TYR A 324 -17.06 -8.62 -23.14
N THR A 325 -16.33 -8.70 -22.03
CA THR A 325 -14.87 -8.57 -22.05
C THR A 325 -14.21 -9.78 -21.40
N LYS A 326 -12.91 -9.93 -21.63
CA LYS A 326 -12.17 -11.13 -21.23
C LYS A 326 -12.32 -11.45 -19.74
N GLY A 327 -12.61 -12.71 -19.45
CA GLY A 327 -12.75 -13.15 -18.07
C GLY A 327 -14.15 -13.04 -17.53
N ALA A 328 -15.05 -12.44 -18.30
CA ALA A 328 -16.44 -12.30 -17.87
C ALA A 328 -17.08 -13.63 -17.54
N ARG A 329 -17.95 -13.61 -16.53
CA ARG A 329 -18.79 -14.75 -16.23
C ARG A 329 -20.22 -14.25 -16.06
N ASN A 330 -20.79 -13.79 -17.17
CA ASN A 330 -22.12 -13.20 -17.15
C ASN A 330 -23.24 -14.19 -16.82
N GLU A 331 -22.90 -15.47 -16.85
CA GLU A 331 -23.77 -16.53 -16.35
C GLU A 331 -24.19 -16.25 -14.90
N LEU A 332 -23.27 -15.68 -14.12
CA LEU A 332 -23.55 -15.32 -12.73
C LEU A 332 -24.72 -14.34 -12.65
N PHE A 333 -24.74 -13.36 -13.56
CA PHE A 333 -25.80 -12.36 -13.57
C PHE A 333 -27.09 -12.92 -14.18
N ALA A 334 -26.95 -13.84 -15.13
CA ALA A 334 -28.10 -14.53 -15.72
C ALA A 334 -28.89 -15.31 -14.67
N LEU A 335 -28.20 -15.75 -13.63
CA LEU A 335 -28.83 -16.51 -12.55
C LEU A 335 -29.57 -15.60 -11.56
N ARG A 336 -29.34 -14.29 -11.69
CA ARG A 336 -29.98 -13.28 -10.84
C ARG A 336 -29.94 -13.56 -9.33
N PRO A 337 -28.74 -13.66 -8.75
CA PRO A 337 -28.64 -13.84 -7.29
C PRO A 337 -28.97 -12.56 -6.52
N ALA A 338 -29.07 -11.43 -7.21
CA ALA A 338 -29.38 -10.17 -6.55
C ALA A 338 -30.59 -9.49 -7.19
N PRO A 339 -31.37 -8.74 -6.39
CA PRO A 339 -32.60 -8.10 -6.89
C PRO A 339 -32.33 -6.96 -7.85
N ILE A 340 -31.20 -6.29 -7.70
CA ILE A 340 -30.81 -5.22 -8.60
C ILE A 340 -29.42 -5.53 -9.15
N GLN A 341 -29.30 -5.53 -10.48
CA GLN A 341 -28.01 -5.79 -11.13
C GLN A 341 -27.70 -4.69 -12.15
N ALA A 342 -26.52 -4.10 -12.03
CA ALA A 342 -26.16 -2.94 -12.83
C ALA A 342 -24.84 -3.10 -13.59
N MET A 343 -24.77 -2.59 -14.81
CA MET A 343 -23.54 -2.53 -15.57
C MET A 343 -22.78 -1.28 -15.16
N TRP A 344 -21.47 -1.41 -14.93
CA TRP A 344 -20.69 -0.25 -14.52
C TRP A 344 -19.23 -0.31 -14.98
N LEU A 345 -18.85 0.69 -15.78
CA LEU A 345 -17.47 1.10 -16.02
C LEU A 345 -16.66 0.26 -17.01
N GLY A 346 -16.67 -1.06 -16.88
CA GLY A 346 -15.77 -1.89 -17.65
C GLY A 346 -16.16 -2.20 -19.09
N TYR A 347 -17.43 -1.97 -19.44
CA TYR A 347 -17.90 -2.30 -20.78
C TYR A 347 -18.67 -1.13 -21.42
N PRO A 348 -18.09 -0.53 -22.47
CA PRO A 348 -18.70 0.66 -23.09
C PRO A 348 -19.80 0.33 -24.09
N GLY A 349 -20.84 -0.35 -23.63
CA GLY A 349 -21.97 -0.67 -24.50
C GLY A 349 -23.08 -1.33 -23.72
N THR A 350 -24.21 -1.58 -24.37
CA THR A 350 -25.30 -2.28 -23.71
C THR A 350 -25.02 -3.77 -23.64
N SER A 351 -25.49 -4.41 -22.57
CA SER A 351 -25.40 -5.86 -22.46
C SER A 351 -26.46 -6.51 -23.34
N GLY A 352 -27.51 -5.77 -23.65
CA GLY A 352 -28.62 -6.31 -24.41
C GLY A 352 -29.40 -7.37 -23.64
N ALA A 353 -29.06 -7.56 -22.38
CA ALA A 353 -29.57 -8.68 -21.59
C ALA A 353 -30.64 -8.28 -20.58
N LEU A 354 -31.74 -9.02 -20.53
CA LEU A 354 -32.83 -8.70 -19.62
C LEU A 354 -32.47 -8.87 -18.14
N PHE A 355 -31.41 -9.63 -17.85
CA PHE A 355 -31.00 -9.82 -16.45
C PHE A 355 -30.15 -8.67 -15.91
N MET A 356 -29.79 -7.74 -16.77
CA MET A 356 -29.17 -6.50 -16.31
C MET A 356 -30.24 -5.42 -16.23
N ASP A 357 -30.36 -4.80 -15.06
CA ASP A 357 -31.44 -3.84 -14.82
C ASP A 357 -31.08 -2.43 -15.23
N TYR A 358 -29.86 -2.02 -14.87
CA TYR A 358 -29.38 -0.67 -15.10
C TYR A 358 -28.04 -0.65 -15.81
N ILE A 359 -27.74 0.46 -16.47
CA ILE A 359 -26.39 0.78 -16.84
C ILE A 359 -26.04 2.14 -16.23
N ILE A 360 -24.93 2.18 -15.50
CA ILE A 360 -24.50 3.41 -14.85
C ILE A 360 -23.74 4.26 -15.86
N THR A 361 -24.33 5.39 -16.21
CA THR A 361 -23.80 6.22 -17.27
C THR A 361 -24.06 7.66 -16.87
N ASP A 362 -24.19 8.55 -17.84
CA ASP A 362 -24.51 9.95 -17.54
C ASP A 362 -25.20 10.58 -18.73
N GLN A 363 -25.69 11.81 -18.54
CA GLN A 363 -26.52 12.47 -19.55
C GLN A 363 -25.75 12.79 -20.83
N GLU A 364 -24.45 13.07 -20.68
CA GLU A 364 -23.63 13.38 -21.85
C GLU A 364 -23.30 12.11 -22.64
N THR A 365 -22.94 11.05 -21.92
CA THR A 365 -22.61 9.78 -22.58
C THR A 365 -23.85 9.13 -23.19
N SER A 366 -24.95 9.15 -22.44
CA SER A 366 -26.15 8.47 -22.88
C SER A 366 -27.38 9.37 -22.70
N PRO A 367 -27.55 10.34 -23.60
CA PRO A 367 -28.72 11.22 -23.54
C PRO A 367 -30.01 10.42 -23.55
N ALA A 368 -30.99 10.84 -22.74
CA ALA A 368 -32.21 10.06 -22.54
C ALA A 368 -32.95 9.80 -23.85
N GLU A 369 -32.66 10.61 -24.86
CA GLU A 369 -33.25 10.45 -26.18
C GLU A 369 -32.85 9.12 -26.83
N VAL A 370 -31.66 8.64 -26.52
CA VAL A 370 -31.18 7.39 -27.13
C VAL A 370 -31.26 6.18 -26.21
N ALA A 371 -32.19 6.22 -25.26
CA ALA A 371 -32.42 5.09 -24.36
C ALA A 371 -32.74 3.80 -25.13
N GLU A 372 -33.28 3.95 -26.34
CA GLU A 372 -33.63 2.81 -27.18
C GLU A 372 -32.42 2.00 -27.65
N GLN A 373 -31.22 2.57 -27.52
CA GLN A 373 -30.00 1.86 -27.87
C GLN A 373 -29.62 0.85 -26.78
N TYR A 374 -30.19 1.01 -25.60
CA TYR A 374 -29.82 0.19 -24.45
C TYR A 374 -30.99 -0.70 -24.05
N SER A 375 -30.69 -1.91 -23.61
CA SER A 375 -31.72 -2.78 -23.07
C SER A 375 -31.95 -2.41 -21.60
N GLU A 376 -30.90 -1.92 -20.95
CA GLU A 376 -30.97 -1.51 -19.55
C GLU A 376 -31.63 -0.15 -19.38
N LYS A 377 -32.18 0.09 -18.19
CA LYS A 377 -32.63 1.42 -17.83
C LYS A 377 -31.42 2.30 -17.53
N LEU A 378 -31.51 3.57 -17.89
CA LEU A 378 -30.40 4.50 -17.65
C LEU A 378 -30.35 4.95 -16.20
N ALA A 379 -29.16 4.90 -15.62
CA ALA A 379 -28.94 5.41 -14.27
C ALA A 379 -27.80 6.41 -14.32
N TYR A 380 -28.12 7.69 -14.18
CA TYR A 380 -27.16 8.77 -14.36
C TYR A 380 -26.38 9.12 -13.11
N MET A 381 -25.07 9.16 -13.24
CA MET A 381 -24.20 9.89 -12.31
C MET A 381 -24.34 11.36 -12.70
N PRO A 382 -24.13 12.27 -11.73
CA PRO A 382 -24.45 13.68 -11.99
C PRO A 382 -23.49 14.38 -12.95
N HIS A 383 -22.26 13.89 -13.07
CA HIS A 383 -21.31 14.54 -13.98
C HIS A 383 -20.91 13.58 -15.10
N THR A 384 -19.88 12.79 -14.89
CA THR A 384 -19.64 11.67 -15.80
C THR A 384 -19.63 10.37 -15.01
N PHE A 385 -19.90 9.26 -15.70
CA PHE A 385 -19.78 7.95 -15.07
C PHE A 385 -18.32 7.56 -15.00
N PHE A 386 -17.49 8.18 -15.83
CA PHE A 386 -16.08 7.84 -15.84
C PHE A 386 -15.35 8.36 -14.59
N ILE A 387 -14.27 7.66 -14.24
CA ILE A 387 -13.48 8.01 -13.06
C ILE A 387 -12.08 7.43 -13.27
N GLY A 388 -11.12 7.91 -12.51
CA GLY A 388 -9.77 7.37 -12.62
C GLY A 388 -9.05 7.59 -11.31
N ASP A 389 -8.06 6.74 -11.03
CA ASP A 389 -7.37 6.80 -9.75
C ASP A 389 -6.10 7.64 -9.81
N HIS A 390 -5.99 8.47 -10.84
CA HIS A 390 -4.77 9.24 -11.12
C HIS A 390 -4.26 10.10 -9.97
N ALA A 391 -5.18 10.70 -9.19
CA ALA A 391 -4.75 11.58 -8.09
C ALA A 391 -4.01 10.79 -7.02
N ASN A 392 -4.39 9.52 -6.86
CA ASN A 392 -3.74 8.62 -5.91
C ASN A 392 -2.53 7.91 -6.51
N MET A 393 -2.63 7.51 -7.78
CA MET A 393 -1.58 6.75 -8.43
C MET A 393 -0.41 7.60 -8.91
N PHE A 394 -0.72 8.79 -9.42
CA PHE A 394 0.32 9.66 -9.97
C PHE A 394 0.30 11.05 -9.35
N PRO A 395 0.43 11.14 -8.02
CA PRO A 395 0.37 12.46 -7.37
C PRO A 395 1.59 13.31 -7.68
N HIS A 396 2.66 12.70 -8.18
CA HIS A 396 3.86 13.45 -8.55
C HIS A 396 3.64 14.32 -9.77
N LEU A 397 2.55 14.06 -10.49
CA LEU A 397 2.20 14.85 -11.67
C LEU A 397 1.22 15.98 -11.37
N LYS A 398 0.88 16.16 -10.09
CA LYS A 398 0.02 17.27 -9.69
C LYS A 398 0.69 18.62 -9.93
N LYS A 399 2.01 18.65 -9.77
CA LYS A 399 2.77 19.86 -10.03
C LYS A 399 3.93 19.55 -10.94
N LYS A 400 4.48 20.58 -11.57
CA LYS A 400 5.62 20.41 -12.46
C LYS A 400 6.52 21.61 -12.40
N ALA A 401 7.74 21.45 -12.89
CA ALA A 401 8.62 22.58 -13.12
C ALA A 401 9.26 22.38 -14.49
N VAL A 402 9.76 23.45 -15.09
CA VAL A 402 10.40 23.30 -16.37
C VAL A 402 11.82 23.85 -16.35
N ILE A 403 12.60 23.45 -17.33
CA ILE A 403 13.94 23.99 -17.49
C ILE A 403 13.94 24.84 -18.74
N ASP A 404 14.29 26.11 -18.60
CA ASP A 404 14.43 26.99 -19.76
C ASP A 404 15.76 26.73 -20.45
N PHE A 405 15.69 26.16 -21.65
CA PHE A 405 16.88 25.79 -22.40
C PHE A 405 17.21 26.81 -23.49
N LYS A 406 16.68 28.02 -23.34
CA LYS A 406 16.95 29.11 -24.28
C LYS A 406 17.41 30.37 -23.55
N HIS A 410 11.96 32.19 -25.48
CA HIS A 410 10.75 32.26 -24.67
C HIS A 410 10.69 31.08 -23.70
N ILE A 411 9.60 31.00 -22.94
CA ILE A 411 9.41 29.90 -21.97
C ILE A 411 8.35 28.88 -22.44
N TYR A 412 8.72 27.61 -22.40
CA TYR A 412 7.84 26.53 -22.84
C TYR A 412 7.41 25.70 -21.62
N ASP A 413 6.16 25.25 -21.60
CA ASP A 413 5.70 24.41 -20.49
C ASP A 413 5.80 22.90 -20.75
N ASN A 414 6.35 22.52 -21.91
CA ASN A 414 6.29 21.10 -22.31
C ASN A 414 7.47 20.60 -23.16
N ARG A 415 8.63 21.24 -22.98
CA ARG A 415 9.85 20.81 -23.66
C ARG A 415 10.75 20.00 -22.74
N ILE A 416 11.02 20.55 -21.55
CA ILE A 416 11.79 19.86 -20.52
C ILE A 416 11.09 20.02 -19.18
N VAL A 417 10.62 18.91 -18.64
CA VAL A 417 9.71 18.91 -17.50
C VAL A 417 10.27 18.07 -16.35
N LEU A 418 10.12 18.56 -15.13
CA LEU A 418 10.46 17.80 -13.92
C LEU A 418 9.19 17.57 -13.12
N ASN A 419 9.07 16.39 -12.51
CA ASN A 419 7.98 16.09 -11.59
C ASN A 419 8.53 15.29 -10.42
N GLY A 420 8.00 15.52 -9.23
CA GLY A 420 8.41 14.71 -8.09
C GLY A 420 7.75 15.14 -6.81
N ILE A 421 7.53 14.17 -5.93
CA ILE A 421 7.01 14.44 -4.60
C ILE A 421 7.88 15.45 -3.85
N ASP A 422 9.19 15.40 -4.11
CA ASP A 422 10.13 16.29 -3.44
C ASP A 422 10.63 17.41 -4.37
N LEU A 423 9.89 17.69 -5.43
CA LEU A 423 10.27 18.74 -6.38
C LEU A 423 10.43 20.11 -5.74
N LYS A 424 9.52 20.44 -4.82
CA LYS A 424 9.59 21.74 -4.17
C LYS A 424 10.90 21.94 -3.43
N ALA A 425 11.26 20.98 -2.59
CA ALA A 425 12.52 21.03 -1.84
C ALA A 425 13.73 21.16 -2.76
N PHE A 426 13.72 20.43 -3.86
CA PHE A 426 14.79 20.52 -4.85
C PHE A 426 14.88 21.92 -5.45
N LEU A 427 13.73 22.46 -5.86
CA LEU A 427 13.68 23.82 -6.39
C LEU A 427 14.22 24.81 -5.36
N ASP A 428 13.85 24.61 -4.10
CA ASP A 428 14.28 25.49 -3.02
C ASP A 428 15.79 25.51 -2.78
N SER A 429 16.49 24.48 -3.29
CA SER A 429 17.92 24.39 -3.10
C SER A 429 18.65 25.09 -4.23
N LEU A 430 17.90 25.48 -5.25
CA LEU A 430 18.46 26.13 -6.43
C LEU A 430 18.31 27.64 -6.37
N PRO A 431 19.36 28.36 -6.77
CA PRO A 431 19.24 29.81 -6.94
C PRO A 431 18.68 30.13 -8.32
N ASP A 432 18.16 31.34 -8.48
CA ASP A 432 17.70 31.84 -9.78
C ASP A 432 16.49 31.11 -10.36
N VAL A 433 15.75 30.37 -9.53
CA VAL A 433 14.49 29.78 -9.95
C VAL A 433 13.43 30.88 -10.10
N LYS A 434 12.75 30.90 -11.24
CA LYS A 434 11.74 31.90 -11.52
C LYS A 434 10.33 31.31 -11.50
N ILE A 435 9.37 32.07 -10.99
CA ILE A 435 7.98 31.64 -11.00
C ILE A 435 7.20 32.38 -12.09
N VAL A 436 6.63 31.64 -13.02
CA VAL A 436 5.85 32.24 -14.09
C VAL A 436 4.36 32.10 -13.82
N LYS A 437 3.63 33.21 -13.91
CA LYS A 437 2.19 33.23 -13.65
C LYS A 437 1.39 33.34 -14.94
N ASN A 455 0.78 29.09 -11.79
CA ASN A 455 2.16 29.25 -11.35
C ASN A 455 3.07 28.11 -11.80
N MET A 456 4.11 28.45 -12.54
CA MET A 456 5.03 27.43 -13.04
C MET A 456 6.49 27.81 -12.76
N PRO A 457 7.16 27.01 -11.91
CA PRO A 457 8.58 27.24 -11.60
C PRO A 457 9.46 26.95 -12.80
N VAL A 458 10.44 27.81 -13.03
CA VAL A 458 11.33 27.67 -14.17
C VAL A 458 12.79 27.75 -13.74
N ILE A 459 13.56 26.74 -14.12
CA ILE A 459 15.00 26.71 -13.87
C ILE A 459 15.75 27.24 -15.09
N PRO A 460 16.60 28.26 -14.89
CA PRO A 460 17.37 28.87 -15.98
C PRO A 460 18.43 27.94 -16.56
N MET A 461 19.03 28.34 -17.68
CA MET A 461 20.03 27.52 -18.36
C MET A 461 21.41 27.66 -17.74
N ASN A 462 21.58 27.11 -16.54
CA ASN A 462 22.86 27.15 -15.84
C ASN A 462 23.49 25.76 -15.74
N THR A 463 24.46 25.64 -14.85
CA THR A 463 25.21 24.40 -14.64
C THR A 463 24.28 23.22 -14.32
N ILE A 464 23.28 23.47 -13.49
CA ILE A 464 22.30 22.46 -13.12
C ILE A 464 21.58 21.91 -14.36
N ALA A 465 21.13 22.81 -15.22
CA ALA A 465 20.37 22.42 -16.41
C ALA A 465 21.21 21.71 -17.47
N GLU A 466 22.49 22.06 -17.58
CA GLU A 466 23.35 21.40 -18.55
C GLU A 466 23.54 19.94 -18.14
N ALA A 467 23.77 19.74 -16.85
CA ALA A 467 23.95 18.41 -16.28
C ALA A 467 22.75 17.51 -16.53
N VAL A 468 21.55 18.09 -16.52
CA VAL A 468 20.35 17.32 -16.78
C VAL A 468 20.25 16.88 -18.24
N ILE A 469 20.51 17.81 -19.17
CA ILE A 469 20.47 17.50 -20.60
C ILE A 469 21.57 16.51 -20.98
N GLU A 470 22.68 16.57 -20.27
CA GLU A 470 23.79 15.65 -20.53
C GLU A 470 23.37 14.22 -20.20
N MET A 471 22.69 14.07 -19.08
CA MET A 471 22.15 12.77 -18.66
C MET A 471 21.31 12.15 -19.77
N ILE A 472 20.38 12.94 -20.29
CA ILE A 472 19.43 12.50 -21.31
C ILE A 472 20.13 12.05 -22.60
N ASN A 473 21.05 12.85 -23.09
CA ASN A 473 21.78 12.53 -24.32
C ASN A 473 22.64 11.26 -24.22
N ARG A 474 23.30 11.10 -23.08
CA ARG A 474 24.16 9.94 -22.87
C ARG A 474 23.36 8.70 -22.53
N GLY A 475 22.07 8.87 -22.33
CA GLY A 475 21.20 7.76 -21.96
C GLY A 475 21.49 7.27 -20.55
N GLN A 476 22.04 8.16 -19.73
CA GLN A 476 22.31 7.88 -18.32
C GLN A 476 21.01 7.68 -17.54
N ILE A 477 21.03 6.79 -16.56
CA ILE A 477 19.82 6.42 -15.82
C ILE A 477 19.37 7.49 -14.83
N GLN A 478 20.32 8.11 -14.16
CA GLN A 478 20.01 9.04 -13.08
C GLN A 478 21.26 9.81 -12.72
N ILE A 479 21.07 10.97 -12.09
CA ILE A 479 22.17 11.73 -11.53
C ILE A 479 21.76 12.24 -10.16
N THR A 480 22.67 12.95 -9.51
CA THR A 480 22.39 13.55 -8.21
C THR A 480 22.74 15.03 -8.27
N ILE A 481 21.81 15.88 -7.86
CA ILE A 481 22.06 17.31 -7.76
C ILE A 481 21.61 17.79 -6.39
N ASN A 482 22.54 18.40 -5.64
CA ASN A 482 22.25 18.90 -4.31
C ASN A 482 21.64 17.84 -3.40
N GLY A 483 22.05 16.58 -3.61
CA GLY A 483 21.61 15.48 -2.78
C GLY A 483 20.31 14.85 -3.25
N PHE A 484 19.67 15.47 -4.23
CA PHE A 484 18.39 14.99 -4.74
C PHE A 484 18.59 14.02 -5.90
N SER A 485 17.79 12.96 -5.93
CA SER A 485 17.87 11.96 -6.99
C SER A 485 17.10 12.46 -8.22
N ILE A 486 17.81 12.62 -9.33
CA ILE A 486 17.19 13.05 -10.58
C ILE A 486 17.22 11.90 -11.58
N SER A 487 16.05 11.41 -11.96
CA SER A 487 15.94 10.21 -12.78
C SER A 487 15.63 10.51 -14.24
N ASN A 488 16.27 9.77 -15.14
CA ASN A 488 15.88 9.79 -16.56
C ASN A 488 14.51 9.14 -16.72
N GLY A 489 13.56 9.88 -17.26
CA GLY A 489 12.20 9.37 -17.40
C GLY A 489 12.04 8.12 -18.26
N LEU A 490 13.04 7.82 -19.08
CA LEU A 490 13.02 6.62 -19.93
C LEU A 490 13.51 5.37 -19.18
N ALA A 491 13.98 5.56 -17.95
CA ALA A 491 14.65 4.47 -17.24
C ALA A 491 13.94 4.01 -15.98
N THR A 492 12.66 4.34 -15.84
CA THR A 492 11.92 4.05 -14.61
C THR A 492 11.95 2.56 -14.19
N THR A 493 11.90 1.66 -15.17
CA THR A 493 11.90 0.23 -14.82
C THR A 493 13.21 -0.23 -14.18
N GLN A 494 14.29 0.47 -14.49
CA GLN A 494 15.61 0.14 -13.94
C GLN A 494 15.81 0.73 -12.55
N ILE A 495 15.00 1.72 -12.20
CA ILE A 495 15.12 2.40 -10.92
C ILE A 495 14.15 1.83 -9.90
N ASN A 496 12.89 1.73 -10.29
CA ASN A 496 11.84 1.15 -9.46
C ASN A 496 10.74 0.62 -10.34
N ASN A 497 10.70 -0.70 -10.54
CA ASN A 497 9.74 -1.29 -11.45
CA ASN A 497 9.73 -1.31 -11.44
C ASN A 497 8.28 -1.12 -11.00
N LYS A 498 8.05 -1.13 -9.69
CA LYS A 498 6.71 -0.88 -9.16
C LYS A 498 6.24 0.55 -9.44
N ALA A 499 7.16 1.49 -9.42
CA ALA A 499 6.81 2.87 -9.73
C ALA A 499 6.51 3.02 -11.23
N ALA A 500 7.22 2.26 -12.05
CA ALA A 500 7.00 2.31 -13.48
C ALA A 500 5.59 1.84 -13.88
N THR A 501 5.10 0.81 -13.22
CA THR A 501 3.80 0.22 -13.53
C THR A 501 2.63 0.91 -12.82
N GLY A 502 2.95 1.85 -11.93
CA GLY A 502 1.93 2.56 -11.18
C GLY A 502 1.54 1.87 -9.88
N GLU A 503 2.23 0.79 -9.53
CA GLU A 503 1.96 0.10 -8.27
C GLU A 503 2.46 0.89 -7.05
N GLU A 504 3.47 1.73 -7.28
CA GLU A 504 4.03 2.61 -6.25
C GLU A 504 4.20 4.01 -6.83
N VAL A 505 4.15 5.02 -5.96
CA VAL A 505 4.48 6.38 -6.39
C VAL A 505 5.99 6.52 -6.46
N PRO A 506 6.52 7.12 -7.55
CA PRO A 506 7.97 7.30 -7.64
C PRO A 506 8.51 8.10 -6.46
N ARG A 507 9.71 7.75 -6.00
CA ARG A 507 10.30 8.43 -4.86
C ARG A 507 11.49 9.28 -5.28
N THR A 508 11.70 9.40 -6.59
CA THR A 508 12.73 10.27 -7.13
C THR A 508 12.08 11.38 -7.95
N ILE A 509 12.89 12.37 -8.32
CA ILE A 509 12.46 13.42 -9.23
C ILE A 509 12.74 12.96 -10.66
N ILE A 510 11.74 13.05 -11.52
CA ILE A 510 11.85 12.49 -12.86
C ILE A 510 11.89 13.58 -13.91
N VAL A 511 12.74 13.39 -14.92
CA VAL A 511 12.87 14.33 -16.03
C VAL A 511 12.21 13.74 -17.26
N THR A 512 11.43 14.56 -17.96
CA THR A 512 10.75 14.13 -19.17
C THR A 512 11.02 15.19 -20.23
N THR A 513 11.45 14.78 -21.42
CA THR A 513 11.82 15.76 -22.43
C THR A 513 11.37 15.36 -23.83
N ARG A 514 11.13 16.36 -24.67
CA ARG A 514 10.82 16.09 -26.07
C ARG A 514 11.94 15.33 -26.77
N SER A 515 13.19 15.62 -26.39
CA SER A 515 14.33 14.91 -26.98
C SER A 515 14.33 13.41 -26.68
N GLN A 516 13.68 12.99 -25.58
CA GLN A 516 13.59 11.57 -25.25
C GLN A 516 12.79 10.80 -26.30
N TYR A 517 11.93 11.49 -27.03
CA TYR A 517 11.04 10.82 -27.98
C TYR A 517 11.21 11.35 -29.39
N GLY A 518 12.24 12.18 -29.59
CA GLY A 518 12.54 12.71 -30.91
C GLY A 518 11.51 13.72 -31.39
N LEU A 519 10.82 14.35 -30.43
CA LEU A 519 9.80 15.34 -30.77
C LEU A 519 10.43 16.71 -31.03
N PRO A 520 9.87 17.46 -32.00
CA PRO A 520 10.46 18.76 -32.34
C PRO A 520 10.37 19.77 -31.19
N GLU A 521 11.47 20.49 -30.96
CA GLU A 521 11.53 21.52 -29.93
C GLU A 521 10.82 22.81 -30.31
N ASP A 522 10.57 22.99 -31.61
CA ASP A 522 10.03 24.26 -32.09
C ASP A 522 8.71 24.12 -32.84
N ALA A 523 7.88 23.16 -32.43
CA ALA A 523 6.66 22.90 -33.17
C ALA A 523 5.53 22.38 -32.28
N ILE A 524 4.31 22.47 -32.80
CA ILE A 524 3.14 21.95 -32.09
C ILE A 524 3.11 20.43 -32.14
N VAL A 525 2.92 19.80 -30.99
CA VAL A 525 2.78 18.34 -30.95
C VAL A 525 1.33 17.94 -30.70
N TYR A 526 0.70 17.32 -31.69
CA TYR A 526 -0.62 16.71 -31.50
C TYR A 526 -0.39 15.26 -31.15
N CYS A 527 -1.12 14.75 -30.16
CA CYS A 527 -0.94 13.35 -29.79
C CYS A 527 -2.22 12.53 -29.83
N ASN A 528 -2.03 11.21 -29.92
CA ASN A 528 -3.09 10.28 -29.58
C ASN A 528 -2.42 9.01 -29.13
N PHE A 529 -2.71 8.58 -27.91
CA PHE A 529 -2.03 7.43 -27.32
C PHE A 529 -2.90 6.17 -27.29
N ASN A 530 -3.93 6.15 -28.11
CA ASN A 530 -4.79 4.98 -28.18
C ASN A 530 -4.20 3.84 -28.98
N GLN A 531 -4.70 2.63 -28.73
CA GLN A 531 -4.43 1.53 -29.63
C GLN A 531 -4.86 1.95 -31.02
N LEU A 532 -4.09 1.59 -32.03
CA LEU A 532 -4.33 2.06 -33.40
C LEU A 532 -5.66 1.60 -33.99
N TYR A 533 -6.25 0.55 -33.42
CA TYR A 533 -7.50 0.01 -33.98
C TYR A 533 -8.63 1.04 -33.93
N LYS A 534 -8.50 2.01 -33.02
CA LYS A 534 -9.52 3.05 -32.84
C LYS A 534 -9.54 4.08 -33.97
N ILE A 535 -8.51 4.08 -34.81
CA ILE A 535 -8.43 4.98 -35.95
C ILE A 535 -9.12 4.38 -37.17
N ASP A 536 -9.78 5.23 -37.98
CA ASP A 536 -10.34 4.78 -39.25
C ASP A 536 -9.94 5.76 -40.37
N PRO A 537 -10.23 5.44 -41.65
CA PRO A 537 -9.82 6.35 -42.72
C PRO A 537 -10.31 7.80 -42.55
N SER A 538 -11.55 7.97 -42.11
CA SER A 538 -12.10 9.30 -41.92
CA SER A 538 -12.12 9.30 -41.91
CA SER A 538 -12.12 9.29 -41.90
C SER A 538 -11.34 10.08 -40.85
N THR A 539 -10.92 9.38 -39.80
CA THR A 539 -10.16 10.01 -38.73
C THR A 539 -8.78 10.45 -39.19
N LEU A 540 -8.05 9.57 -39.88
CA LEU A 540 -6.70 9.93 -40.32
C LEU A 540 -6.75 11.09 -41.31
N GLN A 541 -7.79 11.11 -42.14
CA GLN A 541 -7.96 12.20 -43.11
C GLN A 541 -8.15 13.53 -42.38
N MET A 542 -8.96 13.50 -41.33
CA MET A 542 -9.16 14.67 -40.48
CA MET A 542 -9.17 14.68 -40.48
C MET A 542 -7.84 15.16 -39.88
N TRP A 543 -7.06 14.21 -39.40
CA TRP A 543 -5.78 14.52 -38.81
C TRP A 543 -4.81 15.09 -39.85
N ALA A 544 -4.88 14.54 -41.06
CA ALA A 544 -4.05 15.04 -42.15
C ALA A 544 -4.44 16.47 -42.52
N ASN A 545 -5.75 16.75 -42.46
CA ASN A 545 -6.24 18.09 -42.75
C ASN A 545 -5.70 19.12 -41.76
N ILE A 546 -5.57 18.69 -40.50
CA ILE A 546 -5.08 19.55 -39.43
C ILE A 546 -3.58 19.81 -39.59
N LEU A 547 -2.82 18.76 -39.82
CA LEU A 547 -1.39 18.87 -40.02
C LEU A 547 -1.04 19.79 -41.19
N LYS A 548 -1.79 19.66 -42.28
CA LYS A 548 -1.58 20.52 -43.45
C LYS A 548 -1.87 21.99 -43.14
N ARG A 549 -2.83 22.24 -42.26
CA ARG A 549 -3.20 23.62 -41.93
C ARG A 549 -2.29 24.24 -40.89
N VAL A 550 -1.52 23.40 -40.20
CA VAL A 550 -0.60 23.87 -39.17
C VAL A 550 0.78 23.32 -39.53
N PRO A 551 1.45 23.95 -40.50
CA PRO A 551 2.70 23.43 -41.05
C PRO A 551 3.73 23.13 -39.98
N ASN A 552 3.77 23.95 -38.93
CA ASN A 552 4.72 23.73 -37.86
C ASN A 552 4.13 22.81 -36.78
N SER A 553 3.91 21.55 -37.13
CA SER A 553 3.34 20.58 -36.19
C SER A 553 3.59 19.12 -36.57
N VAL A 554 3.54 18.25 -35.57
CA VAL A 554 3.67 16.82 -35.80
C VAL A 554 2.54 16.07 -35.09
N LEU A 555 2.28 14.85 -35.56
CA LEU A 555 1.33 13.99 -34.89
C LEU A 555 2.11 12.90 -34.19
N TRP A 556 1.80 12.67 -32.92
CA TRP A 556 2.54 11.74 -32.08
C TRP A 556 1.66 10.51 -31.80
N LEU A 557 2.04 9.35 -32.32
CA LEU A 557 1.27 8.11 -32.14
C LEU A 557 2.13 6.99 -31.56
N LEU A 558 1.49 5.90 -31.15
CA LEU A 558 2.21 4.79 -30.53
C LEU A 558 2.25 3.56 -31.43
N ARG A 559 3.31 2.76 -31.29
CA ARG A 559 3.39 1.48 -31.97
C ARG A 559 2.53 0.49 -31.20
N PHE A 560 1.22 0.52 -31.50
CA PHE A 560 0.22 -0.13 -30.67
C PHE A 560 -0.84 -0.80 -31.57
N PRO A 561 -0.43 -1.79 -32.38
CA PRO A 561 0.90 -2.43 -32.42
C PRO A 561 1.83 -1.85 -33.49
N ALA A 562 3.13 -2.16 -33.39
CA ALA A 562 4.12 -1.65 -34.33
C ALA A 562 3.75 -1.95 -35.79
N VAL A 563 3.16 -3.11 -36.04
CA VAL A 563 2.82 -3.48 -37.40
C VAL A 563 1.71 -2.60 -38.02
N GLY A 564 1.11 -1.74 -37.21
CA GLY A 564 0.19 -0.75 -37.72
C GLY A 564 0.91 0.48 -38.27
N GLU A 565 2.13 0.71 -37.78
CA GLU A 565 2.92 1.89 -38.17
C GLU A 565 3.11 2.04 -39.68
N PRO A 566 3.59 0.99 -40.38
CA PRO A 566 3.76 1.20 -41.82
C PRO A 566 2.45 1.47 -42.57
N ASN A 567 1.33 0.95 -42.08
CA ASN A 567 0.06 1.21 -42.75
C ASN A 567 -0.38 2.66 -42.61
N ILE A 568 -0.33 3.16 -41.38
CA ILE A 568 -0.61 4.57 -41.10
C ILE A 568 0.29 5.48 -41.93
N GLN A 569 1.58 5.16 -41.97
CA GLN A 569 2.53 5.98 -42.73
C GLN A 569 2.23 5.96 -44.22
N GLN A 570 1.84 4.81 -44.75
CA GLN A 570 1.51 4.74 -46.17
C GLN A 570 0.27 5.58 -46.49
N TYR A 571 -0.73 5.50 -45.62
CA TYR A 571 -1.98 6.24 -45.85
C TYR A 571 -1.74 7.75 -45.70
N ALA A 572 -0.88 8.12 -44.77
CA ALA A 572 -0.53 9.53 -44.59
C ALA A 572 0.21 10.05 -45.81
N GLN A 573 1.12 9.22 -46.34
CA GLN A 573 1.90 9.59 -47.51
C GLN A 573 0.99 9.74 -48.72
N ASN A 574 -0.02 8.88 -48.80
CA ASN A 574 -1.03 8.97 -49.87
C ASN A 574 -1.83 10.26 -49.75
N MET A 575 -2.02 10.73 -48.52
CA MET A 575 -2.77 11.95 -48.26
C MET A 575 -1.91 13.20 -48.47
N GLY A 576 -0.62 13.02 -48.74
CA GLY A 576 0.26 14.14 -49.03
C GLY A 576 1.13 14.60 -47.88
N LEU A 577 1.18 13.80 -46.81
CA LEU A 577 2.04 14.12 -45.67
C LEU A 577 3.36 13.37 -45.73
N PRO A 578 4.48 14.10 -45.65
CA PRO A 578 5.78 13.43 -45.55
C PRO A 578 5.96 12.66 -44.24
N GLN A 579 6.84 11.68 -44.26
CA GLN A 579 7.06 10.78 -43.13
C GLN A 579 7.36 11.53 -41.83
N ASN A 580 7.99 12.71 -41.97
CA ASN A 580 8.41 13.48 -40.81
C ASN A 580 7.28 14.21 -40.04
N ARG A 581 6.05 14.13 -40.55
CA ARG A 581 4.93 14.80 -39.88
C ARG A 581 4.29 13.89 -38.85
N ILE A 582 4.67 12.61 -38.85
CA ILE A 582 4.13 11.66 -37.89
C ILE A 582 5.26 10.95 -37.17
N ILE A 583 5.23 11.00 -35.84
CA ILE A 583 6.28 10.41 -35.03
C ILE A 583 5.70 9.28 -34.16
N PHE A 584 6.33 8.10 -34.24
CA PHE A 584 5.89 6.95 -33.43
C PHE A 584 6.80 6.73 -32.21
N SER A 585 6.19 6.35 -31.09
CA SER A 585 6.95 5.94 -29.92
C SER A 585 6.52 4.52 -29.53
N PRO A 586 7.37 3.82 -28.79
CA PRO A 586 6.95 2.52 -28.24
C PRO A 586 5.89 2.74 -27.18
N VAL A 587 5.08 1.71 -26.96
CA VAL A 587 4.19 1.68 -25.79
C VAL A 587 5.10 1.72 -24.57
N ALA A 588 4.70 2.45 -23.55
CA ALA A 588 5.53 2.65 -22.36
C ALA A 588 4.85 2.04 -21.14
N PRO A 589 5.64 1.75 -20.10
CA PRO A 589 5.06 1.44 -18.79
C PRO A 589 4.08 2.53 -18.39
N LYS A 590 3.10 2.15 -17.57
CA LYS A 590 1.98 3.01 -17.22
C LYS A 590 2.36 4.42 -16.76
N GLU A 591 3.29 4.51 -15.80
CA GLU A 591 3.67 5.81 -15.25
C GLU A 591 4.30 6.69 -16.31
N GLU A 592 5.18 6.11 -17.13
CA GLU A 592 5.84 6.89 -18.20
C GLU A 592 4.84 7.37 -19.26
N HIS A 593 3.90 6.50 -19.63
CA HIS A 593 2.82 6.85 -20.56
C HIS A 593 2.03 8.07 -20.08
N VAL A 594 1.62 8.08 -18.82
CA VAL A 594 0.85 9.21 -18.30
C VAL A 594 1.73 10.46 -18.23
N ARG A 595 2.94 10.30 -17.69
CA ARG A 595 3.87 11.40 -17.53
C ARG A 595 4.26 12.08 -18.85
N ARG A 596 4.50 11.27 -19.89
CA ARG A 596 4.97 11.84 -21.15
C ARG A 596 3.87 12.59 -21.91
N GLY A 597 2.63 12.43 -21.49
CA GLY A 597 1.55 13.22 -22.04
C GLY A 597 1.78 14.71 -21.83
N GLN A 598 2.56 15.06 -20.82
CA GLN A 598 2.87 16.46 -20.55
C GLN A 598 3.63 17.15 -21.69
N LEU A 599 4.28 16.37 -22.54
CA LEU A 599 5.11 16.93 -23.61
C LEU A 599 4.29 17.38 -24.81
N ALA A 600 3.08 16.85 -24.94
CA ALA A 600 2.24 17.22 -26.07
C ALA A 600 1.58 18.57 -25.84
N ASP A 601 1.14 19.21 -26.92
CA ASP A 601 0.35 20.44 -26.81
C ASP A 601 -1.15 20.13 -26.72
N VAL A 602 -1.59 19.20 -27.56
CA VAL A 602 -3.01 18.90 -27.75
C VAL A 602 -3.16 17.42 -28.09
N CYS A 603 -4.15 16.75 -27.49
CA CYS A 603 -4.51 15.39 -27.87
C CYS A 603 -5.64 15.40 -28.89
N LEU A 604 -5.52 14.64 -29.96
CA LEU A 604 -6.61 14.51 -30.92
C LEU A 604 -7.31 13.17 -30.72
N ASP A 605 -8.50 13.23 -30.12
CA ASP A 605 -9.23 12.01 -29.75
C ASP A 605 -9.82 11.33 -30.98
N THR A 606 -9.88 10.00 -30.93
CA THR A 606 -10.47 9.20 -32.00
C THR A 606 -12.01 9.15 -31.91
N PRO A 607 -12.71 9.65 -32.94
CA PRO A 607 -14.18 9.70 -32.89
C PRO A 607 -14.88 8.34 -33.00
N LEU A 608 -14.25 7.37 -33.67
CA LEU A 608 -14.87 6.06 -33.87
C LEU A 608 -15.10 5.38 -32.52
N CYS A 609 -14.05 5.32 -31.72
CA CYS A 609 -14.14 4.87 -30.34
C CYS A 609 -13.15 5.75 -29.61
N ASN A 610 -13.62 6.53 -28.64
CA ASN A 610 -12.75 7.48 -27.95
C ASN A 610 -11.70 6.80 -27.09
N GLY A 611 -10.72 7.59 -26.67
CA GLY A 611 -9.94 7.23 -25.50
C GLY A 611 -10.86 7.19 -24.28
N HIS A 612 -10.75 6.13 -23.50
CA HIS A 612 -11.55 6.05 -22.27
C HIS A 612 -10.58 6.20 -21.11
N THR A 613 -9.98 5.10 -20.67
CA THR A 613 -8.85 5.17 -19.74
C THR A 613 -7.82 6.16 -20.31
N THR A 614 -7.59 6.03 -21.61
CA THR A 614 -6.59 6.84 -22.30
C THR A 614 -6.92 8.33 -22.25
N GLY A 615 -8.21 8.65 -22.31
CA GLY A 615 -8.63 10.02 -22.20
C GLY A 615 -8.30 10.58 -20.83
N MET A 616 -8.58 9.80 -19.78
CA MET A 616 -8.27 10.22 -18.40
C MET A 616 -6.77 10.44 -18.26
N ASP A 617 -5.98 9.56 -18.87
CA ASP A 617 -4.52 9.66 -18.79
C ASP A 617 -4.01 10.99 -19.35
N VAL A 618 -4.50 11.39 -20.51
CA VAL A 618 -4.00 12.61 -21.15
C VAL A 618 -4.45 13.85 -20.41
N LEU A 619 -5.66 13.81 -19.85
CA LEU A 619 -6.16 14.96 -19.10
C LEU A 619 -5.43 15.15 -17.79
N TRP A 620 -4.98 14.06 -17.18
CA TRP A 620 -4.25 14.16 -15.92
C TRP A 620 -2.89 14.82 -16.15
N ALA A 621 -2.34 14.66 -17.35
CA ALA A 621 -1.09 15.36 -17.70
C ALA A 621 -1.32 16.83 -18.07
N GLY A 622 -2.59 17.25 -18.11
CA GLY A 622 -2.93 18.63 -18.38
C GLY A 622 -3.06 18.96 -19.86
N THR A 623 -3.23 17.91 -20.67
CA THR A 623 -3.28 18.07 -22.12
C THR A 623 -4.71 18.25 -22.61
N PRO A 624 -5.01 19.37 -23.27
CA PRO A 624 -6.33 19.52 -23.87
C PRO A 624 -6.60 18.42 -24.89
N MET A 625 -7.81 17.89 -24.89
CA MET A 625 -8.20 16.85 -25.82
C MET A 625 -9.36 17.34 -26.68
N VAL A 626 -9.21 17.25 -27.99
CA VAL A 626 -10.28 17.63 -28.90
C VAL A 626 -11.08 16.38 -29.25
N THR A 627 -12.41 16.42 -29.12
CA THR A 627 -13.20 15.23 -29.42
C THR A 627 -14.44 15.56 -30.23
N MET A 628 -15.00 14.54 -30.88
CA MET A 628 -16.24 14.69 -31.64
C MET A 628 -17.16 13.54 -31.26
N PRO A 629 -18.10 13.78 -30.32
CA PRO A 629 -18.95 12.69 -29.85
C PRO A 629 -19.85 12.16 -30.95
N GLY A 630 -20.01 10.84 -31.00
CA GLY A 630 -20.85 10.20 -32.00
C GLY A 630 -22.15 9.74 -31.39
N GLU A 631 -22.64 8.58 -31.81
CA GLU A 631 -23.91 8.09 -31.28
C GLU A 631 -23.76 6.93 -30.28
N THR A 632 -22.74 6.11 -30.46
CA THR A 632 -22.51 5.00 -29.54
C THR A 632 -21.88 5.52 -28.25
N LEU A 633 -22.12 4.80 -27.15
CA LEU A 633 -21.51 5.10 -25.87
C LEU A 633 -20.00 5.33 -25.99
N ALA A 634 -19.32 4.40 -26.67
CA ALA A 634 -17.87 4.40 -26.76
C ALA A 634 -17.32 5.63 -27.49
N SER A 635 -18.15 6.23 -28.34
CA SER A 635 -17.77 7.40 -29.10
C SER A 635 -18.12 8.69 -28.37
N ARG A 636 -18.68 8.59 -27.16
CA ARG A 636 -19.15 9.77 -26.44
C ARG A 636 -18.47 9.99 -25.10
N VAL A 637 -17.60 9.06 -24.70
CA VAL A 637 -16.97 9.10 -23.38
C VAL A 637 -16.07 10.32 -23.18
N ALA A 638 -15.23 10.60 -24.17
CA ALA A 638 -14.32 11.74 -24.08
C ALA A 638 -15.08 13.06 -23.88
N ALA A 639 -16.18 13.25 -24.60
CA ALA A 639 -16.99 14.45 -24.46
C ALA A 639 -17.57 14.54 -23.05
N SER A 640 -17.96 13.39 -22.49
CA SER A 640 -18.46 13.35 -21.12
C SER A 640 -17.37 13.77 -20.14
N GLN A 641 -16.15 13.25 -20.34
CA GLN A 641 -15.02 13.61 -19.49
C GLN A 641 -14.74 15.12 -19.59
N LEU A 642 -14.79 15.65 -20.81
CA LEU A 642 -14.50 17.07 -21.01
C LEU A 642 -15.57 17.98 -20.44
N THR A 643 -16.81 17.48 -20.43
CA THR A 643 -17.92 18.25 -19.89
C THR A 643 -17.80 18.35 -18.37
N CYS A 644 -17.43 17.25 -17.75
CA CYS A 644 -17.21 17.21 -16.31
C CYS A 644 -16.06 18.12 -15.94
N LEU A 645 -14.99 18.04 -16.73
CA LEU A 645 -13.80 18.85 -16.55
C LEU A 645 -14.12 20.34 -16.67
N GLY A 646 -15.06 20.66 -17.56
CA GLY A 646 -15.50 22.03 -17.74
C GLY A 646 -14.91 22.69 -18.98
N CYS A 647 -14.57 21.88 -19.99
CA CYS A 647 -14.00 22.40 -21.22
C CYS A 647 -14.90 22.12 -22.42
N LEU A 648 -16.06 22.77 -22.44
CA LEU A 648 -17.03 22.56 -23.52
C LEU A 648 -16.49 22.98 -24.89
N GLU A 649 -15.53 23.90 -24.90
CA GLU A 649 -15.00 24.44 -26.15
C GLU A 649 -14.15 23.42 -26.93
N LEU A 650 -13.90 22.28 -26.31
CA LEU A 650 -13.07 21.25 -26.93
C LEU A 650 -13.89 20.15 -27.58
N ILE A 651 -15.22 20.31 -27.53
CA ILE A 651 -16.14 19.30 -28.03
C ILE A 651 -16.71 19.75 -29.37
N ALA A 652 -16.45 18.98 -30.43
CA ALA A 652 -16.85 19.34 -31.78
C ALA A 652 -18.18 18.70 -32.17
N LYS A 653 -19.02 19.44 -32.89
CA LYS A 653 -20.32 18.92 -33.32
C LYS A 653 -20.23 18.22 -34.66
N ASN A 654 -19.15 18.46 -35.39
CA ASN A 654 -18.93 17.82 -36.68
C ASN A 654 -17.45 17.84 -37.06
N ARG A 655 -17.08 17.20 -38.16
CA ARG A 655 -15.67 17.06 -38.53
C ARG A 655 -14.98 18.39 -38.81
N GLN A 656 -15.70 19.29 -39.48
CA GLN A 656 -15.17 20.62 -39.75
C GLN A 656 -14.86 21.35 -38.45
N GLU A 657 -15.77 21.30 -37.48
CA GLU A 657 -15.53 21.95 -36.19
C GLU A 657 -14.35 21.33 -35.44
N TYR A 658 -14.21 20.00 -35.54
CA TYR A 658 -13.07 19.29 -34.96
C TYR A 658 -11.75 19.80 -35.55
N GLU A 659 -11.70 19.93 -36.87
CA GLU A 659 -10.51 20.47 -37.53
C GLU A 659 -10.23 21.92 -37.10
N ASP A 660 -11.27 22.74 -37.07
CA ASP A 660 -11.13 24.17 -36.74
C ASP A 660 -10.65 24.37 -35.30
N ILE A 661 -11.19 23.56 -34.37
CA ILE A 661 -10.76 23.60 -32.98
C ILE A 661 -9.29 23.22 -32.86
N ALA A 662 -8.93 22.07 -33.43
CA ALA A 662 -7.56 21.60 -33.38
C ALA A 662 -6.57 22.57 -34.03
N VAL A 663 -6.97 23.19 -35.13
CA VAL A 663 -6.10 24.14 -35.82
C VAL A 663 -5.95 25.43 -35.01
N LYS A 664 -7.05 25.86 -34.41
CA LYS A 664 -7.03 27.05 -33.54
C LYS A 664 -6.06 26.85 -32.38
N LEU A 665 -6.13 25.68 -31.73
CA LEU A 665 -5.21 25.38 -30.63
C LEU A 665 -3.76 25.35 -31.09
N GLY A 666 -3.53 24.87 -32.30
CA GLY A 666 -2.18 24.80 -32.82
C GLY A 666 -1.61 26.10 -33.40
N THR A 667 -2.44 27.13 -33.52
CA THR A 667 -1.98 28.36 -34.18
C THR A 667 -2.18 29.61 -33.34
N ASP A 668 -3.24 29.64 -32.53
CA ASP A 668 -3.51 30.78 -31.65
C ASP A 668 -2.83 30.46 -30.33
N LEU A 669 -1.56 30.82 -30.20
CA LEU A 669 -0.76 30.37 -29.06
C LEU A 669 -1.23 30.91 -27.69
N GLU A 670 -1.85 32.09 -27.69
CA GLU A 670 -2.41 32.60 -26.43
C GLU A 670 -3.63 31.78 -26.03
N TYR A 671 -4.42 31.38 -27.03
CA TYR A 671 -5.58 30.54 -26.78
C TYR A 671 -5.13 29.20 -26.22
N LEU A 672 -4.10 28.64 -26.83
CA LEU A 672 -3.52 27.38 -26.37
C LEU A 672 -3.12 27.46 -24.89
N LYS A 673 -2.44 28.54 -24.52
CA LYS A 673 -2.02 28.72 -23.12
C LYS A 673 -3.21 28.77 -22.17
N LYS A 674 -4.25 29.50 -22.56
CA LYS A 674 -5.48 29.59 -21.78
C LYS A 674 -6.12 28.22 -21.54
N VAL A 675 -6.33 27.47 -22.62
CA VAL A 675 -6.93 26.14 -22.50
C VAL A 675 -6.06 25.14 -21.72
N ARG A 676 -4.75 25.15 -21.98
CA ARG A 676 -3.85 24.28 -21.23
C ARG A 676 -3.87 24.63 -19.75
N GLY A 677 -3.96 25.92 -19.44
CA GLY A 677 -4.02 26.37 -18.07
C GLY A 677 -5.32 25.93 -17.45
N LYS A 678 -6.37 25.95 -18.26
CA LYS A 678 -7.69 25.52 -17.84
C LYS A 678 -7.73 24.03 -17.50
N VAL A 679 -7.17 23.20 -18.38
CA VAL A 679 -7.09 21.77 -18.13
C VAL A 679 -6.26 21.48 -16.89
N TRP A 680 -5.11 22.15 -16.79
CA TRP A 680 -4.17 21.96 -15.68
C TRP A 680 -4.83 22.23 -14.32
N LYS A 681 -5.58 23.31 -14.24
CA LYS A 681 -6.27 23.66 -12.99
C LYS A 681 -7.47 22.76 -12.74
N GLN A 682 -8.29 22.56 -13.76
CA GLN A 682 -9.57 21.86 -13.62
CA GLN A 682 -9.56 21.88 -13.55
C GLN A 682 -9.46 20.37 -13.34
N ARG A 683 -8.34 19.77 -13.69
CA ARG A 683 -8.22 18.34 -13.41
C ARG A 683 -8.22 18.14 -11.88
N ILE A 684 -7.89 19.22 -11.16
CA ILE A 684 -7.90 19.22 -9.70
C ILE A 684 -9.22 19.76 -9.13
N SER A 685 -9.69 20.88 -9.67
CA SER A 685 -10.85 21.54 -9.09
C SER A 685 -12.21 20.99 -9.53
N SER A 686 -12.24 20.29 -10.67
CA SER A 686 -13.47 19.67 -11.15
C SER A 686 -13.71 18.33 -10.44
N PRO A 687 -14.88 17.71 -10.68
CA PRO A 687 -15.07 16.38 -10.08
C PRO A 687 -14.37 15.24 -10.82
N LEU A 688 -13.73 15.50 -11.96
CA LEU A 688 -13.26 14.40 -12.84
C LEU A 688 -12.41 13.34 -12.16
N PHE A 689 -11.45 13.78 -11.34
CA PHE A 689 -10.52 12.85 -10.71
C PHE A 689 -10.77 12.74 -9.20
N ASN A 690 -11.95 13.17 -8.75
CA ASN A 690 -12.26 13.21 -7.33
C ASN A 690 -12.99 11.93 -6.93
N THR A 691 -12.21 10.93 -6.51
CA THR A 691 -12.73 9.60 -6.25
C THR A 691 -13.67 9.56 -5.04
N LYS A 692 -13.42 10.41 -4.04
CA LYS A 692 -14.32 10.48 -2.89
C LYS A 692 -15.67 11.04 -3.32
N GLN A 693 -15.66 12.12 -4.10
CA GLN A 693 -16.92 12.68 -4.57
C GLN A 693 -17.67 11.66 -5.42
N TYR A 694 -16.94 10.98 -6.29
CA TYR A 694 -17.53 10.00 -7.19
C TYR A 694 -18.22 8.89 -6.42
N THR A 695 -17.52 8.33 -5.43
CA THR A 695 -18.07 7.26 -4.62
C THR A 695 -19.34 7.71 -3.92
N MET A 696 -19.33 8.94 -3.41
CA MET A 696 -20.51 9.47 -2.72
C MET A 696 -21.69 9.63 -3.66
N GLU A 697 -21.42 10.05 -4.89
CA GLU A 697 -22.49 10.15 -5.88
C GLU A 697 -22.98 8.77 -6.33
N LEU A 698 -22.05 7.83 -6.40
CA LEU A 698 -22.38 6.43 -6.68
C LEU A 698 -23.31 5.87 -5.59
N GLU A 699 -22.98 6.18 -4.34
CA GLU A 699 -23.78 5.74 -3.20
C GLU A 699 -25.20 6.32 -3.25
N ARG A 700 -25.31 7.59 -3.63
CA ARG A 700 -26.61 8.25 -3.77
C ARG A 700 -27.46 7.52 -4.81
N LEU A 701 -26.82 7.11 -5.89
CA LEU A 701 -27.51 6.42 -6.99
C LEU A 701 -27.96 5.02 -6.56
N TYR A 702 -27.09 4.28 -5.87
CA TYR A 702 -27.44 2.98 -5.32
C TYR A 702 -28.71 3.05 -4.46
N LEU A 703 -28.77 4.06 -3.59
CA LEU A 703 -29.92 4.22 -2.70
C LEU A 703 -31.20 4.56 -3.46
N GLN A 704 -31.07 5.31 -4.56
CA GLN A 704 -32.22 5.58 -5.41
C GLN A 704 -32.73 4.28 -6.01
N MET A 705 -31.81 3.45 -6.47
CA MET A 705 -32.16 2.14 -7.05
C MET A 705 -32.86 1.29 -6.00
N TRP A 706 -32.27 1.21 -4.81
CA TRP A 706 -32.82 0.36 -3.77
C TRP A 706 -34.20 0.79 -3.30
N GLU A 707 -34.36 2.08 -3.03
CA GLU A 707 -35.64 2.61 -2.57
C GLU A 707 -36.73 2.34 -3.61
N HIS A 708 -36.38 2.50 -4.88
CA HIS A 708 -37.30 2.23 -5.99
C HIS A 708 -37.76 0.78 -5.96
N TYR A 709 -36.82 -0.14 -5.79
CA TYR A 709 -37.13 -1.56 -5.70
C TYR A 709 -37.88 -1.91 -4.42
N ALA A 710 -37.42 -1.37 -3.30
CA ALA A 710 -38.01 -1.66 -1.99
C ALA A 710 -39.48 -1.26 -1.94
N ALA A 711 -39.83 -0.22 -2.68
CA ALA A 711 -41.21 0.26 -2.75
C ALA A 711 -42.04 -0.59 -3.70
N GLY A 712 -41.41 -1.59 -4.30
CA GLY A 712 -42.12 -2.55 -5.14
C GLY A 712 -42.20 -2.18 -6.60
N ASN A 713 -41.23 -1.44 -7.11
CA ASN A 713 -41.22 -1.05 -8.51
C ASN A 713 -40.17 -1.80 -9.31
N LYS A 714 -40.50 -2.10 -10.56
CA LYS A 714 -39.52 -2.61 -11.51
C LYS A 714 -38.61 -1.46 -11.92
N PRO A 715 -37.40 -1.78 -12.41
CA PRO A 715 -36.46 -0.71 -12.76
C PRO A 715 -37.03 0.33 -13.72
N ASP A 716 -36.67 1.58 -13.49
CA ASP A 716 -37.05 2.67 -14.38
C ASP A 716 -35.87 3.62 -14.47
N HIS A 717 -35.84 4.45 -15.51
CA HIS A 717 -34.73 5.38 -15.71
C HIS A 717 -34.52 6.28 -14.49
N MET A 718 -33.27 6.38 -14.05
CA MET A 718 -32.89 7.24 -12.94
C MET A 718 -32.07 8.40 -13.49
N ILE A 719 -32.76 9.38 -14.06
CA ILE A 719 -32.11 10.43 -14.84
C ILE A 719 -32.26 11.82 -14.25
N LYS A 720 -32.48 11.89 -12.94
CA LYS A 720 -32.54 13.16 -12.22
C LYS A 720 -31.85 13.03 -10.86
N TYR B 1 4.03 -3.10 -22.83
CA TYR B 1 5.21 -2.41 -23.34
C TYR B 1 6.31 -3.43 -23.60
N PRO B 2 7.25 -3.13 -24.50
CA PRO B 2 8.32 -4.07 -24.81
C PRO B 2 9.14 -4.43 -23.56
N GLY B 3 9.25 -5.72 -23.28
CA GLY B 3 9.96 -6.17 -22.08
C GLY B 3 9.02 -6.34 -20.90
N GLY B 4 7.76 -5.95 -21.08
CA GLY B 4 6.78 -6.01 -20.02
C GLY B 4 5.41 -6.36 -20.56
N SER B 5 4.38 -5.79 -19.96
CA SER B 5 3.04 -6.03 -20.43
C SER B 5 2.16 -4.80 -20.22
N THR B 6 1.26 -4.57 -21.16
CA THR B 6 0.32 -3.48 -21.04
C THR B 6 -1.06 -4.08 -21.27
N PRO B 7 -1.78 -4.34 -20.17
CA PRO B 7 -3.14 -4.88 -20.24
C PRO B 7 -4.09 -3.86 -20.86
N VAL B 8 -5.06 -4.34 -21.63
CA VAL B 8 -6.01 -3.46 -22.28
C VAL B 8 -7.41 -4.06 -22.17
N SER B 9 -8.43 -3.27 -22.51
CA SER B 9 -9.78 -3.79 -22.57
C SER B 9 -9.89 -4.73 -23.79
N SER B 10 -10.33 -5.96 -23.56
CA SER B 10 -10.33 -7.00 -24.59
C SER B 10 -11.66 -7.74 -24.61
N ALA B 11 -12.07 -8.26 -25.76
CA ALA B 11 -13.32 -9.02 -25.85
C ALA B 11 -13.16 -10.40 -25.22
N ASN B 12 -14.26 -10.97 -24.73
CA ASN B 12 -14.24 -12.36 -24.26
C ASN B 12 -14.37 -13.33 -25.42
N MET B 13 -13.93 -14.56 -25.22
CA MET B 13 -13.97 -15.57 -26.28
C MET B 13 -15.40 -15.97 -26.63
N MET B 14 -15.62 -16.29 -27.90
CA MET B 14 -16.92 -16.78 -28.34
C MET B 14 -16.73 -17.83 -29.43
N ALA C 28 36.73 -29.14 27.63
CA ALA C 28 35.76 -29.26 28.70
C ALA C 28 34.66 -30.26 28.35
N VAL C 29 33.98 -30.02 27.23
CA VAL C 29 32.92 -30.89 26.76
C VAL C 29 33.42 -32.31 26.50
N ARG C 30 34.56 -32.42 25.82
CA ARG C 30 35.14 -33.72 25.50
C ARG C 30 35.52 -34.50 26.76
N LEU C 31 35.97 -33.78 27.79
CA LEU C 31 36.34 -34.40 29.05
C LEU C 31 35.11 -34.81 29.88
N TYR C 32 34.05 -34.01 29.77
CA TYR C 32 32.80 -34.32 30.44
C TYR C 32 32.19 -35.60 29.86
N ARG C 33 32.17 -35.68 28.53
CA ARG C 33 31.62 -36.85 27.85
C ARG C 33 32.40 -38.12 28.18
N LYS C 34 33.70 -37.96 28.40
CA LYS C 34 34.55 -39.07 28.77
C LYS C 34 34.21 -39.56 30.17
N ALA C 35 33.83 -38.62 31.05
CA ALA C 35 33.42 -38.95 32.41
C ALA C 35 32.11 -39.72 32.41
N LEU C 36 31.24 -39.41 31.44
CA LEU C 36 29.97 -40.09 31.30
C LEU C 36 30.18 -41.48 30.69
N GLU C 37 31.19 -41.59 29.84
CA GLU C 37 31.54 -42.86 29.20
C GLU C 37 32.05 -43.84 30.25
N VAL C 38 32.70 -43.32 31.29
CA VAL C 38 33.23 -44.15 32.37
C VAL C 38 32.16 -44.44 33.41
N PHE C 39 31.39 -43.40 33.76
CA PHE C 39 30.35 -43.51 34.77
C PHE C 39 29.11 -42.74 34.34
N PRO C 40 28.17 -43.43 33.65
CA PRO C 40 26.94 -42.84 33.11
C PRO C 40 26.00 -42.25 34.16
N GLU C 41 26.15 -42.66 35.41
CA GLU C 41 25.26 -42.18 36.47
C GLU C 41 25.91 -41.09 37.32
N PHE C 42 26.46 -40.07 36.65
CA PHE C 42 27.13 -38.97 37.31
C PHE C 42 26.29 -37.70 37.17
N ALA C 43 25.48 -37.42 38.19
CA ALA C 43 24.52 -36.31 38.14
C ALA C 43 25.18 -34.95 37.97
N ALA C 44 26.33 -34.76 38.63
CA ALA C 44 27.05 -33.49 38.54
C ALA C 44 27.67 -33.31 37.16
N ALA C 45 28.20 -34.39 36.60
CA ALA C 45 28.81 -34.34 35.28
C ALA C 45 27.81 -33.92 34.21
N HIS C 46 26.60 -34.49 34.28
CA HIS C 46 25.55 -34.12 33.35
C HIS C 46 25.14 -32.66 33.52
N SER C 47 24.97 -32.24 34.77
CA SER C 47 24.59 -30.86 35.07
C SER C 47 25.66 -29.87 34.64
N ASN C 48 26.92 -30.27 34.81
CA ASN C 48 28.04 -29.43 34.40
C ASN C 48 28.14 -29.31 32.88
N LEU C 49 28.02 -30.44 32.20
CA LEU C 49 28.06 -30.45 30.74
C LEU C 49 26.88 -29.67 30.17
N ALA C 50 25.71 -29.83 30.78
CA ALA C 50 24.51 -29.12 30.35
C ALA C 50 24.70 -27.61 30.42
N SER C 51 25.18 -27.15 31.57
CA SER C 51 25.45 -25.73 31.79
C SER C 51 26.44 -25.18 30.75
N VAL C 52 27.44 -25.98 30.42
CA VAL C 52 28.44 -25.59 29.42
C VAL C 52 27.85 -25.54 28.02
N LEU C 53 27.11 -26.58 27.66
CA LEU C 53 26.42 -26.60 26.37
C LEU C 53 25.45 -25.43 26.26
N GLN C 54 24.79 -25.10 27.37
CA GLN C 54 23.86 -23.98 27.42
C GLN C 54 24.58 -22.66 27.10
N GLN C 55 25.76 -22.48 27.68
CA GLN C 55 26.56 -21.28 27.42
C GLN C 55 26.95 -21.17 25.94
N GLN C 56 27.17 -22.33 25.30
CA GLN C 56 27.54 -22.37 23.89
C GLN C 56 26.35 -22.10 22.99
N GLY C 57 25.16 -22.07 23.56
CA GLY C 57 23.95 -21.86 22.79
C GLY C 57 23.35 -23.15 22.27
N LYS C 58 23.95 -24.28 22.66
CA LYS C 58 23.44 -25.58 22.28
C LYS C 58 22.38 -26.02 23.28
N LEU C 59 21.22 -25.38 23.20
CA LEU C 59 20.18 -25.53 24.21
C LEU C 59 19.51 -26.90 24.20
N GLN C 60 19.21 -27.42 23.02
CA GLN C 60 18.59 -28.74 22.90
C GLN C 60 19.49 -29.82 23.49
N GLU C 61 20.77 -29.72 23.21
CA GLU C 61 21.74 -30.68 23.73
C GLU C 61 21.90 -30.52 25.24
N ALA C 62 21.85 -29.28 25.72
CA ALA C 62 21.93 -29.00 27.15
C ALA C 62 20.74 -29.61 27.89
N LEU C 63 19.57 -29.59 27.23
CA LEU C 63 18.34 -30.09 27.83
C LEU C 63 18.43 -31.59 28.12
N MET C 64 19.09 -32.32 27.23
CA MET C 64 19.30 -33.76 27.41
C MET C 64 19.99 -34.08 28.73
N HIS C 65 21.04 -33.32 29.04
CA HIS C 65 21.85 -33.62 30.21
C HIS C 65 21.18 -33.18 31.51
N TYR C 66 20.42 -32.08 31.45
CA TYR C 66 19.62 -31.66 32.60
C TYR C 66 18.61 -32.75 32.96
N LYS C 67 18.01 -33.36 31.95
CA LYS C 67 17.02 -34.42 32.17
C LYS C 67 17.68 -35.66 32.80
N GLU C 68 18.89 -35.98 32.34
CA GLU C 68 19.65 -37.08 32.94
C GLU C 68 19.94 -36.79 34.40
N ALA C 69 20.43 -35.59 34.69
CA ALA C 69 20.78 -35.21 36.05
C ALA C 69 19.60 -35.37 37.01
N ILE C 70 18.43 -34.90 36.60
CA ILE C 70 17.26 -34.92 37.49
C ILE C 70 16.67 -36.31 37.69
N ARG C 71 16.92 -37.22 36.74
CA ARG C 71 16.45 -38.58 36.89
C ARG C 71 17.31 -39.32 37.91
N ILE C 72 18.62 -39.14 37.80
CA ILE C 72 19.59 -39.77 38.69
C ILE C 72 19.38 -39.27 40.11
N SER C 73 19.16 -37.97 40.24
CA SER C 73 18.89 -37.35 41.54
C SER C 73 17.59 -36.54 41.48
N PRO C 74 16.51 -37.11 42.03
CA PRO C 74 15.19 -36.45 42.03
C PRO C 74 15.10 -35.26 42.96
N THR C 75 16.13 -35.04 43.78
CA THR C 75 16.14 -33.91 44.70
C THR C 75 17.08 -32.82 44.22
N PHE C 76 17.56 -32.97 42.98
CA PHE C 76 18.54 -32.04 42.41
C PHE C 76 17.86 -30.74 42.02
N ALA C 77 17.55 -29.91 43.02
CA ALA C 77 16.81 -28.67 42.79
C ALA C 77 17.57 -27.72 41.87
N ASP C 78 18.90 -27.68 42.03
CA ASP C 78 19.73 -26.78 41.23
C ASP C 78 19.63 -27.10 39.75
N ALA C 79 19.49 -28.39 39.44
CA ALA C 79 19.36 -28.83 38.05
C ALA C 79 18.02 -28.44 37.47
N TYR C 80 16.96 -28.61 38.25
CA TYR C 80 15.63 -28.14 37.83
C TYR C 80 15.64 -26.65 37.52
N SER C 81 16.31 -25.88 38.38
CA SER C 81 16.37 -24.44 38.21
C SER C 81 17.11 -24.09 36.93
N ASN C 82 18.29 -24.70 36.75
CA ASN C 82 19.09 -24.42 35.58
C ASN C 82 18.43 -24.90 34.30
N MET C 83 17.69 -25.99 34.39
CA MET C 83 16.94 -26.49 33.24
C MET C 83 15.85 -25.47 32.88
N GLY C 84 15.26 -24.84 33.89
CA GLY C 84 14.28 -23.80 33.67
C GLY C 84 14.89 -22.65 32.88
N ASN C 85 16.11 -22.26 33.26
CA ASN C 85 16.84 -21.22 32.54
C ASN C 85 17.01 -21.54 31.06
N THR C 86 17.33 -22.81 30.77
CA THR C 86 17.49 -23.25 29.39
C THR C 86 16.17 -23.18 28.62
N LEU C 87 15.08 -23.62 29.24
CA LEU C 87 13.76 -23.56 28.60
C LEU C 87 13.30 -22.13 28.35
N LYS C 88 13.59 -21.26 29.31
CA LYS C 88 13.32 -19.83 29.14
C LYS C 88 14.01 -19.30 27.89
N GLU C 89 15.27 -19.68 27.70
CA GLU C 89 16.05 -19.22 26.55
C GLU C 89 15.57 -19.83 25.23
N MET C 90 14.94 -21.00 25.30
CA MET C 90 14.32 -21.63 24.13
C MET C 90 12.92 -21.09 23.89
N GLN C 91 12.51 -20.14 24.73
CA GLN C 91 11.19 -19.50 24.67
C GLN C 91 10.04 -20.41 25.10
N ASP C 92 10.36 -21.46 25.85
CA ASP C 92 9.35 -22.29 26.46
C ASP C 92 9.10 -21.78 27.86
N VAL C 93 8.19 -20.82 27.96
CA VAL C 93 7.95 -20.10 29.20
C VAL C 93 7.21 -20.96 30.24
N GLN C 94 6.20 -21.68 29.79
CA GLN C 94 5.45 -22.57 30.69
C GLN C 94 6.38 -23.63 31.27
N GLY C 95 7.23 -24.17 30.41
CA GLY C 95 8.18 -25.20 30.80
C GLY C 95 9.14 -24.69 31.85
N ALA C 96 9.69 -23.51 31.61
CA ALA C 96 10.61 -22.88 32.55
C ALA C 96 9.92 -22.71 33.89
N LEU C 97 8.69 -22.20 33.86
CA LEU C 97 7.93 -22.01 35.09
C LEU C 97 7.73 -23.32 35.83
N GLN C 98 7.44 -24.40 35.10
CA GLN C 98 7.26 -25.70 35.72
C GLN C 98 8.53 -26.16 36.43
N CYS C 99 9.68 -25.97 35.78
CA CYS C 99 10.97 -26.29 36.39
C CYS C 99 11.24 -25.49 37.65
N TYR C 100 11.04 -24.17 37.59
CA TYR C 100 11.31 -23.34 38.76
C TYR C 100 10.39 -23.75 39.91
N THR C 101 9.15 -24.05 39.57
CA THR C 101 8.16 -24.51 40.55
C THR C 101 8.60 -25.79 41.24
N ARG C 102 9.10 -26.75 40.45
CA ARG C 102 9.60 -28.00 41.02
C ARG C 102 10.79 -27.71 41.94
N ALA C 103 11.67 -26.81 41.52
CA ALA C 103 12.84 -26.47 42.33
C ALA C 103 12.44 -25.96 43.72
N ILE C 104 11.46 -25.06 43.75
CA ILE C 104 10.99 -24.45 44.99
C ILE C 104 10.25 -25.47 45.87
N GLN C 105 9.60 -26.42 45.23
CA GLN C 105 8.91 -27.48 45.97
C GLN C 105 9.91 -28.42 46.64
N ILE C 106 10.97 -28.75 45.91
CA ILE C 106 12.04 -29.59 46.43
C ILE C 106 12.79 -28.89 47.56
N ASN C 107 13.06 -27.60 47.36
CA ASN C 107 13.77 -26.80 48.34
C ASN C 107 13.16 -25.40 48.44
N PRO C 108 12.24 -25.21 49.38
CA PRO C 108 11.55 -23.92 49.57
C PRO C 108 12.52 -22.78 49.88
N ALA C 109 13.70 -23.12 50.37
CA ALA C 109 14.69 -22.11 50.76
C ALA C 109 15.63 -21.75 49.61
N PHE C 110 15.30 -22.21 48.41
CA PHE C 110 16.16 -21.99 47.24
C PHE C 110 15.94 -20.60 46.68
N ALA C 111 16.77 -19.65 47.11
CA ALA C 111 16.63 -18.24 46.73
C ALA C 111 16.66 -18.02 45.22
N ASP C 112 17.64 -18.62 44.55
CA ASP C 112 17.78 -18.47 43.10
C ASP C 112 16.52 -18.87 42.34
N ALA C 113 15.87 -19.95 42.79
CA ALA C 113 14.67 -20.42 42.10
C ALA C 113 13.49 -19.47 42.26
N HIS C 114 13.38 -18.84 43.43
CA HIS C 114 12.34 -17.84 43.65
C HIS C 114 12.56 -16.63 42.76
N SER C 115 13.82 -16.22 42.64
CA SER C 115 14.17 -15.09 41.79
C SER C 115 13.90 -15.42 40.33
N ASN C 116 14.26 -16.64 39.92
CA ASN C 116 14.02 -17.05 38.54
C ASN C 116 12.52 -17.09 38.25
N LEU C 117 11.74 -17.58 39.20
CA LEU C 117 10.28 -17.56 39.05
C LEU C 117 9.74 -16.14 38.94
N ALA C 118 10.26 -15.25 39.78
CA ALA C 118 9.90 -13.84 39.72
C ALA C 118 10.13 -13.25 38.33
N SER C 119 11.27 -13.59 37.74
CA SER C 119 11.60 -13.11 36.40
C SER C 119 10.58 -13.56 35.34
N ILE C 120 10.06 -14.78 35.49
CA ILE C 120 9.00 -15.27 34.60
C ILE C 120 7.74 -14.44 34.77
N HIS C 121 7.40 -14.13 36.01
CA HIS C 121 6.23 -13.30 36.29
C HIS C 121 6.45 -11.89 35.74
N LYS C 122 7.66 -11.38 35.91
CA LYS C 122 8.03 -10.05 35.44
C LYS C 122 7.92 -9.96 33.92
N ASP C 123 8.47 -10.94 33.22
CA ASP C 123 8.47 -10.90 31.75
C ASP C 123 7.06 -11.13 31.20
N SER C 124 6.21 -11.75 32.01
CA SER C 124 4.83 -12.03 31.63
C SER C 124 3.91 -10.84 31.93
N GLY C 125 4.45 -9.80 32.58
CA GLY C 125 3.66 -8.62 32.90
C GLY C 125 2.93 -8.69 34.23
N ASN C 126 3.15 -9.77 35.00
CA ASN C 126 2.56 -9.90 36.32
C ASN C 126 3.48 -9.32 37.41
N ILE C 127 3.58 -7.99 37.44
CA ILE C 127 4.49 -7.33 38.36
C ILE C 127 4.24 -7.61 39.87
N PRO C 128 2.97 -7.59 40.32
CA PRO C 128 2.76 -7.87 41.75
C PRO C 128 3.27 -9.26 42.17
N GLU C 129 3.04 -10.26 41.34
CA GLU C 129 3.55 -11.60 41.60
C GLU C 129 5.06 -11.66 41.49
N ALA C 130 5.63 -10.91 40.54
CA ALA C 130 7.07 -10.79 40.43
C ALA C 130 7.69 -10.14 41.68
N ILE C 131 7.10 -9.02 42.13
CA ILE C 131 7.54 -8.39 43.37
C ILE C 131 7.48 -9.35 44.56
N ALA C 132 6.39 -10.13 44.64
CA ALA C 132 6.20 -11.07 45.74
C ALA C 132 7.28 -12.15 45.77
N SER C 133 7.61 -12.69 44.60
CA SER C 133 8.63 -13.73 44.52
C SER C 133 10.05 -13.18 44.73
N TYR C 134 10.32 -11.97 44.26
CA TYR C 134 11.63 -11.34 44.50
C TYR C 134 11.86 -11.03 45.97
N ARG C 135 10.80 -10.64 46.68
CA ARG C 135 10.92 -10.34 48.11
C ARG C 135 11.17 -11.63 48.90
N THR C 136 10.55 -12.71 48.46
CA THR C 136 10.83 -14.00 49.08
C THR C 136 12.32 -14.36 48.92
N ALA C 137 12.86 -14.14 47.72
CA ALA C 137 14.25 -14.48 47.40
C ALA C 137 15.24 -13.68 48.25
N LEU C 138 14.90 -12.42 48.50
CA LEU C 138 15.73 -11.55 49.32
C LEU C 138 15.54 -11.81 50.80
N LYS C 139 14.38 -12.34 51.16
CA LYS C 139 14.12 -12.75 52.54
C LYS C 139 15.00 -13.96 52.84
N LEU C 140 15.03 -14.89 51.88
CA LEU C 140 15.89 -16.07 51.97
C LEU C 140 17.38 -15.75 51.84
N LYS C 141 17.72 -14.83 50.94
CA LYS C 141 19.11 -14.44 50.74
C LYS C 141 19.24 -12.92 50.61
N PRO C 142 19.44 -12.23 51.75
CA PRO C 142 19.52 -10.77 51.85
C PRO C 142 20.53 -10.15 50.87
N ASP C 143 21.67 -10.80 50.66
CA ASP C 143 22.67 -10.34 49.72
C ASP C 143 22.49 -11.09 48.41
N PHE C 144 21.77 -10.46 47.48
CA PHE C 144 21.34 -11.09 46.23
C PHE C 144 21.15 -9.99 45.19
N PRO C 145 22.25 -9.53 44.58
CA PRO C 145 22.23 -8.38 43.66
C PRO C 145 21.24 -8.53 42.51
N ASP C 146 21.19 -9.69 41.86
CA ASP C 146 20.25 -9.88 40.75
C ASP C 146 18.81 -9.63 41.21
N ALA C 147 18.43 -10.24 42.33
CA ALA C 147 17.06 -10.13 42.80
C ALA C 147 16.73 -8.72 43.27
N TYR C 148 17.68 -8.06 43.93
CA TYR C 148 17.43 -6.70 44.40
C TYR C 148 17.23 -5.74 43.23
N CYS C 149 18.12 -5.82 42.24
CA CYS C 149 18.06 -4.90 41.11
C CYS C 149 16.84 -5.16 40.24
N ASN C 150 16.47 -6.44 40.10
CA ASN C 150 15.27 -6.77 39.34
C ASN C 150 14.03 -6.32 40.08
N LEU C 151 14.07 -6.41 41.40
CA LEU C 151 12.97 -5.92 42.22
C LEU C 151 12.86 -4.40 42.10
N ALA C 152 14.00 -3.72 42.09
CA ALA C 152 14.00 -2.25 41.94
C ALA C 152 13.35 -1.84 40.63
N HIS C 153 13.58 -2.61 39.56
CA HIS C 153 12.97 -2.27 38.28
C HIS C 153 11.45 -2.50 38.29
N CYS C 154 11.02 -3.60 38.88
CA CYS C 154 9.58 -3.83 39.09
C CYS C 154 8.94 -2.65 39.82
N LEU C 155 9.56 -2.22 40.91
CA LEU C 155 9.03 -1.12 41.70
C LEU C 155 8.94 0.16 40.88
N GLN C 156 9.94 0.39 40.03
CA GLN C 156 9.93 1.55 39.16
C GLN C 156 8.75 1.52 38.18
N ILE C 157 8.51 0.33 37.61
CA ILE C 157 7.45 0.13 36.63
C ILE C 157 6.08 0.50 37.18
N VAL C 158 5.85 0.22 38.45
CA VAL C 158 4.55 0.50 39.05
C VAL C 158 4.54 1.73 39.97
N CYS C 159 5.63 2.49 39.94
CA CYS C 159 5.75 3.71 40.75
C CYS C 159 5.59 3.46 42.24
N ASP C 160 6.20 2.39 42.72
CA ASP C 160 6.32 2.16 44.15
C ASP C 160 7.63 2.78 44.57
N TRP C 161 7.55 3.87 45.31
CA TRP C 161 8.73 4.61 45.73
C TRP C 161 8.98 4.48 47.24
N THR C 162 8.61 3.33 47.81
CA THR C 162 8.91 3.09 49.22
C THR C 162 10.42 3.07 49.42
N ASP C 163 10.92 3.84 50.39
CA ASP C 163 12.36 3.91 50.67
C ASP C 163 13.19 4.21 49.43
N TYR C 164 12.66 5.10 48.58
CA TYR C 164 13.25 5.32 47.26
C TYR C 164 14.70 5.79 47.31
N ASP C 165 14.98 6.80 48.12
CA ASP C 165 16.33 7.34 48.22
C ASP C 165 17.34 6.29 48.69
N GLU C 166 16.94 5.48 49.67
CA GLU C 166 17.82 4.42 50.16
C GLU C 166 17.96 3.33 49.12
N ARG C 167 16.88 3.06 48.41
CA ARG C 167 16.89 2.07 47.32
C ARG C 167 17.90 2.48 46.25
N MET C 168 17.90 3.77 45.89
CA MET C 168 18.82 4.27 44.87
C MET C 168 20.27 4.15 45.33
N LYS C 169 20.54 4.46 46.60
CA LYS C 169 21.90 4.36 47.13
C LYS C 169 22.41 2.91 47.11
N LYS C 170 21.53 1.98 47.41
CA LYS C 170 21.91 0.57 47.42
C LYS C 170 22.26 0.07 46.02
N LEU C 171 21.46 0.47 45.03
CA LEU C 171 21.69 0.12 43.63
C LEU C 171 23.07 0.59 43.17
N VAL C 172 23.40 1.84 43.49
CA VAL C 172 24.70 2.38 43.15
C VAL C 172 25.80 1.60 43.85
N SER C 173 25.56 1.28 45.12
CA SER C 173 26.50 0.52 45.93
CA SER C 173 26.51 0.52 45.92
C SER C 173 26.74 -0.87 45.35
N ILE C 174 25.66 -1.52 44.91
CA ILE C 174 25.73 -2.85 44.31
C ILE C 174 26.53 -2.84 43.03
N VAL C 175 26.22 -1.89 42.15
CA VAL C 175 26.92 -1.75 40.88
C VAL C 175 28.41 -1.51 41.11
N ALA C 176 28.72 -0.60 42.04
CA ALA C 176 30.11 -0.30 42.37
C ALA C 176 30.88 -1.56 42.79
N ASP C 177 30.24 -2.40 43.60
CA ASP C 177 30.86 -3.62 44.10
C ASP C 177 31.09 -4.61 42.97
N GLN C 178 30.07 -4.77 42.12
CA GLN C 178 30.15 -5.73 41.02
C GLN C 178 31.22 -5.32 40.01
N LEU C 179 31.30 -4.03 39.72
CA LEU C 179 32.34 -3.52 38.82
C LEU C 179 33.74 -3.78 39.39
N GLU C 180 33.87 -3.61 40.71
CA GLU C 180 35.14 -3.84 41.38
C GLU C 180 35.55 -5.30 41.31
N LYS C 181 34.59 -6.18 41.54
CA LYS C 181 34.87 -7.61 41.63
C LYS C 181 34.83 -8.27 40.26
N ASN C 182 34.77 -7.45 39.21
CA ASN C 182 34.80 -7.92 37.82
C ASN C 182 33.67 -8.91 37.51
N ARG C 183 32.44 -8.51 37.80
CA ARG C 183 31.27 -9.32 37.48
C ARG C 183 30.27 -8.49 36.69
N LEU C 184 29.46 -9.15 35.88
CA LEU C 184 28.44 -8.47 35.10
C LEU C 184 27.43 -7.84 36.05
N PRO C 185 27.28 -6.51 35.99
CA PRO C 185 26.40 -5.80 36.92
C PRO C 185 24.96 -6.27 36.82
N SER C 186 24.26 -6.24 37.96
CA SER C 186 22.87 -6.69 38.02
C SER C 186 21.90 -5.64 37.47
N VAL C 187 22.41 -4.43 37.25
CA VAL C 187 21.62 -3.38 36.60
C VAL C 187 21.84 -3.44 35.09
N HIS C 188 20.74 -3.57 34.34
CA HIS C 188 20.81 -3.64 32.88
C HIS C 188 21.17 -2.26 32.34
N PRO C 189 22.02 -2.20 31.30
CA PRO C 189 22.42 -0.90 30.75
C PRO C 189 21.24 -0.06 30.28
N HIS C 190 20.20 -0.69 29.76
CA HIS C 190 19.01 0.07 29.35
C HIS C 190 18.34 0.74 30.55
N HIS C 191 18.37 0.07 31.69
CA HIS C 191 17.72 0.59 32.89
C HIS C 191 18.60 1.59 33.64
N SER C 192 19.89 1.61 33.32
CA SER C 192 20.86 2.40 34.09
C SER C 192 20.57 3.90 34.04
N MET C 193 19.85 4.32 33.01
CA MET C 193 19.42 5.71 32.88
C MET C 193 18.46 6.16 33.99
N LEU C 194 17.86 5.21 34.69
CA LEU C 194 16.81 5.52 35.66
C LEU C 194 17.34 5.76 37.08
N TYR C 195 18.61 5.44 37.30
CA TYR C 195 19.19 5.46 38.63
C TYR C 195 20.34 6.47 38.66
N PRO C 196 20.62 7.05 39.85
CA PRO C 196 21.62 8.12 39.92
C PRO C 196 23.07 7.61 39.86
N LEU C 197 23.33 6.74 38.90
CA LEU C 197 24.67 6.24 38.63
C LEU C 197 25.51 7.30 37.91
N SER C 198 26.81 7.31 38.16
CA SER C 198 27.69 8.23 37.47
C SER C 198 27.76 7.87 36.00
N HIS C 199 28.10 8.83 35.15
CA HIS C 199 28.24 8.55 33.73
CA HIS C 199 28.24 8.56 33.72
C HIS C 199 29.30 7.49 33.49
N GLY C 200 30.33 7.49 34.33
CA GLY C 200 31.38 6.49 34.26
C GLY C 200 30.85 5.10 34.55
N PHE C 201 29.98 4.98 35.56
CA PHE C 201 29.37 3.70 35.89
C PHE C 201 28.45 3.22 34.77
N ARG C 202 27.70 4.14 34.18
CA ARG C 202 26.76 3.76 33.14
C ARG C 202 27.51 3.23 31.91
N LYS C 203 28.60 3.89 31.56
CA LYS C 203 29.42 3.43 30.44
C LYS C 203 30.05 2.08 30.76
N ALA C 204 30.52 1.92 31.99
CA ALA C 204 31.17 0.67 32.41
C ALA C 204 30.21 -0.51 32.38
N ILE C 205 28.96 -0.28 32.80
CA ILE C 205 27.93 -1.31 32.73
C ILE C 205 27.72 -1.75 31.29
N ALA C 206 27.64 -0.76 30.39
CA ALA C 206 27.45 -1.03 28.98
C ALA C 206 28.64 -1.78 28.38
N GLU C 207 29.84 -1.33 28.73
CA GLU C 207 31.08 -1.96 28.27
C GLU C 207 31.13 -3.45 28.61
N ARG C 208 30.60 -3.81 29.77
CA ARG C 208 30.60 -5.19 30.22
C ARG C 208 29.70 -6.04 29.33
N HIS C 209 28.58 -5.47 28.93
CA HIS C 209 27.68 -6.14 27.99
C HIS C 209 28.29 -6.24 26.61
N GLY C 210 29.06 -5.23 26.22
CA GLY C 210 29.80 -5.27 24.97
C GLY C 210 30.81 -6.40 25.00
N ASN C 211 31.52 -6.54 26.12
CA ASN C 211 32.51 -7.60 26.27
C ASN C 211 31.89 -8.99 26.29
N LEU C 212 30.66 -9.09 26.77
CA LEU C 212 29.90 -10.34 26.72
C LEU C 212 29.74 -10.81 25.28
N CYS C 213 29.38 -9.90 24.38
CA CYS C 213 29.24 -10.23 22.97
C CYS C 213 30.57 -10.70 22.38
N LEU C 214 31.66 -10.01 22.72
CA LEU C 214 32.99 -10.37 22.23
C LEU C 214 33.39 -11.78 22.69
N ASP C 215 33.11 -12.11 23.94
CA ASP C 215 33.42 -13.43 24.46
C ASP C 215 32.68 -14.52 23.69
N LYS C 216 31.45 -14.21 23.28
CA LYS C 216 30.62 -15.20 22.59
C LYS C 216 31.07 -15.46 21.16
N ILE C 217 31.64 -14.44 20.51
CA ILE C 217 32.10 -14.62 19.13
C ILE C 217 33.56 -15.07 19.05
N ASN C 218 34.33 -14.81 20.11
CA ASN C 218 35.73 -15.24 20.14
C ASN C 218 35.88 -16.76 20.05
N VAL C 219 34.87 -17.47 20.53
CA VAL C 219 34.89 -18.94 20.51
C VAL C 219 34.69 -19.48 19.10
N LEU C 220 34.24 -18.63 18.18
CA LEU C 220 34.08 -19.02 16.79
C LEU C 220 35.44 -18.99 16.09
N HIS C 221 36.40 -18.32 16.72
CA HIS C 221 37.76 -18.19 16.20
C HIS C 221 37.81 -17.72 14.75
N LYS C 222 36.89 -16.83 14.40
CA LYS C 222 36.84 -16.28 13.05
C LYS C 222 37.88 -15.18 12.90
N PRO C 223 38.55 -15.14 11.75
CA PRO C 223 39.55 -14.10 11.49
C PRO C 223 38.85 -12.78 11.25
N PRO C 224 39.59 -11.65 11.36
CA PRO C 224 38.98 -10.37 11.00
C PRO C 224 38.63 -10.35 9.52
N TYR C 225 37.53 -9.68 9.18
CA TYR C 225 37.08 -9.63 7.80
C TYR C 225 37.91 -8.63 6.98
N GLU C 226 38.08 -8.94 5.70
CA GLU C 226 38.65 -7.99 4.76
C GLU C 226 37.53 -7.05 4.33
N HIS C 227 37.72 -5.76 4.54
CA HIS C 227 36.68 -4.78 4.26
C HIS C 227 36.94 -4.08 2.92
N PRO C 228 35.87 -3.58 2.27
CA PRO C 228 36.05 -2.80 1.04
C PRO C 228 36.86 -1.53 1.31
N LYS C 229 37.71 -1.14 0.36
CA LYS C 229 38.52 0.07 0.53
C LYS C 229 38.02 1.22 -0.35
N ASP C 230 37.03 0.94 -1.18
CA ASP C 230 36.48 1.92 -2.09
C ASP C 230 35.06 1.54 -2.49
N LEU C 231 34.48 2.30 -3.41
CA LEU C 231 33.10 2.07 -3.83
C LEU C 231 33.02 1.51 -5.25
N LYS C 232 34.16 1.07 -5.78
CA LYS C 232 34.24 0.61 -7.17
C LYS C 232 33.37 -0.61 -7.47
N LEU C 233 33.38 -1.59 -6.56
CA LEU C 233 32.60 -2.81 -6.77
C LEU C 233 31.11 -2.55 -6.65
N SER C 234 30.75 -1.46 -5.98
CA SER C 234 29.35 -1.13 -5.79
C SER C 234 28.91 -0.01 -6.73
N ASP C 235 29.66 0.16 -7.81
CA ASP C 235 29.36 1.18 -8.82
C ASP C 235 29.20 2.58 -8.24
N GLY C 236 30.05 2.93 -7.29
CA GLY C 236 30.07 4.26 -6.71
C GLY C 236 29.06 4.47 -5.59
N ARG C 237 28.31 3.43 -5.26
CA ARG C 237 27.27 3.52 -4.24
C ARG C 237 27.79 3.07 -2.89
N LEU C 238 27.38 3.77 -1.83
CA LEU C 238 27.71 3.37 -0.47
C LEU C 238 26.69 2.34 0.00
N ARG C 239 27.18 1.16 0.37
CA ARG C 239 26.30 0.09 0.81
C ARG C 239 26.03 0.21 2.30
N VAL C 240 24.78 0.52 2.64
CA VAL C 240 24.42 0.74 4.03
C VAL C 240 23.49 -0.38 4.50
N GLY C 241 23.84 -0.99 5.63
CA GLY C 241 23.04 -2.06 6.18
C GLY C 241 22.36 -1.65 7.48
N TYR C 242 21.03 -1.71 7.49
CA TYR C 242 20.25 -1.40 8.69
C TYR C 242 19.88 -2.70 9.39
N VAL C 243 20.35 -2.86 10.62
CA VAL C 243 20.14 -4.10 11.36
C VAL C 243 19.18 -3.87 12.52
N SER C 244 18.04 -4.55 12.48
CA SER C 244 17.01 -4.33 13.48
C SER C 244 16.12 -5.55 13.72
N SER C 245 15.78 -5.76 14.99
CA SER C 245 14.79 -6.75 15.35
C SER C 245 13.38 -6.18 15.28
N ASP C 246 13.27 -4.90 14.91
CA ASP C 246 11.98 -4.22 14.99
C ASP C 246 11.45 -3.66 13.67
N PHE C 247 11.70 -4.37 12.58
CA PHE C 247 11.06 -4.05 11.32
C PHE C 247 9.69 -4.72 11.34
N GLY C 248 8.68 -3.97 11.75
CA GLY C 248 7.34 -4.49 11.95
C GLY C 248 6.60 -3.56 12.88
N ASN C 249 5.61 -4.06 13.61
CA ASN C 249 4.83 -3.20 14.50
C ASN C 249 5.60 -2.91 15.79
N HIS C 250 6.34 -1.80 15.78
CA HIS C 250 7.18 -1.40 16.91
C HIS C 250 7.54 0.07 16.70
N PRO C 251 7.71 0.84 17.79
CA PRO C 251 8.05 2.27 17.67
C PRO C 251 9.17 2.53 16.66
N THR C 252 10.17 1.66 16.58
CA THR C 252 11.28 1.87 15.67
C THR C 252 10.80 2.05 14.22
N SER C 253 9.94 1.14 13.76
CA SER C 253 9.39 1.29 12.41
C SER C 253 8.42 2.46 12.30
N HIS C 254 7.71 2.77 13.39
CA HIS C 254 6.80 3.92 13.40
C HIS C 254 7.57 5.22 13.21
N LEU C 255 8.88 5.19 13.48
CA LEU C 255 9.72 6.37 13.33
C LEU C 255 10.42 6.40 11.99
N MET C 256 10.95 5.25 11.55
CA MET C 256 11.84 5.27 10.39
C MET C 256 11.44 4.44 9.17
N GLN C 257 10.20 3.94 9.13
CA GLN C 257 9.81 3.07 8.02
C GLN C 257 9.96 3.69 6.63
N SER C 258 9.96 5.02 6.54
CA SER C 258 10.05 5.67 5.23
C SER C 258 11.50 5.89 4.76
N ILE C 259 12.44 5.82 5.69
CA ILE C 259 13.84 6.15 5.39
C ILE C 259 14.52 5.28 4.32
N PRO C 260 14.42 3.94 4.43
CA PRO C 260 15.06 3.12 3.39
C PRO C 260 14.60 3.48 1.98
N GLY C 261 13.30 3.72 1.80
CA GLY C 261 12.76 4.07 0.49
C GLY C 261 13.13 5.46 0.03
N MET C 262 13.62 6.29 0.93
CA MET C 262 13.99 7.65 0.57
C MET C 262 15.47 7.84 0.27
N HIS C 263 16.26 6.80 0.47
CA HIS C 263 17.68 6.87 0.11
C HIS C 263 17.86 7.08 -1.40
N ASN C 264 18.85 7.86 -1.76
CA ASN C 264 19.17 8.16 -3.15
C ASN C 264 19.83 6.95 -3.80
N PRO C 265 19.15 6.32 -4.77
CA PRO C 265 19.69 5.10 -5.36
C PRO C 265 20.95 5.32 -6.20
N ASP C 266 21.22 6.55 -6.62
CA ASP C 266 22.42 6.86 -7.38
C ASP C 266 23.68 6.80 -6.51
N LYS C 267 23.51 6.97 -5.21
CA LYS C 267 24.68 7.06 -4.33
C LYS C 267 24.65 6.05 -3.19
N PHE C 268 23.50 5.42 -2.99
CA PHE C 268 23.35 4.48 -1.88
C PHE C 268 22.65 3.20 -2.30
N GLU C 269 23.09 2.09 -1.71
CA GLU C 269 22.42 0.82 -1.87
C GLU C 269 22.04 0.34 -0.48
N VAL C 270 20.74 0.16 -0.24
CA VAL C 270 20.23 -0.06 1.09
C VAL C 270 19.92 -1.52 1.35
N PHE C 271 20.51 -2.05 2.41
CA PHE C 271 20.29 -3.43 2.81
C PHE C 271 19.64 -3.40 4.19
N CYS C 272 18.48 -4.01 4.32
CA CYS C 272 17.88 -4.17 5.64
C CYS C 272 18.02 -5.61 6.13
N TYR C 273 18.56 -5.76 7.34
CA TYR C 273 18.77 -7.06 7.95
C TYR C 273 17.82 -7.20 9.14
N ALA C 274 16.78 -8.00 8.95
CA ALA C 274 15.78 -8.19 9.98
C ALA C 274 16.21 -9.29 10.95
N LEU C 275 16.12 -9.00 12.25
CA LEU C 275 16.45 -9.99 13.26
C LEU C 275 15.21 -10.72 13.76
N SER C 276 14.05 -10.31 13.26
CA SER C 276 12.78 -10.91 13.66
C SER C 276 12.06 -11.45 12.44
N PRO C 277 11.23 -12.48 12.63
CA PRO C 277 10.40 -12.95 11.52
C PRO C 277 9.34 -11.92 11.13
N ASP C 278 8.75 -12.11 9.96
CA ASP C 278 7.70 -11.24 9.44
C ASP C 278 6.46 -11.32 10.33
N ASP C 279 6.03 -10.18 10.87
CA ASP C 279 4.88 -10.17 11.77
C ASP C 279 3.54 -9.92 11.08
N GLY C 280 3.57 -9.84 9.75
CA GLY C 280 2.37 -9.67 8.95
C GLY C 280 1.84 -8.24 8.81
N THR C 281 2.51 -7.28 9.44
CA THR C 281 2.03 -5.89 9.44
C THR C 281 2.53 -5.09 8.23
N ASN C 282 1.86 -3.98 7.93
CA ASN C 282 2.24 -3.14 6.80
C ASN C 282 3.59 -2.47 6.99
N PHE C 283 4.03 -2.34 8.23
CA PHE C 283 5.33 -1.75 8.51
C PHE C 283 6.42 -2.62 7.91
N ARG C 284 6.32 -3.92 8.14
CA ARG C 284 7.26 -4.87 7.56
C ARG C 284 7.15 -4.85 6.03
N VAL C 285 5.92 -4.85 5.54
CA VAL C 285 5.69 -4.82 4.09
C VAL C 285 6.43 -3.66 3.43
N LYS C 286 6.31 -2.48 4.01
CA LYS C 286 6.88 -1.27 3.43
C LYS C 286 8.40 -1.34 3.34
N VAL C 287 9.04 -1.75 4.43
CA VAL C 287 10.49 -1.82 4.44
C VAL C 287 11.00 -2.89 3.47
N MET C 288 10.33 -4.03 3.42
CA MET C 288 10.72 -5.08 2.48
C MET C 288 10.54 -4.62 1.04
N ALA C 289 9.53 -3.80 0.80
CA ALA C 289 9.23 -3.34 -0.57
C ALA C 289 10.14 -2.21 -1.04
N GLU C 290 10.68 -1.43 -0.11
CA GLU C 290 11.37 -0.20 -0.48
C GLU C 290 12.90 -0.26 -0.32
N ALA C 291 13.38 -1.15 0.53
CA ALA C 291 14.82 -1.38 0.62
C ALA C 291 15.29 -2.01 -0.69
N ASN C 292 16.53 -1.76 -1.07
CA ASN C 292 17.07 -2.40 -2.27
C ASN C 292 17.20 -3.90 -2.03
N HIS C 293 17.56 -4.26 -0.80
CA HIS C 293 17.65 -5.66 -0.41
C HIS C 293 17.12 -5.85 0.99
N PHE C 294 16.37 -6.93 1.19
CA PHE C 294 15.88 -7.28 2.52
C PHE C 294 16.29 -8.70 2.87
N ILE C 295 16.99 -8.85 3.99
CA ILE C 295 17.53 -10.14 4.38
C ILE C 295 16.98 -10.54 5.75
N ASP C 296 16.32 -11.70 5.80
CA ASP C 296 15.76 -12.17 7.05
C ASP C 296 16.80 -12.99 7.81
N LEU C 297 17.48 -12.35 8.77
CA LEU C 297 18.50 -13.04 9.55
C LEU C 297 17.91 -13.89 10.67
N SER C 298 16.60 -13.75 10.90
CA SER C 298 15.93 -14.57 11.89
C SER C 298 15.98 -16.04 11.47
N GLN C 299 16.20 -16.28 10.18
CA GLN C 299 16.34 -17.63 9.64
C GLN C 299 17.78 -18.14 9.72
N ILE C 300 18.68 -17.29 10.21
CA ILE C 300 20.08 -17.67 10.35
C ILE C 300 20.55 -17.44 11.79
N PRO C 301 20.28 -18.40 12.67
CA PRO C 301 20.57 -18.32 14.12
C PRO C 301 22.06 -18.16 14.45
N CYS C 302 22.94 -18.76 13.65
CA CYS C 302 24.38 -18.67 13.91
C CYS C 302 24.91 -17.27 13.61
N ASN C 303 25.48 -16.62 14.61
CA ASN C 303 26.00 -15.27 14.43
C ASN C 303 27.18 -15.19 13.46
N GLY C 304 27.94 -16.28 13.36
CA GLY C 304 29.03 -16.36 12.41
C GLY C 304 28.55 -16.42 10.97
N LYS C 305 27.57 -17.28 10.71
CA LYS C 305 26.98 -17.38 9.38
C LYS C 305 26.24 -16.09 9.00
N ALA C 306 25.55 -15.49 9.96
CA ALA C 306 24.85 -14.25 9.69
C ALA C 306 25.83 -13.11 9.39
N ALA C 307 26.92 -13.06 10.13
CA ALA C 307 27.96 -12.06 9.88
C ALA C 307 28.61 -12.26 8.52
N ASP C 308 28.82 -13.52 8.13
CA ASP C 308 29.38 -13.82 6.82
C ASP C 308 28.46 -13.28 5.74
N ARG C 309 27.16 -13.39 5.97
CA ARG C 309 26.17 -12.94 5.00
C ARG C 309 26.24 -11.45 4.80
N ILE C 310 26.33 -10.70 5.91
CA ILE C 310 26.48 -9.26 5.85
C ILE C 310 27.75 -8.87 5.10
N HIS C 311 28.85 -9.54 5.43
CA HIS C 311 30.13 -9.25 4.80
C HIS C 311 30.10 -9.57 3.32
N GLN C 312 29.41 -10.66 2.97
CA GLN C 312 29.27 -11.07 1.58
C GLN C 312 28.57 -9.99 0.75
N ASP C 313 27.66 -9.27 1.38
CA ASP C 313 26.91 -8.21 0.70
C ASP C 313 27.77 -6.96 0.49
N GLY C 314 28.94 -6.92 1.12
CA GLY C 314 29.88 -5.84 0.92
C GLY C 314 29.51 -4.53 1.61
N ILE C 315 28.83 -4.63 2.75
CA ILE C 315 28.38 -3.47 3.51
C ILE C 315 29.54 -2.54 3.90
N HIS C 316 29.38 -1.24 3.65
CA HIS C 316 30.38 -0.25 4.04
C HIS C 316 30.07 0.29 5.44
N ILE C 317 28.80 0.60 5.67
CA ILE C 317 28.37 1.10 6.98
C ILE C 317 27.24 0.23 7.52
N LEU C 318 27.48 -0.39 8.67
CA LEU C 318 26.47 -1.25 9.29
C LEU C 318 25.86 -0.54 10.48
N VAL C 319 24.54 -0.43 10.50
CA VAL C 319 23.86 0.41 11.47
C VAL C 319 23.12 -0.41 12.54
N ASN C 320 23.56 -0.24 13.77
CA ASN C 320 22.97 -0.93 14.91
C ASN C 320 21.76 -0.17 15.43
N MET C 321 20.56 -0.70 15.15
CA MET C 321 19.32 -0.05 15.58
C MET C 321 18.75 -0.61 16.87
N ASN C 322 19.44 -1.57 17.49
CA ASN C 322 18.96 -2.15 18.74
C ASN C 322 19.71 -1.78 20.02
N GLY C 323 21.03 -1.79 19.95
CA GLY C 323 21.81 -1.68 21.18
C GLY C 323 21.36 -2.77 22.14
N TYR C 324 21.18 -2.44 23.41
CA TYR C 324 20.81 -3.46 24.38
C TYR C 324 19.29 -3.51 24.59
N THR C 325 18.58 -3.83 23.51
CA THR C 325 17.13 -3.95 23.52
C THR C 325 16.70 -5.32 22.99
N LYS C 326 15.45 -5.67 23.25
CA LYS C 326 14.91 -6.99 22.94
C LYS C 326 15.14 -7.39 21.47
N GLY C 327 15.66 -8.59 21.26
CA GLY C 327 15.89 -9.09 19.92
C GLY C 327 17.26 -8.77 19.34
N ALA C 328 18.04 -7.97 20.07
CA ALA C 328 19.38 -7.61 19.63
C ALA C 328 20.28 -8.81 19.37
N ARG C 329 21.13 -8.69 18.36
CA ARG C 329 22.19 -9.65 18.14
C ARG C 329 23.50 -8.89 17.93
N ASN C 330 23.99 -8.28 19.00
CA ASN C 330 25.16 -7.44 18.92
C ASN C 330 26.44 -8.21 18.63
N GLU C 331 26.38 -9.54 18.79
CA GLU C 331 27.44 -10.43 18.35
C GLU C 331 27.79 -10.22 16.88
N LEU C 332 26.79 -9.84 16.07
CA LEU C 332 27.00 -9.53 14.67
C LEU C 332 27.98 -8.38 14.51
N PHE C 333 27.80 -7.34 15.33
CA PHE C 333 28.68 -6.18 15.27
C PHE C 333 30.04 -6.46 15.89
N ALA C 334 30.06 -7.33 16.90
CA ALA C 334 31.31 -7.74 17.54
C ALA C 334 32.25 -8.41 16.56
N LEU C 335 31.69 -9.06 15.54
CA LEU C 335 32.48 -9.73 14.50
C LEU C 335 33.01 -8.76 13.45
N ARG C 336 32.50 -7.52 13.48
CA ARG C 336 32.91 -6.45 12.56
C ARG C 336 32.95 -6.84 11.07
N PRO C 337 31.78 -7.20 10.50
CA PRO C 337 31.73 -7.52 9.07
C PRO C 337 31.83 -6.29 8.18
N ALA C 338 31.70 -5.10 8.77
CA ALA C 338 31.80 -3.85 8.01
C ALA C 338 32.84 -2.92 8.61
N PRO C 339 33.48 -2.07 7.78
CA PRO C 339 34.55 -1.20 8.27
C PRO C 339 34.06 -0.07 9.16
N ILE C 340 32.82 0.38 8.97
CA ILE C 340 32.23 1.40 9.80
C ILE C 340 30.93 0.87 10.40
N GLN C 341 30.80 0.97 11.72
CA GLN C 341 29.59 0.51 12.38
C GLN C 341 29.05 1.60 13.30
N ALA C 342 27.77 1.93 13.15
CA ALA C 342 27.19 3.06 13.86
C ALA C 342 25.92 2.68 14.65
N MET C 343 25.77 3.29 15.83
CA MET C 343 24.56 3.17 16.61
C MET C 343 23.56 4.20 16.11
N TRP C 344 22.30 3.81 15.93
CA TRP C 344 21.31 4.75 15.44
C TRP C 344 19.88 4.48 15.93
N LEU C 345 19.36 5.45 16.67
CA LEU C 345 17.92 5.64 16.88
C LEU C 345 17.25 4.76 17.93
N GLY C 346 17.54 3.47 17.92
CA GLY C 346 16.78 2.53 18.74
C GLY C 346 17.22 2.42 20.19
N TYR C 347 18.44 2.84 20.48
CA TYR C 347 18.96 2.71 21.83
C TYR C 347 19.48 4.04 22.37
N PRO C 348 18.79 4.59 23.39
CA PRO C 348 19.13 5.92 23.94
C PRO C 348 20.26 5.86 24.95
N GLY C 349 21.40 5.31 24.54
CA GLY C 349 22.57 5.29 25.40
C GLY C 349 23.80 4.81 24.65
N THR C 350 24.95 4.82 25.32
CA THR C 350 26.17 4.31 24.72
C THR C 350 26.18 2.79 24.75
N SER C 351 26.77 2.19 23.72
CA SER C 351 26.94 0.74 23.69
C SER C 351 28.09 0.35 24.62
N GLY C 352 28.99 1.29 24.86
CA GLY C 352 30.18 1.01 25.65
C GLY C 352 31.13 0.08 24.91
N ALA C 353 30.79 -0.28 23.67
CA ALA C 353 31.51 -1.34 22.96
C ALA C 353 32.50 -0.79 21.93
N LEU C 354 33.74 -1.29 21.98
CA LEU C 354 34.78 -0.82 21.07
C LEU C 354 34.49 -1.18 19.61
N PHE C 355 33.65 -2.18 19.38
CA PHE C 355 33.29 -2.56 18.02
C PHE C 355 32.28 -1.63 17.36
N MET C 356 31.71 -0.71 18.14
CA MET C 356 30.85 0.34 17.57
C MET C 356 31.67 1.60 17.41
N ASP C 357 31.71 2.15 16.19
CA ASP C 357 32.56 3.31 15.90
C ASP C 357 31.93 4.64 16.24
N TYR C 358 30.66 4.78 15.86
CA TYR C 358 29.95 6.06 15.97
C TYR C 358 28.62 5.88 16.66
N ILE C 359 28.14 6.95 17.27
CA ILE C 359 26.73 7.02 17.64
C ILE C 359 26.13 8.23 16.93
N ILE C 360 25.04 7.99 16.21
CA ILE C 360 24.41 9.08 15.49
C ILE C 360 23.49 9.85 16.45
N THR C 361 23.85 11.10 16.69
CA THR C 361 23.16 11.91 17.68
C THR C 361 23.17 13.35 17.19
N ASP C 362 23.10 14.32 18.08
CA ASP C 362 23.15 15.72 17.66
C ASP C 362 23.68 16.57 18.80
N GLN C 363 23.93 17.84 18.52
CA GLN C 363 24.59 18.73 19.48
C GLN C 363 23.77 18.98 20.75
N GLU C 364 22.44 18.98 20.61
CA GLU C 364 21.57 19.20 21.76
C GLU C 364 21.48 17.97 22.64
N THR C 365 21.34 16.81 22.01
CA THR C 365 21.23 15.54 22.72
C THR C 365 22.56 15.18 23.37
N SER C 366 23.65 15.36 22.63
CA SER C 366 24.97 14.95 23.13
C SER C 366 26.02 16.03 22.89
N PRO C 367 26.02 17.08 23.72
CA PRO C 367 27.01 18.15 23.56
C PRO C 367 28.44 17.62 23.60
N ALA C 368 29.31 18.23 22.82
CA ALA C 368 30.69 17.74 22.67
C ALA C 368 31.42 17.65 24.01
N GLU C 369 30.96 18.45 24.97
CA GLU C 369 31.57 18.50 26.30
C GLU C 369 31.40 17.18 27.06
N VAL C 370 30.35 16.43 26.74
CA VAL C 370 30.09 15.17 27.42
C VAL C 370 30.42 13.95 26.58
N ALA C 371 31.37 14.10 25.65
CA ALA C 371 31.80 12.99 24.80
C ALA C 371 32.32 11.81 25.62
N GLU C 372 32.85 12.12 26.82
CA GLU C 372 33.41 11.09 27.70
C GLU C 372 32.37 10.09 28.21
N GLN C 373 31.09 10.45 28.14
CA GLN C 373 30.01 9.54 28.55
C GLN C 373 29.84 8.41 27.54
N TYR C 374 30.33 8.60 26.33
CA TYR C 374 30.14 7.65 25.24
C TYR C 374 31.43 6.95 24.88
N SER C 375 31.34 5.67 24.53
CA SER C 375 32.52 4.98 24.02
C SER C 375 32.69 5.29 22.54
N GLU C 376 31.57 5.51 21.85
CA GLU C 376 31.58 5.83 20.42
C GLU C 376 31.99 7.28 20.16
N LYS C 377 32.53 7.53 18.96
CA LYS C 377 32.71 8.91 18.51
C LYS C 377 31.35 9.49 18.18
N LEU C 378 31.17 10.78 18.44
CA LEU C 378 29.90 11.45 18.16
C LEU C 378 29.81 11.81 16.67
N ALA C 379 28.65 11.55 16.08
CA ALA C 379 28.37 11.89 14.71
C ALA C 379 27.05 12.66 14.67
N TYR C 380 27.14 13.96 14.43
CA TYR C 380 25.99 14.84 14.56
C TYR C 380 25.15 14.95 13.29
N MET C 381 23.85 14.73 13.45
CA MET C 381 22.88 15.22 12.48
C MET C 381 22.75 16.71 12.75
N PRO C 382 22.34 17.49 11.75
CA PRO C 382 22.41 18.95 11.91
C PRO C 382 21.37 19.54 12.85
N HIS C 383 20.23 18.87 13.01
CA HIS C 383 19.19 19.38 13.89
C HIS C 383 18.96 18.43 15.05
N THR C 384 18.12 17.43 14.87
CA THR C 384 18.04 16.35 15.84
C THR C 384 18.26 15.00 15.16
N PHE C 385 18.78 14.02 15.92
CA PHE C 385 18.90 12.66 15.39
C PHE C 385 17.53 12.01 15.36
N PHE C 386 16.60 12.56 16.14
CA PHE C 386 15.26 11.98 16.17
C PHE C 386 14.44 12.27 14.92
N ILE C 387 13.57 11.31 14.58
CA ILE C 387 12.72 11.43 13.41
C ILE C 387 11.43 10.65 13.70
N GLY C 388 10.39 10.89 12.91
CA GLY C 388 9.15 10.15 13.05
C GLY C 388 8.43 10.08 11.73
N ASP C 389 7.63 9.04 11.53
CA ASP C 389 6.93 8.86 10.26
C ASP C 389 5.53 9.47 10.27
N HIS C 390 5.26 10.32 11.25
CA HIS C 390 3.91 10.84 11.50
C HIS C 390 3.26 11.53 10.29
N ALA C 391 4.03 12.21 9.46
CA ALA C 391 3.44 12.92 8.32
C ALA C 391 2.90 11.92 7.29
N ASN C 392 3.49 10.73 7.28
CA ASN C 392 3.02 9.66 6.38
C ASN C 392 1.98 8.76 7.02
N MET C 393 2.15 8.46 8.31
CA MET C 393 1.23 7.57 9.01
C MET C 393 -0.07 8.24 9.42
N PHE C 394 0.03 9.51 9.83
CA PHE C 394 -1.14 10.22 10.32
C PHE C 394 -1.39 11.55 9.61
N PRO C 395 -1.55 11.52 8.28
CA PRO C 395 -1.73 12.78 7.55
C PRO C 395 -3.09 13.41 7.81
N HIS C 396 -4.01 12.64 8.35
CA HIS C 396 -5.34 13.17 8.66
C HIS C 396 -5.30 14.15 9.83
N LEU C 397 -4.18 14.17 10.55
CA LEU C 397 -3.99 15.08 11.67
C LEU C 397 -3.25 16.37 11.29
N LYS C 398 -2.94 16.52 10.00
CA LYS C 398 -2.30 17.73 9.52
C LYS C 398 -3.20 18.94 9.67
N LYS C 399 -4.51 18.72 9.59
CA LYS C 399 -5.49 19.78 9.73
C LYS C 399 -6.59 19.32 10.67
N LYS C 400 -7.33 20.28 11.24
CA LYS C 400 -8.43 19.94 12.13
C LYS C 400 -9.54 20.95 12.00
N ALA C 401 -10.72 20.59 12.48
CA ALA C 401 -11.79 21.55 12.67
C ALA C 401 -12.36 21.32 14.06
N VAL C 402 -13.07 22.30 14.60
CA VAL C 402 -13.69 22.11 15.90
C VAL C 402 -15.17 22.41 15.82
N ILE C 403 -15.91 21.95 16.83
CA ILE C 403 -17.32 22.26 16.94
C ILE C 403 -17.48 23.17 18.14
N ASP C 404 -18.08 24.34 17.92
CA ASP C 404 -18.33 25.26 19.02
C ASP C 404 -19.59 24.86 19.76
N PHE C 405 -19.41 24.26 20.94
CA PHE C 405 -20.53 23.73 21.72
C PHE C 405 -21.06 24.74 22.74
N LYS C 406 -20.71 26.01 22.54
CA LYS C 406 -21.21 27.08 23.41
C LYS C 406 -21.88 28.18 22.60
N HIS C 410 -16.90 31.00 24.49
CA HIS C 410 -15.73 31.26 23.66
C HIS C 410 -15.42 30.07 22.76
N ILE C 411 -14.39 30.21 21.94
CA ILE C 411 -13.98 29.15 21.01
C ILE C 411 -12.74 28.40 21.52
N TYR C 412 -12.85 27.07 21.56
CA TYR C 412 -11.77 26.22 22.05
C TYR C 412 -11.19 25.42 20.90
N ASP C 413 -9.87 25.22 20.90
CA ASP C 413 -9.25 24.44 19.83
C ASP C 413 -9.09 22.95 20.21
N ASN C 414 -9.57 22.57 21.39
CA ASN C 414 -9.25 21.22 21.88
C ASN C 414 -10.32 20.54 22.75
N ARG C 415 -11.58 20.92 22.54
CA ARG C 415 -12.68 20.32 23.27
C ARG C 415 -13.43 19.28 22.43
N ILE C 416 -13.80 19.68 21.20
CA ILE C 416 -14.42 18.78 20.26
C ILE C 416 -13.76 18.98 18.91
N VAL C 417 -13.08 17.93 18.45
CA VAL C 417 -12.19 18.03 17.31
C VAL C 417 -12.56 17.03 16.21
N LEU C 418 -12.47 17.47 14.96
CA LEU C 418 -12.65 16.60 13.80
CA LEU C 418 -12.63 16.57 13.83
C LEU C 418 -11.35 16.55 13.00
N ASN C 419 -11.02 15.38 12.46
CA ASN C 419 -9.87 15.21 11.58
C ASN C 419 -10.26 14.25 10.46
N GLY C 420 -9.80 14.50 9.25
CA GLY C 420 -10.03 13.53 8.20
C GLY C 420 -9.44 13.96 6.88
N ILE C 421 -9.07 12.97 6.08
CA ILE C 421 -8.61 13.23 4.72
C ILE C 421 -9.65 14.02 3.93
N ASP C 422 -10.93 13.75 4.18
CA ASP C 422 -12.00 14.43 3.43
C ASP C 422 -12.71 15.51 4.26
N LEU C 423 -12.04 15.98 5.31
CA LEU C 423 -12.62 16.98 6.21
C LEU C 423 -13.03 18.25 5.47
N LYS C 424 -12.20 18.69 4.53
CA LYS C 424 -12.48 19.91 3.79
C LYS C 424 -13.80 19.80 3.03
N ALA C 425 -13.98 18.71 2.29
CA ALA C 425 -15.21 18.47 1.55
C ALA C 425 -16.43 18.43 2.47
N PHE C 426 -16.27 17.79 3.63
CA PHE C 426 -17.34 17.77 4.63
C PHE C 426 -17.69 19.18 5.09
N LEU C 427 -16.67 19.96 5.43
CA LEU C 427 -16.87 21.34 5.85
C LEU C 427 -17.58 22.14 4.76
N ASP C 428 -17.20 21.90 3.50
CA ASP C 428 -17.82 22.61 2.38
C ASP C 428 -19.30 22.26 2.17
N SER C 429 -19.75 21.14 2.74
CA SER C 429 -21.14 20.74 2.59
C SER C 429 -22.02 21.41 3.64
N LEU C 430 -21.37 22.08 4.60
CA LEU C 430 -22.07 22.69 5.72
C LEU C 430 -22.25 24.20 5.56
N PRO C 431 -23.40 24.73 6.00
CA PRO C 431 -23.57 26.18 6.06
C PRO C 431 -23.02 26.73 7.38
N ASP C 432 -22.75 28.02 7.41
CA ASP C 432 -22.36 28.71 8.64
C ASP C 432 -21.04 28.25 9.27
N VAL C 433 -20.19 27.59 8.48
CA VAL C 433 -18.84 27.27 8.95
C VAL C 433 -18.01 28.54 9.01
N LYS C 434 -17.39 28.80 10.15
CA LYS C 434 -16.58 30.00 10.34
C LYS C 434 -15.09 29.68 10.39
N ILE C 435 -14.27 30.55 9.80
CA ILE C 435 -12.82 30.37 9.86
C ILE C 435 -12.20 31.32 10.87
N VAL C 436 -11.57 30.77 11.91
CA VAL C 436 -10.90 31.58 12.92
C VAL C 436 -9.41 31.71 12.59
N LYS C 437 -8.91 32.93 12.62
CA LYS C 437 -7.51 33.22 12.32
C LYS C 437 -6.73 33.62 13.59
N MET C 438 -5.46 33.96 13.41
CA MET C 438 -4.60 34.42 14.50
C MET C 438 -3.75 35.61 14.07
N ASN C 455 -5.30 29.34 10.80
CA ASN C 455 -6.67 29.17 10.32
C ASN C 455 -7.32 27.90 10.84
N MET C 456 -8.45 28.06 11.53
CA MET C 456 -9.14 26.92 12.12
C MET C 456 -10.65 27.01 11.87
N PRO C 457 -11.19 26.04 11.11
CA PRO C 457 -12.62 26.01 10.80
C PRO C 457 -13.45 25.64 12.03
N VAL C 458 -14.55 26.36 12.21
CA VAL C 458 -15.40 26.14 13.37
C VAL C 458 -16.84 25.87 12.93
N ILE C 459 -17.40 24.77 13.42
CA ILE C 459 -18.78 24.41 13.15
C ILE C 459 -19.67 24.88 14.30
N PRO C 460 -20.68 25.71 13.99
CA PRO C 460 -21.56 26.27 15.02
C PRO C 460 -22.46 25.23 15.67
N MET C 461 -23.08 25.58 16.78
CA MET C 461 -23.94 24.65 17.52
C MET C 461 -25.31 24.50 16.86
N ASN C 462 -25.33 23.81 15.72
CA ASN C 462 -26.56 23.56 14.99
C ASN C 462 -26.98 22.10 15.06
N THR C 463 -27.90 21.71 14.17
CA THR C 463 -28.41 20.35 14.10
C THR C 463 -27.29 19.33 13.87
N ILE C 464 -26.39 19.66 12.94
CA ILE C 464 -25.24 18.82 12.66
C ILE C 464 -24.42 18.56 13.91
N ALA C 465 -24.11 19.64 14.64
CA ALA C 465 -23.31 19.56 15.86
C ALA C 465 -23.97 18.74 16.96
N GLU C 466 -25.29 18.82 17.06
CA GLU C 466 -26.01 18.08 18.09
C GLU C 466 -25.96 16.57 17.81
N ALA C 467 -26.13 16.21 16.54
CA ALA C 467 -26.09 14.81 16.11
C ALA C 467 -24.73 14.18 16.37
N VAL C 468 -23.67 14.98 16.27
CA VAL C 468 -22.33 14.49 16.54
C VAL C 468 -22.14 14.22 18.03
N ILE C 469 -22.54 15.17 18.86
CA ILE C 469 -22.45 15.01 20.31
C ILE C 469 -23.34 13.87 20.80
N GLU C 470 -24.47 13.66 20.13
CA GLU C 470 -25.35 12.56 20.51
C GLU C 470 -24.67 11.21 20.30
N MET C 471 -23.99 11.06 19.17
CA MET C 471 -23.20 9.86 18.88
C MET C 471 -22.25 9.53 20.03
N ILE C 472 -21.52 10.55 20.47
CA ILE C 472 -20.52 10.39 21.52
C ILE C 472 -21.16 9.99 22.85
N ASN C 473 -22.21 10.69 23.24
CA ASN C 473 -22.91 10.38 24.49
C ASN C 473 -23.51 8.97 24.52
N ARG C 474 -24.10 8.55 23.41
CA ARG C 474 -24.72 7.23 23.33
C ARG C 474 -23.69 6.13 23.10
N GLY C 475 -22.46 6.53 22.82
CA GLY C 475 -21.41 5.56 22.55
C GLY C 475 -21.61 4.85 21.23
N GLN C 476 -22.28 5.51 20.30
CA GLN C 476 -22.48 4.98 18.94
C GLN C 476 -21.15 4.95 18.19
N ILE C 477 -21.01 4.01 17.26
CA ILE C 477 -19.75 3.80 16.55
C ILE C 477 -19.50 4.85 15.47
N GLN C 478 -20.56 5.21 14.75
CA GLN C 478 -20.42 6.12 13.61
C GLN C 478 -21.80 6.63 13.22
N ILE C 479 -21.82 7.75 12.50
CA ILE C 479 -23.04 8.25 11.89
C ILE C 479 -22.72 8.75 10.48
N THR C 480 -23.76 9.17 9.77
CA THR C 480 -23.58 9.72 8.43
C THR C 480 -24.16 11.12 8.40
N ILE C 481 -23.40 12.07 7.88
CA ILE C 481 -23.88 13.43 7.71
C ILE C 481 -23.52 13.94 6.31
N ASN C 482 -24.54 14.33 5.55
CA ASN C 482 -24.38 14.77 4.17
C ASN C 482 -23.60 13.76 3.33
N GLY C 483 -23.76 12.48 3.66
CA GLY C 483 -23.13 11.40 2.91
C GLY C 483 -21.72 11.08 3.38
N PHE C 484 -21.21 11.88 4.30
CA PHE C 484 -19.87 11.64 4.85
C PHE C 484 -19.91 10.73 6.07
N SER C 485 -18.88 9.88 6.18
CA SER C 485 -18.75 8.98 7.31
C SER C 485 -18.12 9.69 8.50
N ILE C 486 -18.85 9.78 9.59
CA ILE C 486 -18.36 10.42 10.80
C ILE C 486 -18.19 9.36 11.90
N SER C 487 -16.94 9.10 12.29
CA SER C 487 -16.63 8.01 13.21
C SER C 487 -16.41 8.50 14.64
N ASN C 488 -16.89 7.71 15.60
CA ASN C 488 -16.52 7.90 17.00
C ASN C 488 -15.05 7.51 17.18
N GLY C 489 -14.24 8.45 17.63
CA GLY C 489 -12.82 8.20 17.84
C GLY C 489 -12.46 7.07 18.81
N LEU C 490 -13.41 6.65 19.63
CA LEU C 490 -13.17 5.54 20.58
C LEU C 490 -13.41 4.18 19.94
N ALA C 491 -13.92 4.18 18.71
CA ALA C 491 -14.35 2.93 18.09
C ALA C 491 -13.58 2.58 16.81
N THR C 492 -12.36 3.09 16.68
CA THR C 492 -11.58 2.88 15.46
C THR C 492 -11.32 1.41 15.13
N THR C 493 -11.09 0.58 16.15
CA THR C 493 -10.85 -0.84 15.89
C THR C 493 -12.06 -1.56 15.32
N GLN C 494 -13.25 -1.04 15.60
CA GLN C 494 -14.48 -1.64 15.09
C GLN C 494 -14.79 -1.18 13.67
N ILE C 495 -14.14 -0.12 13.23
CA ILE C 495 -14.38 0.44 11.90
C ILE C 495 -13.30 0.00 10.91
N ASN C 496 -12.05 0.11 11.33
CA ASN C 496 -10.91 -0.31 10.52
C ASN C 496 -9.73 -0.55 11.45
N ASN C 497 -9.45 -1.82 11.73
CA ASN C 497 -8.39 -2.14 12.70
C ASN C 497 -6.99 -1.74 12.23
N LYS C 498 -6.73 -1.84 10.92
CA LYS C 498 -5.46 -1.39 10.36
C LYS C 498 -5.26 0.10 10.52
N ALA C 499 -6.34 0.87 10.43
CA ALA C 499 -6.24 2.31 10.65
C ALA C 499 -6.01 2.65 12.12
N ALA C 500 -6.57 1.84 13.00
CA ALA C 500 -6.39 2.03 14.44
C ALA C 500 -4.92 1.85 14.84
N THR C 501 -4.22 0.92 14.21
CA THR C 501 -2.83 0.61 14.57
C THR C 501 -1.82 1.45 13.81
N GLY C 502 -2.26 2.24 12.85
CA GLY C 502 -1.35 3.05 12.06
C GLY C 502 -0.85 2.35 10.80
N GLU C 503 -1.34 1.15 10.52
CA GLU C 503 -0.94 0.45 9.29
C GLU C 503 -1.59 1.05 8.05
N GLU C 504 -2.74 1.68 8.23
CA GLU C 504 -3.46 2.36 7.14
C GLU C 504 -3.90 3.74 7.62
N VAL C 505 -4.03 4.67 6.68
CA VAL C 505 -4.58 5.98 7.01
C VAL C 505 -6.10 5.83 7.09
N PRO C 506 -6.71 6.40 8.15
CA PRO C 506 -8.18 6.31 8.26
C PRO C 506 -8.87 6.91 7.03
N ARG C 507 -9.97 6.31 6.59
CA ARG C 507 -10.69 6.81 5.42
C ARG C 507 -12.03 7.44 5.79
N THR C 508 -12.27 7.60 7.08
CA THR C 508 -13.45 8.30 7.56
C THR C 508 -13.05 9.56 8.32
N ILE C 509 -14.02 10.42 8.60
CA ILE C 509 -13.81 11.58 9.44
C ILE C 509 -14.00 11.18 10.90
N ILE C 510 -13.02 11.48 11.75
CA ILE C 510 -13.02 11.00 13.12
C ILE C 510 -13.29 12.14 14.10
N VAL C 511 -14.09 11.85 15.12
CA VAL C 511 -14.44 12.84 16.14
C VAL C 511 -13.71 12.51 17.43
N THR C 512 -13.05 13.51 18.01
CA THR C 512 -12.30 13.32 19.26
C THR C 512 -12.73 14.37 20.25
N THR C 513 -13.08 13.95 21.47
CA THR C 513 -13.65 14.90 22.42
C THR C 513 -13.15 14.68 23.84
N ARG C 514 -13.08 15.77 24.60
CA ARG C 514 -12.73 15.65 26.00
C ARG C 514 -13.71 14.75 26.76
N SER C 515 -14.98 14.78 26.37
CA SER C 515 -16.00 13.96 27.04
C SER C 515 -15.73 12.46 26.88
N GLN C 516 -15.06 12.07 25.79
CA GLN C 516 -14.69 10.68 25.56
C GLN C 516 -13.74 10.15 26.64
N TYR C 517 -13.03 11.06 27.31
CA TYR C 517 -12.02 10.63 28.29
C TYR C 517 -12.28 11.22 29.67
N GLY C 518 -13.45 11.83 29.84
CA GLY C 518 -13.83 12.39 31.12
C GLY C 518 -12.99 13.59 31.52
N LEU C 519 -12.46 14.29 30.53
CA LEU C 519 -11.66 15.49 30.80
C LEU C 519 -12.54 16.73 30.97
N PRO C 520 -12.13 17.66 31.84
CA PRO C 520 -12.99 18.83 32.07
C PRO C 520 -13.07 19.75 30.85
N GLU C 521 -14.28 20.20 30.53
CA GLU C 521 -14.49 21.13 29.42
C GLU C 521 -14.03 22.55 29.76
N ASP C 522 -13.82 22.82 31.04
CA ASP C 522 -13.56 24.20 31.45
C ASP C 522 -12.26 24.38 32.22
N ALA C 523 -11.26 23.56 31.90
CA ALA C 523 -10.01 23.63 32.62
C ALA C 523 -8.81 23.28 31.75
N ILE C 524 -7.63 23.62 32.25
CA ILE C 524 -6.38 23.30 31.56
C ILE C 524 -6.09 21.81 31.73
N VAL C 525 -5.76 21.14 30.63
CA VAL C 525 -5.35 19.73 30.67
C VAL C 525 -3.85 19.61 30.43
N TYR C 526 -3.11 19.21 31.46
CA TYR C 526 -1.70 18.84 31.29
C TYR C 526 -1.66 17.35 31.05
N CYS C 527 -0.87 16.90 30.08
CA CYS C 527 -0.77 15.46 29.84
C CYS C 527 0.64 14.92 29.93
N ASN C 528 0.73 13.59 30.09
CA ASN C 528 1.96 12.88 29.82
C ASN C 528 1.55 11.46 29.48
N PHE C 529 1.90 11.01 28.28
CA PHE C 529 1.42 9.72 27.80
C PHE C 529 2.51 8.64 27.85
N ASN C 530 3.51 8.84 28.69
CA ASN C 530 4.59 7.87 28.80
C ASN C 530 4.23 6.70 29.69
N GLN C 531 4.95 5.59 29.53
CA GLN C 531 4.91 4.52 30.50
C GLN C 531 5.27 5.12 31.85
N LEU C 532 4.57 4.70 32.90
CA LEU C 532 4.71 5.31 34.22
C LEU C 532 6.10 5.15 34.83
N TYR C 533 6.88 4.19 34.34
CA TYR C 533 8.21 3.96 34.91
C TYR C 533 9.12 5.20 34.76
N LYS C 534 8.81 6.06 33.80
CA LYS C 534 9.61 7.25 33.54
C LYS C 534 9.44 8.33 34.61
N ILE C 535 8.42 8.18 35.44
CA ILE C 535 8.15 9.14 36.51
C ILE C 535 8.94 8.77 37.77
N ASP C 536 9.41 9.78 38.50
CA ASP C 536 10.06 9.54 39.79
C ASP C 536 9.49 10.51 40.84
N PRO C 537 9.83 10.33 42.14
CA PRO C 537 9.20 11.20 43.13
C PRO C 537 9.39 12.70 42.87
N SER C 538 10.59 13.10 42.44
CA SER C 538 10.86 14.51 42.19
CA SER C 538 10.89 14.50 42.16
C SER C 538 9.99 15.04 41.05
N THR C 539 9.76 14.21 40.04
CA THR C 539 8.90 14.60 38.92
C THR C 539 7.45 14.81 39.34
N LEU C 540 6.90 13.87 40.10
CA LEU C 540 5.51 13.99 40.53
C LEU C 540 5.35 15.19 41.47
N GLN C 541 6.37 15.45 42.27
CA GLN C 541 6.34 16.62 43.15
C GLN C 541 6.27 17.90 42.33
N MET C 542 7.05 17.95 41.26
CA MET C 542 7.03 19.09 40.34
CA MET C 542 7.04 19.10 40.35
C MET C 542 5.65 19.28 39.75
N TRP C 543 5.05 18.18 39.31
CA TRP C 543 3.73 18.20 38.71
C TRP C 543 2.68 18.63 39.71
N ALA C 544 2.81 18.17 40.96
CA ALA C 544 1.89 18.57 42.01
C ALA C 544 2.01 20.06 42.26
N ASN C 545 3.22 20.60 42.16
CA ASN C 545 3.46 22.03 42.38
C ASN C 545 2.78 22.87 41.30
N ILE C 546 2.76 22.34 40.09
CA ILE C 546 2.11 23.01 38.97
C ILE C 546 0.60 23.00 39.16
N LEU C 547 0.05 21.82 39.44
CA LEU C 547 -1.38 21.67 39.66
C LEU C 547 -1.91 22.58 40.78
N LYS C 548 -1.15 22.71 41.86
CA LYS C 548 -1.55 23.61 42.95
C LYS C 548 -1.53 25.08 42.53
N ARG C 549 -0.61 25.44 41.65
CA ARG C 549 -0.51 26.83 41.20
C ARG C 549 -1.53 27.17 40.13
N VAL C 550 -2.12 26.15 39.53
CA VAL C 550 -3.10 26.36 38.46
C VAL C 550 -4.36 25.60 38.85
N PRO C 551 -5.18 26.20 39.73
CA PRO C 551 -6.34 25.53 40.32
C PRO C 551 -7.28 24.93 39.28
N ASN C 552 -7.49 25.63 38.18
CA ASN C 552 -8.36 25.15 37.12
C ASN C 552 -7.57 24.28 36.14
N SER C 553 -7.15 23.10 36.59
CA SER C 553 -6.37 22.20 35.74
C SER C 553 -6.32 20.75 36.23
N VAL C 554 -6.07 19.84 35.30
CA VAL C 554 -5.94 18.43 35.63
C VAL C 554 -4.70 17.85 34.96
N LEU C 555 -4.20 16.75 35.51
CA LEU C 555 -3.08 16.03 34.91
C LEU C 555 -3.61 14.75 34.30
N TRP C 556 -3.28 14.51 33.03
CA TRP C 556 -3.85 13.39 32.29
C TRP C 556 -2.74 12.36 32.09
N LEU C 557 -2.90 11.18 32.70
CA LEU C 557 -1.92 10.09 32.62
C LEU C 557 -2.56 8.79 32.12
N LEU C 558 -1.73 7.82 31.77
CA LEU C 558 -2.22 6.55 31.24
C LEU C 558 -2.05 5.40 32.22
N ARG C 559 -2.94 4.42 32.16
CA ARG C 559 -2.79 3.20 32.92
C ARG C 559 -1.73 2.35 32.21
N PHE C 560 -0.46 2.63 32.50
CA PHE C 560 0.63 2.12 31.69
C PHE C 560 1.80 1.70 32.60
N PRO C 561 1.59 0.71 33.48
CA PRO C 561 0.42 -0.17 33.60
C PRO C 561 -0.60 0.31 34.64
N ALA C 562 -1.81 -0.24 34.56
CA ALA C 562 -2.88 0.12 35.48
C ALA C 562 -2.46 0.02 36.95
N VAL C 563 -1.67 -0.99 37.29
CA VAL C 563 -1.29 -1.18 38.69
C VAL C 563 -0.41 -0.05 39.24
N GLY C 564 0.06 0.83 38.36
CA GLY C 564 0.77 2.01 38.81
C GLY C 564 -0.15 3.15 39.21
N GLU C 565 -1.38 3.12 38.70
CA GLU C 565 -2.39 4.15 39.02
C GLU C 565 -2.60 4.38 40.53
N PRO C 566 -2.85 3.32 41.31
CA PRO C 566 -3.09 3.57 42.74
C PRO C 566 -1.86 4.14 43.49
N ASN C 567 -0.66 3.78 43.06
CA ASN C 567 0.53 4.35 43.70
C ASN C 567 0.69 5.84 43.44
N ILE C 568 0.57 6.23 42.17
CA ILE C 568 0.56 7.64 41.77
C ILE C 568 -0.52 8.41 42.51
N GLN C 569 -1.71 7.81 42.62
CA GLN C 569 -2.80 8.52 43.29
C GLN C 569 -2.53 8.70 44.78
N GLN C 570 -1.93 7.69 45.42
CA GLN C 570 -1.61 7.80 46.84
C GLN C 570 -0.55 8.87 47.09
N TYR C 571 0.48 8.89 46.26
CA TYR C 571 1.55 9.87 46.40
C TYR C 571 1.03 11.29 46.14
N ALA C 572 0.13 11.42 45.17
CA ALA C 572 -0.50 12.71 44.88
C ALA C 572 -1.31 13.18 46.08
N GLN C 573 -2.04 12.25 46.70
CA GLN C 573 -2.87 12.55 47.85
C GLN C 573 -2.00 12.98 49.04
N ASN C 574 -0.85 12.32 49.18
CA ASN C 574 0.12 12.68 50.20
C ASN C 574 0.69 14.07 49.96
N MET C 575 0.71 14.47 48.68
CA MET C 575 1.22 15.79 48.32
C MET C 575 0.14 16.86 48.42
N GLY C 576 -1.07 16.47 48.78
CA GLY C 576 -2.14 17.43 48.97
C GLY C 576 -3.09 17.59 47.79
N LEU C 577 -2.97 16.73 46.79
CA LEU C 577 -3.88 16.78 45.64
C LEU C 577 -5.03 15.80 45.78
N PRO C 578 -6.26 16.29 45.65
CA PRO C 578 -7.42 15.40 45.64
C PRO C 578 -7.42 14.50 44.41
N GLN C 579 -8.16 13.39 44.48
CA GLN C 579 -8.17 12.38 43.44
C GLN C 579 -8.55 12.93 42.07
N ASN C 580 -9.36 13.99 42.09
CA ASN C 580 -9.90 14.55 40.85
C ASN C 580 -8.95 15.47 40.06
N ARG C 581 -7.74 15.67 40.55
CA ARG C 581 -6.78 16.50 39.84
C ARG C 581 -5.98 15.65 38.85
N ILE C 582 -6.08 14.33 38.97
CA ILE C 582 -5.37 13.44 38.07
C ILE C 582 -6.35 12.47 37.44
N ILE C 583 -6.39 12.45 36.12
CA ILE C 583 -7.31 11.60 35.36
C ILE C 583 -6.54 10.53 34.58
N PHE C 584 -6.93 9.27 34.74
CA PHE C 584 -6.29 8.18 34.02
C PHE C 584 -7.10 7.70 32.81
N SER C 585 -6.40 7.37 31.72
CA SER C 585 -7.03 6.75 30.57
C SER C 585 -6.34 5.42 30.27
N PRO C 586 -7.06 4.51 29.61
CA PRO C 586 -6.42 3.28 29.14
C PRO C 586 -5.42 3.61 28.05
N VAL C 587 -4.44 2.72 27.88
CA VAL C 587 -3.57 2.75 26.71
C VAL C 587 -4.47 2.56 25.50
N ALA C 588 -4.20 3.31 24.44
CA ALA C 588 -5.04 3.28 23.25
C ALA C 588 -4.28 2.70 22.07
N PRO C 589 -5.02 2.20 21.06
CA PRO C 589 -4.40 1.90 19.76
C PRO C 589 -3.62 3.11 19.25
N LYS C 590 -2.57 2.86 18.46
CA LYS C 590 -1.61 3.90 18.05
C LYS C 590 -2.24 5.19 17.50
N GLU C 591 -3.11 5.06 16.51
CA GLU C 591 -3.75 6.24 15.90
C GLU C 591 -4.56 7.05 16.91
N GLU C 592 -5.29 6.36 17.80
CA GLU C 592 -6.12 7.05 18.80
C GLU C 592 -5.25 7.79 19.81
N HIS C 593 -4.15 7.15 20.21
CA HIS C 593 -3.16 7.76 21.11
C HIS C 593 -2.61 9.06 20.54
N VAL C 594 -2.22 9.06 19.27
CA VAL C 594 -1.67 10.28 18.68
C VAL C 594 -2.78 11.33 18.53
N ARG C 595 -3.93 10.91 18.01
CA ARG C 595 -5.05 11.82 17.78
C ARG C 595 -5.55 12.47 19.07
N ARG C 596 -5.64 11.71 20.16
CA ARG C 596 -6.20 12.26 21.39
C ARG C 596 -5.27 13.27 22.08
N GLY C 597 -4.01 13.33 21.68
CA GLY C 597 -3.14 14.37 22.19
C GLY C 597 -3.64 15.77 21.85
N GLN C 598 -4.46 15.87 20.79
CA GLN C 598 -5.02 17.17 20.42
C GLN C 598 -5.88 17.78 21.51
N LEU C 599 -6.34 16.96 22.45
CA LEU C 599 -7.28 17.42 23.48
C LEU C 599 -6.58 18.09 24.66
N ALA C 600 -5.30 17.79 24.82
CA ALA C 600 -4.54 18.40 25.90
C ALA C 600 -4.16 19.86 25.57
N ASP C 601 -3.88 20.65 26.60
CA ASP C 601 -3.31 21.99 26.39
C ASP C 601 -1.80 21.96 26.31
N VAL C 602 -1.18 21.18 27.20
CA VAL C 602 0.27 21.17 27.41
C VAL C 602 0.70 19.78 27.83
N CYS C 603 1.81 19.29 27.26
CA CYS C 603 2.43 18.05 27.73
C CYS C 603 3.55 18.36 28.72
N LEU C 604 3.57 17.65 29.84
CA LEU C 604 4.65 17.80 30.81
C LEU C 604 5.60 16.61 30.70
N ASP C 605 6.77 16.84 30.08
CA ASP C 605 7.72 15.77 29.81
C ASP C 605 8.40 15.27 31.09
N THR C 606 8.71 13.98 31.13
CA THR C 606 9.42 13.37 32.25
C THR C 606 10.94 13.61 32.17
N PRO C 607 11.50 14.32 33.16
CA PRO C 607 12.94 14.63 33.16
C PRO C 607 13.86 13.42 33.32
N LEU C 608 13.42 12.40 34.07
CA LEU C 608 14.27 11.24 34.33
C LEU C 608 14.64 10.54 33.02
N CYS C 609 13.64 10.23 32.21
CA CYS C 609 13.81 9.70 30.87
C CYS C 609 12.68 10.34 30.11
N ASN C 610 12.99 11.07 29.05
CA ASN C 610 11.96 11.81 28.32
C ASN C 610 11.06 10.90 27.50
N GLY C 611 9.96 11.46 27.03
CA GLY C 611 9.25 10.84 25.91
C GLY C 611 10.18 10.90 24.71
N HIS C 612 10.28 9.80 23.98
CA HIS C 612 11.09 9.79 22.77
C HIS C 612 10.13 9.67 21.61
N THR C 613 9.70 8.44 21.30
CA THR C 613 8.61 8.25 20.34
C THR C 613 7.42 9.08 20.84
N THR C 614 7.21 9.02 22.15
CA THR C 614 6.07 9.67 22.80
C THR C 614 6.11 11.20 22.64
N GLY C 615 7.31 11.77 22.67
CA GLY C 615 7.46 13.20 22.44
C GLY C 615 7.05 13.56 21.03
N MET C 616 7.51 12.78 20.05
CA MET C 616 7.13 13.01 18.65
C MET C 616 5.60 12.93 18.49
N ASP C 617 4.99 11.98 19.20
CA ASP C 617 3.55 11.74 19.09
C ASP C 617 2.77 12.98 19.55
N VAL C 618 3.23 13.56 20.64
CA VAL C 618 2.55 14.70 21.27
C VAL C 618 2.73 15.98 20.45
N LEU C 619 3.91 16.15 19.85
CA LEU C 619 4.16 17.31 19.03
C LEU C 619 3.39 17.25 17.73
N TRP C 620 3.17 16.03 17.22
CA TRP C 620 2.44 15.90 15.96
C TRP C 620 0.98 16.35 16.15
N ALA C 621 0.48 16.17 17.36
CA ALA C 621 -0.88 16.62 17.67
C ALA C 621 -0.93 18.13 17.91
N GLY C 622 0.24 18.78 17.92
CA GLY C 622 0.31 20.23 18.05
C GLY C 622 0.35 20.70 19.49
N THR C 623 0.72 19.79 20.40
CA THR C 623 0.70 20.08 21.83
C THR C 623 2.09 20.53 22.29
N PRO C 624 2.18 21.72 22.88
CA PRO C 624 3.46 22.14 23.45
C PRO C 624 3.91 21.19 24.54
N MET C 625 5.21 20.89 24.58
CA MET C 625 5.77 19.99 25.57
C MET C 625 6.80 20.73 26.41
N VAL C 626 6.64 20.73 27.73
CA VAL C 626 7.63 21.37 28.60
C VAL C 626 8.65 20.30 29.03
N THR C 627 9.93 20.58 28.88
CA THR C 627 10.93 19.58 29.24
C THR C 627 12.08 20.19 30.04
N MET C 628 12.80 19.35 30.79
CA MET C 628 13.99 19.77 31.51
C MET C 628 15.11 18.81 31.18
N PRO C 629 15.98 19.17 30.23
CA PRO C 629 17.01 18.22 29.82
C PRO C 629 18.03 17.96 30.93
N GLY C 630 18.43 16.70 31.07
CA GLY C 630 19.38 16.31 32.11
C GLY C 630 20.75 16.07 31.53
N GLU C 631 21.43 15.03 32.00
CA GLU C 631 22.76 14.75 31.50
C GLU C 631 22.82 13.52 30.59
N THR C 632 22.00 12.51 30.89
CA THR C 632 21.97 11.31 30.05
C THR C 632 21.30 11.61 28.71
N LEU C 633 21.68 10.86 27.68
CA LEU C 633 21.04 10.96 26.38
C LEU C 633 19.52 10.92 26.50
N ALA C 634 19.03 9.95 27.28
CA ALA C 634 17.59 9.68 27.35
C ALA C 634 16.81 10.85 27.98
N SER C 635 17.52 11.65 28.78
CA SER C 635 16.91 12.78 29.46
C SER C 635 17.01 14.07 28.64
N ARG C 636 17.55 13.98 27.42
CA ARG C 636 17.80 15.18 26.62
C ARG C 636 17.11 15.16 25.25
N VAL C 637 16.47 14.05 24.92
CA VAL C 637 15.86 13.87 23.60
C VAL C 637 14.74 14.88 23.34
N ALA C 638 13.87 15.07 24.32
CA ALA C 638 12.75 16.01 24.16
C ALA C 638 13.25 17.44 23.88
N ALA C 639 14.29 17.88 24.58
CA ALA C 639 14.85 19.21 24.35
C ALA C 639 15.40 19.31 22.91
N SER C 640 15.97 18.21 22.43
CA SER C 640 16.49 18.18 21.06
C SER C 640 15.36 18.31 20.04
N GLN C 641 14.26 17.59 20.28
CA GLN C 641 13.08 17.68 19.43
C GLN C 641 12.54 19.11 19.42
N LEU C 642 12.46 19.72 20.59
CA LEU C 642 11.94 21.08 20.71
C LEU C 642 12.84 22.13 20.07
N THR C 643 14.14 21.90 20.15
CA THR C 643 15.09 22.80 19.53
C THR C 643 14.95 22.78 18.00
N CYS C 644 14.82 21.58 17.45
CA CYS C 644 14.62 21.41 16.01
C CYS C 644 13.30 22.02 15.58
N LEU C 645 12.27 21.79 16.39
CA LEU C 645 10.95 22.36 16.16
C LEU C 645 10.98 23.90 16.16
N GLY C 646 11.84 24.46 17.01
CA GLY C 646 11.99 25.90 17.09
C GLY C 646 11.30 26.50 18.30
N CYS C 647 11.15 25.70 19.36
CA CYS C 647 10.47 26.15 20.57
C CYS C 647 11.40 26.12 21.78
N LEU C 648 12.40 27.00 21.77
CA LEU C 648 13.37 27.05 22.86
C LEU C 648 12.75 27.46 24.19
N GLU C 649 11.63 28.19 24.12
CA GLU C 649 10.99 28.72 25.32
C GLU C 649 10.36 27.63 26.19
N LEU C 650 10.34 26.40 25.69
CA LEU C 650 9.72 25.28 26.39
C LEU C 650 10.75 24.41 27.09
N ILE C 651 12.01 24.82 27.02
CA ILE C 651 13.12 24.03 27.57
C ILE C 651 13.59 24.68 28.87
N ALA C 652 13.45 23.96 29.98
CA ALA C 652 13.76 24.51 31.29
C ALA C 652 15.18 24.16 31.72
N LYS C 653 15.86 25.10 32.37
CA LYS C 653 17.24 24.87 32.81
C LYS C 653 17.30 24.26 34.20
N ASN C 654 16.19 24.31 34.92
CA ASN C 654 16.08 23.73 36.26
C ASN C 654 14.62 23.53 36.64
N ARG C 655 14.37 22.91 37.79
CA ARG C 655 13.00 22.56 38.19
C ARG C 655 12.07 23.75 38.38
N GLN C 656 12.57 24.79 39.02
CA GLN C 656 11.80 26.01 39.18
C GLN C 656 11.36 26.58 37.83
N GLU C 657 12.26 26.61 36.86
CA GLU C 657 11.92 27.10 35.53
C GLU C 657 10.87 26.23 34.84
N TYR C 658 10.96 24.92 35.05
CA TYR C 658 10.00 23.97 34.50
C TYR C 658 8.62 24.25 35.06
N GLU C 659 8.54 24.46 36.36
CA GLU C 659 7.26 24.79 36.99
C GLU C 659 6.73 26.13 36.45
N ASP C 660 7.60 27.13 36.39
CA ASP C 660 7.21 28.47 35.94
C ASP C 660 6.69 28.47 34.50
N ILE C 661 7.39 27.74 33.62
CA ILE C 661 6.96 27.63 32.23
C ILE C 661 5.60 26.95 32.13
N ALA C 662 5.48 25.79 32.77
CA ALA C 662 4.21 25.07 32.79
C ALA C 662 3.06 25.89 33.37
N VAL C 663 3.34 26.64 34.42
CA VAL C 663 2.30 27.47 35.05
C VAL C 663 1.91 28.65 34.15
N LYS C 664 2.91 29.26 33.51
CA LYS C 664 2.66 30.34 32.56
C LYS C 664 1.74 29.86 31.43
N LEU C 665 2.03 28.67 30.92
CA LEU C 665 1.21 28.11 29.84
C LEU C 665 -0.22 27.84 30.29
N GLY C 666 -0.37 27.46 31.55
CA GLY C 666 -1.70 27.16 32.05
C GLY C 666 -2.51 28.35 32.54
N THR C 667 -1.91 29.54 32.57
CA THR C 667 -2.60 30.70 33.14
C THR C 667 -2.62 31.91 32.21
N ASP C 668 -1.55 32.08 31.44
CA ASP C 668 -1.50 33.18 30.47
C ASP C 668 -2.10 32.61 29.18
N LEU C 669 -3.41 32.74 29.02
CA LEU C 669 -4.09 32.06 27.91
C LEU C 669 -3.71 32.59 26.52
N GLU C 670 -3.36 33.87 26.42
CA GLU C 670 -2.89 34.40 25.16
C GLU C 670 -1.53 33.80 24.80
N TYR C 671 -0.70 33.61 25.81
CA TYR C 671 0.59 32.98 25.61
C TYR C 671 0.40 31.55 25.13
N LEU C 672 -0.52 30.83 25.79
CA LEU C 672 -0.83 29.45 25.43
C LEU C 672 -1.22 29.36 23.95
N LYS C 673 -2.06 30.28 23.50
CA LYS C 673 -2.49 30.27 22.11
C LYS C 673 -1.32 30.47 21.15
N LYS C 674 -0.46 31.43 21.46
CA LYS C 674 0.73 31.69 20.65
C LYS C 674 1.61 30.46 20.51
N VAL C 675 1.94 29.83 21.63
CA VAL C 675 2.77 28.63 21.62
C VAL C 675 2.11 27.42 20.93
N ARG C 676 0.83 27.18 21.23
CA ARG C 676 0.13 26.11 20.53
C ARG C 676 0.09 26.37 19.03
N GLY C 677 -0.06 27.63 18.66
CA GLY C 677 -0.04 28.01 17.25
C GLY C 677 1.33 27.74 16.65
N LYS C 678 2.37 28.06 17.42
CA LYS C 678 3.74 27.85 17.01
C LYS C 678 4.03 26.36 16.77
N VAL C 679 3.65 25.53 17.73
CA VAL C 679 3.85 24.09 17.57
C VAL C 679 3.07 23.56 16.37
N TRP C 680 1.81 23.96 16.26
CA TRP C 680 0.94 23.50 15.16
C TRP C 680 1.55 23.80 13.79
N LYS C 681 2.06 25.02 13.61
CA LYS C 681 2.67 25.40 12.33
C LYS C 681 4.02 24.73 12.13
N GLN C 682 4.86 24.78 13.15
CA GLN C 682 6.26 24.31 13.06
CA GLN C 682 6.24 24.33 12.99
C GLN C 682 6.42 22.81 12.87
N ARG C 683 5.42 22.03 13.27
CA ARG C 683 5.54 20.59 13.05
C ARG C 683 5.59 20.31 11.54
N ILE C 684 5.10 21.25 10.75
CA ILE C 684 5.14 21.14 9.29
C ILE C 684 6.35 21.85 8.69
N SER C 685 6.62 23.07 9.14
CA SER C 685 7.62 23.92 8.50
C SER C 685 9.05 23.67 8.99
N SER C 686 9.20 23.08 10.17
CA SER C 686 10.52 22.74 10.71
C SER C 686 11.01 21.41 10.11
N PRO C 687 12.28 21.04 10.36
CA PRO C 687 12.71 19.74 9.86
C PRO C 687 12.22 18.53 10.67
N LEU C 688 11.54 18.73 11.81
CA LEU C 688 11.31 17.62 12.75
C LEU C 688 10.67 16.37 12.16
N PHE C 689 9.63 16.56 11.35
CA PHE C 689 8.90 15.43 10.77
C PHE C 689 9.18 15.27 9.28
N ASN C 690 10.25 15.92 8.80
CA ASN C 690 10.56 15.90 7.37
C ASN C 690 11.49 14.74 7.04
N THR C 691 10.90 13.61 6.71
CA THR C 691 11.67 12.38 6.54
C THR C 691 12.62 12.44 5.35
N LYS C 692 12.25 13.16 4.29
CA LYS C 692 13.12 13.32 3.15
C LYS C 692 14.34 14.16 3.52
N GLN C 693 14.13 15.28 4.18
CA GLN C 693 15.26 16.08 4.65
C GLN C 693 16.18 15.25 5.55
N TYR C 694 15.58 14.49 6.46
CA TYR C 694 16.33 13.70 7.42
C TYR C 694 17.23 12.69 6.70
N THR C 695 16.63 11.95 5.75
CA THR C 695 17.38 10.94 5.01
C THR C 695 18.55 11.58 4.27
N MET C 696 18.31 12.75 3.69
CA MET C 696 19.40 13.43 2.97
C MET C 696 20.53 13.88 3.89
N GLU C 697 20.18 14.31 5.10
CA GLU C 697 21.20 14.69 6.07
C GLU C 697 21.95 13.47 6.62
N LEU C 698 21.20 12.38 6.80
CA LEU C 698 21.79 11.09 7.15
C LEU C 698 22.80 10.65 6.10
N GLU C 699 22.42 10.80 4.83
CA GLU C 699 23.32 10.47 3.71
C GLU C 699 24.59 11.32 3.70
N ARG C 700 24.46 12.62 3.98
CA ARG C 700 25.63 13.48 4.06
C ARG C 700 26.57 13.00 5.14
N LEU C 701 26.00 12.56 6.26
CA LEU C 701 26.80 12.08 7.39
C LEU C 701 27.54 10.78 7.06
N TYR C 702 26.84 9.83 6.43
CA TYR C 702 27.43 8.56 5.99
C TYR C 702 28.64 8.80 5.11
N LEU C 703 28.51 9.73 4.17
CA LEU C 703 29.60 10.04 3.26
C LEU C 703 30.78 10.69 3.96
N GLN C 704 30.51 11.46 5.01
CA GLN C 704 31.59 12.02 5.81
C GLN C 704 32.35 10.90 6.53
N MET C 705 31.60 9.95 7.07
CA MET C 705 32.19 8.79 7.73
C MET C 705 33.04 8.00 6.74
N TRP C 706 32.48 7.78 5.55
CA TRP C 706 33.18 6.98 4.56
C TRP C 706 34.47 7.63 4.04
N GLU C 707 34.37 8.91 3.67
CA GLU C 707 35.53 9.63 3.17
C GLU C 707 36.64 9.69 4.21
N HIS C 708 36.24 9.74 5.47
CA HIS C 708 37.19 9.72 6.58
C HIS C 708 37.91 8.38 6.66
N TYR C 709 37.16 7.29 6.51
CA TYR C 709 37.74 5.95 6.53
C TYR C 709 38.57 5.67 5.28
N ALA C 710 38.00 6.02 4.12
CA ALA C 710 38.67 5.81 2.84
C ALA C 710 40.02 6.51 2.79
N ALA C 711 40.14 7.60 3.53
CA ALA C 711 41.40 8.35 3.61
C ALA C 711 42.39 7.69 4.55
N GLY C 712 41.96 6.61 5.21
CA GLY C 712 42.86 5.82 6.05
C GLY C 712 42.85 6.20 7.51
N ASN C 713 41.84 6.96 7.94
CA ASN C 713 41.75 7.40 9.32
C ASN C 713 40.85 6.51 10.16
N LYS C 714 41.20 6.35 11.43
CA LYS C 714 40.31 5.71 12.40
C LYS C 714 39.21 6.72 12.74
N PRO C 715 38.07 6.24 13.25
CA PRO C 715 36.94 7.14 13.53
C PRO C 715 37.30 8.34 14.41
N ASP C 716 36.68 9.47 14.14
CA ASP C 716 36.82 10.66 14.98
C ASP C 716 35.48 11.35 15.01
N HIS C 717 35.29 12.26 15.96
CA HIS C 717 34.01 12.96 16.07
C HIS C 717 33.66 13.70 14.78
N MET C 718 32.41 13.57 14.36
CA MET C 718 31.90 14.30 13.21
C MET C 718 30.91 15.34 13.72
N ILE C 719 31.44 16.45 14.23
CA ILE C 719 30.61 17.43 14.94
C ILE C 719 30.52 18.78 14.24
N LYS C 720 30.73 18.79 12.93
CA LYS C 720 30.59 20.01 12.13
C LYS C 720 29.88 19.73 10.82
N TYR D 1 -2.48 -2.06 24.10
CA TYR D 1 -3.79 -1.59 24.54
C TYR D 1 -4.70 -2.78 24.85
N PRO D 2 -5.69 -2.57 25.73
CA PRO D 2 -6.56 -3.69 26.13
C PRO D 2 -7.28 -4.31 24.94
N GLY D 3 -7.11 -5.60 24.73
CA GLY D 3 -7.71 -6.29 23.59
C GLY D 3 -6.76 -6.34 22.40
N GLY D 4 -5.58 -5.75 22.57
CA GLY D 4 -4.60 -5.69 21.51
C GLY D 4 -3.20 -5.73 22.07
N SER D 5 -2.30 -4.98 21.44
CA SER D 5 -0.93 -4.90 21.93
C SER D 5 -0.32 -3.54 21.61
N THR D 6 0.52 -3.09 22.52
CA THR D 6 1.25 -1.85 22.32
C THR D 6 2.71 -2.17 22.58
N PRO D 7 3.48 -2.35 21.49
CA PRO D 7 4.92 -2.61 21.59
C PRO D 7 5.64 -1.40 22.13
N VAL D 8 6.67 -1.64 22.94
CA VAL D 8 7.44 -0.55 23.54
C VAL D 8 8.91 -0.87 23.42
N SER D 9 9.76 0.11 23.70
CA SER D 9 11.20 -0.13 23.74
C SER D 9 11.50 -0.93 25.00
N SER D 10 12.26 -2.02 24.88
CA SER D 10 12.53 -2.83 26.07
C SER D 10 13.88 -3.54 26.04
N ALA D 11 14.37 -3.88 27.23
CA ALA D 11 15.72 -4.42 27.38
C ALA D 11 15.81 -5.84 26.83
N ASN D 12 16.99 -6.21 26.35
CA ASN D 12 17.23 -7.60 26.00
C ASN D 12 17.55 -8.44 27.25
N MET D 13 17.30 -9.74 27.17
CA MET D 13 17.53 -10.61 28.31
C MET D 13 19.02 -10.73 28.61
N MET D 14 19.36 -10.94 29.88
CA MET D 14 20.77 -11.12 30.27
C MET D 14 20.92 -12.19 31.35
#